data_6PPF
#
_entry.id   6PPF
#
loop_
_entity.id
_entity.type
_entity.pdbx_description
1 polymer '23S rRNA'
2 polymer '5S rRNA'
3 polymer '50S ribosomal protein L2'
4 polymer '50S ribosomal protein L3'
5 polymer '50S ribosomal protein L4'
6 polymer '50S ribosomal protein L13'
7 polymer '50S ribosomal protein L14'
8 polymer '50S ribosomal protein L15'
9 polymer '50S ribosomal protein L17'
10 polymer '50S ribosomal protein L18'
11 polymer '50S ribosomal protein L19'
12 polymer '50S ribosomal protein L20'
13 polymer '50S ribosomal protein L21'
14 polymer '50S ribosomal protein L22'
15 polymer '50S ribosomal protein L23'
16 polymer '50S ribosomal protein L24'
17 polymer '50S ribosomal protein L27'
18 polymer '50S ribosomal protein L30'
19 polymer '50S ribosomal protein L32'
20 polymer '50S ribosomal protein L29'
21 polymer '50S ribosomal protein L34'
22 water water
#
loop_
_entity_poly.entity_id
_entity_poly.type
_entity_poly.pdbx_seq_one_letter_code
_entity_poly.pdbx_strand_id
1 'polyribonucleotide'
;GGUUAAGUUAGAAAGGGCGCACGGUGGAUGCCUUGGCACUAGGAGCCGAUGAAGGACGGGACGAACACCGAUAUGCUUCG
GGGAGCUGUAAGCAAGCUUUGAUCCGGAGAUUUCCGAAUGGGGAAACCCACCACUCGUAAUGGAGUGGUAUCCAUAUCUG
AAUUCAUAGGAUAUGAGAAGGCAGACCCGGGGAACUGAAACAUCUAAGUACCCGGAGGAAGAGAAAGCAAAUGCGAUUCC
CUGAGUAGCGGCGAGCGAAACGGGAUCAGCCCAAACCAAGAGGCUUGCCUCUUGGGGUUGUAGGACACUCUGUACGGAGU
UACAAAGGAACGAGGUAGAUGAAGAGGUCUGGAAAGGCCCGCCAUAGGAGGUAACAGCCCUGUAGUCAAAACUUCGUUCU
CUCCUGAGUGGAUCCUGAGUACGGCGGAACACGUGAAAUUCCGUCGGAAUCCGGGAGGACCAUCUCCCAAGGCUAAAUAC
UCCCUAGUGACCGAUAGUGAACCAGUACCGUGAGGGAAAGGUGAAAAGCACCCCGGAAGGGGAGUGAAAGAGAUCCUGAA
ACCGUGUGCCUACAAGUAGUCAGAGCCCGUUAACGGGUGAUGGCGUGCCUUUUGUAGAAUGAACCGGCGAGUUACGAUCU
CGUGCAAGGUUAAGCAGAAGAUGCGGAGCCGCAGCGAAAGCGAGUCUGAAUAGGGCGCAUGAGUACGUGGUCGUAGACCC
GAAACCAGGUGAUCUACCCAUGUCCAGGGUGAAGUUCAGGUAACACUGAAUGGAGGCCCGAACCCACGCACGUUGAAAAG
UGCGGGGAUGAGGUGUGGGUAGGGGUGAAAUGCCAAUCGAACCUGGAGAUAGCUGGUUCUCUCCGAAAUAGCUUUAGGGC
UAGCCUCAAGGUAAGAGUCUUGGAGGUAGAGCACUGAUUGGACUAGGGGCCCCUACCGGGUUACCGAAUUCAGUCAAACU
CCGAAUGCCAAUGACUUAUCCUUGGGAGUCAGACUGCGAGUGAUAAGAUCCGUAGUCGAAAGGGAAACAGCCCAGACCGC
CAGCUAAGGUCCCAAAGUAUACGUUAAGUGGAAAAGGAUGUGGAGUUGCUUAGACAACCAGGAUGUUGGCUUAGAAGCAG
CCACCAUUUAAAGAGUGCGUAAUAGCUCACUGGUCGAGUGACUCUGCGCCGAAAAUGUACCGGGGCUAAACGUAUCACCG
AAGCUGCGGACUGUUCUUCGAACAGUGGUAGGAGAGCGUUCUAAGGGCUGUGAAGCCAGACCGGAAGGACUGGUGGAGCG
CUUAGAAGUGAGAAUGCCGGUAUGAGUAGCGAAAGAGGGGUGAGAAUCCCCUCCACCGAAUGCCUAAGGUUUCCUGAGGA
AGGCUCGUCCGCUCAGGGUUAGUCGGGACCUAAGCCGAGGCCGAAAGGCGUAGGCGAUGGACAACAGGUUGAUAUUCCUG
UACCACCUCCUCACCAUUUGAGCAAUGGGGGGACGCAGGAGGAUAGGGUAAGCGCGGUAUUGGAUAUCCGCGUCCAAGCA
GUUAGGCUGGGAAAUAGGCAAAUCCGUUUCCCAUAAGGCUGAGCUGUGAUGGCGAGCGAAAUAUAGUAGCGAAGUUCCUG
AUUCCACACUGCCAAGAAAAGCCUCUAGCGAGGUGAGAGGUGCCCGUACCGCAAACCGACACAGGUAGGCGAGGAGAGAA
UCCUAAGGUGAUCGAGAGAACUCUCGUUAAGGAACUCGGCAAAAUGACCCCGUAACUUCGGGAGAAGGGGUGCUCUGUUA
GGGUGCAAGCCCGAGAGAGCCGCAGUGAAUAGGCCCAGGCGACUGUUUAGCAAAAACACAGGUCUCUGCGAAGCCGUAAG
GCGAAGUAUAGGGGCUGACGCCUGCCCGGUGCUGGAAGGUUAAGAGGAGCGCUUAGCGUAAGCGAAGGUGCGAAUUGAAG
CCCCAGUAAACGGCGGCCGUAACUAUAACGGUCCUAAGGUAGCGAAAUUCCUUGUCGGGUAAGUUCCGACCCGCACGAAA
GGCGCAACGAUCUGGGCACUGUCUCAACGAGAGACUCGGUGAAAUUAUAGUACCUGUGAAGAUGCAGGUUACCCGCGACA
GGACGGAAAGACCCCGUGGAGCUUUACUGCAGCCUGAUAUUGAAUGUUGGUACAGCUUGUACAGGAUAGGUAGGAGCCUU
GGAAACCGGAGCGCCAGCUUCGGUGGAGGCAUCGGUGGGAUACUACCCUGGCUGUAUUGACCUUCUAACCCGCCGCCCUU
AUCGGGCGGGGAGACAGUGUCAGGUGGGCAGUUUGACUGGGGCGGUCGCCUCCUAAAAGGUAACGGAGGCGCCCAAAGGU
UCCCUCAGAAUGGUUGGAAAUCAUUCGCAGAGUGUAAAGGCACAAGGGAGCUUGACUGCGAGACCUACAAGUCGAGCAGG
GACGAAAGUCGGGCUUAGUGAUCCGGUGGUUCCGCAUGGAAGGGCCAUCGCUCAACGGAUAAAAGCUACCCCGGGGAUAA
CAGGCUUAUCUCCCCCAAGAGUCCACAUCGACGGGGAGGUUUGGCACCUCGAUGUCGGCUCAUCGCAUCCUGGGGCUGUA
GUCGGUCCCAAGGGUUGGGCUGUUCGCCCAUUAAAGCGGUACGCGAGCUGGGUUCAGAACGUCGUGAGACAGUUCGGUCC
CUAUCCGUCGCGGGCGCAGGAAAUUUGAGAGGAGCUGUCCUUAGUACGAGAGGACCGGGAUGGACGCACCGCUGGUGUAC
CAGUUGUUCUGCCAAGGGCAUCGCUGGGUAGCUAUGUGCGGACGGGAUAAGUGCUGAAAGCAUCUAAGCAUGAAGCCCCC
CUCAAGAUGAGAUUUCCCAUUCCGCAAGGAAGUAAGAUCCCUGAAAGAUGAUCAGGUUGAUAGGUCUGAGGUGGAAGUGU
GGCGACACAUGGAGCUGACAGAUACUAAUCGAUCGAGGACUUAACCA
;
A
2 'polyribonucleotide'
;UUUGGUGGCGAUAGCGAAGAGGUCACACCCGUUCCCAUACCGAACACGGAAGUUAAGCUCUUCAGCGCCGAUGGUAGUCG
GGGGUUUCCCCCUGUGAGAGUAGGACGCCGCCAAGCAAG
;
B
3 'polypeptide(L)'
;MAIKKYKPTSNGRRGMTTSDFAEITTDKPEKSLLAPLHKKGGRNNQGKLTVRHQGGGHKRQYRVIDFKRDKDGIPGRVAT
VEYDPNRSANIALINYADGEKRYILAPKGIQVGTEIMSGPEADIKVGNALPLINIPVGTVVHNIELKPGKGGQLVRSAGT
SAQVLGKEGKYVLVRLNSGEVRMILSACRASIGQVGNEQHELINIGKAGRSRWKGIRPTVRGSVMNPNDHPHGGGEGRAP
IGRKSPMSPWGKPTLGFKTRKKKNKSDKFIVRRRKNK
;
C
4 'polypeptide(L)'
;MTKGILGRKIGMTQVFAENGDLIPVTVIEAAPNVVLQKKTAENDGYEAIQLGFDDKREKLSNKPEKGHVAKAETAPKRFV
KELRGVEMDAYEVGQEVKVEIFSAGEIVDVTGVSKGKGFQGAIKRHGQSRGPMSHGSRYHRRPGSMGPVDPNRVFKGKLL
PGRMGGEQITVQNLEIVKVDAERNLLLIKGNVPGAKKSLITVKSAVKSK
;
D
5 'polypeptide(L)'
;MPKVALYNQNGSTAGDIELNASVFGIEPNESVVFDAILMQRASLRQGTHKVKNRSEVRGGGRKPWRQKGTGRARQGSIRS
PQWRGGGVVFGPTPRSYSYKLPKKVRRLAIKSVLSSKVIDNNIIVLEDLTLDTAKTKEMAAILKGLSVEKKALIVTADAN
EAVALSARNIPGVTVVEANGINVLDVVNHEKLLITKAAVEKVEEVLA
;
E
6 'polypeptide(L)'
;MRTTPMANASTIERKWLVVDAAGKTLGRLSSEVAAILRGKHKPTYTPHVDTGDHVIIINAEKIELTGKKLTDKIYYRHTQ
HPGGLKSRTALEMRTNYPEKMLELAIKGMLPKGSLGRQMFKKLNVYRGSEHPHEAQKPEVYELRG
;
J
7 'polypeptide(L)'
;MIQQETRLKVADNSGAREVLTIKVLGGSGRKTANIGDVIVCTVKQATPGGVVKKGEVVKAVIVRTKSGARRSDGSYISFD
ENACVIIRDDKSPRGTRIFGPVARELRENNFMKIVSLAPEVI
;
K
8 'polypeptide(L)'
;MKLHELKPSEGSRKTRNRVGRGIGSGNGKTAGKGHKGQNARSGGGVRPGFEGGQMPLFQRLPKRGFTNINRKEYAVVNLD
KLNGFAEGTEVTPELLLETGVISKLNAGVKILGNGKLEKKLTVKANKFSASAKEAVEAAGGTAEV
;
L
9 'polypeptide(L)'
;MSYRKLGRTSAQRKAMLRDLTTDLIINERIETTETRAKELRSVVEKMITLGKRGDLHARRQAAAYIRNEVANEENNQDAL
QKLFSDIATRYEERQGGYTRIMKLGPRRGDGAPMAIIELV
;
N
10 'polypeptide(L)'
;MITKTSKNAARLKRHARVRAKLSGTAERPRLNVFRSNKHIYAQIIDDVNGVTLASASTLDKDLNVESTGDTSAATKVGEL
VAKRAAEKGISDVVFDRGGYLYHGRVKALADAAREAGLKF
;
O
11 'polypeptide(L)'
;MQKLIEDITKEQLRTDLPAFRPGDTLRVHVKVVEGNRERIQIFEGVVIKRRGGGISETFTVRKISYGVGVERTFPVHTPK
IAKIEVVRYGKVRRAKLYYLRELRGKAARIKEIRR
;
P
12 'polypeptide(L)'
;PRVKGGTVTRKRRKKVLKLAKGYFGSKHTLYKVANQQVMKSGNYAFRDRRQKKRDFRKLWITRINAAARMNGLSYSRLMH
GLKLSGIEVNRKMLADLAVNDLTAFNQLADAAKAQLNK
;
Q
13 'polypeptide(L)'
;MYAIIKTGGKQIKVEEGQTVYIEKLAAEAGETVTFEDVLFVGGDNVKVGNPTVEGATVTAKVEKQGRAKKITVFRYKPKK
NVHKKQGHRQPYTKVTIEKINA
;
R
14 'polypeptide(L)'
;MQAKAVARTVRIAPRKARLVMDLIRGKQVGEAVSILNLTPRAASPIIEKVLKSAIANAEHNYEMDANNLVISQAFVDEGP
TLKRFRPRAMGRASQINKRTSHITIVVSEKKEG
;
S
15 'polypeptide(L)'
;MKDPRDVLKRPVITERSADLMTEKKYTFEVDVRANKTEVKDAVESIFGVKVDKVNIMNYKGKSKRVGRYTGMTSRRRKAI
VKLTADSKEIEIFEA
;
T
16 'polypeptide(L)'
;MHVKKGDKVMVISGKDKGKQGTILAAFPKKDRVLVEGVNMVKKHSKPTQANPQGGISNQEAPIHVSNVMPLDPKTGEVTR
VGYKVEDGKKVRVAKKSGQVLDK
;
U
17 'polypeptide(L)'
;MLRLDLQFFASKKGVGSTKNGRDSEAKRLGAKRADGQFVTGGSILYRQRGTKIYPGENVGRGGDDTLFAKIDGTVKFERF
GRDRKKVSVYPVAQ
;
V
18 'polypeptide(L)' MAKLEITLKRSVIGRPEDQRVTVRTLGLKKTNQTVVHEDNAAIRGMINKVSHLVSVKEQ Z
19 'polypeptide(L)' MAVPFRRTSKMKKRLRRTHFKLNVPGMTECPSCGEMKLSHRVCKACGSYNGKDINVKSN b
20 'polypeptide(L)' MKANEIRDLTTAEIEQKVKSLKEELFNLRFQLATGQLENTARIREVRKAIARMKTVIREREIAANK Y
21 'polypeptide(L)' MKRTFQPNNRKRSKVHGFRSRMSSKNGRLVLARRRRKGRKVLSA d
#
loop_
_chem_comp.id
_chem_comp.type
_chem_comp.name
_chem_comp.formula
A RNA linking ADENOSINE-5'-MONOPHOSPHATE 'C10 H14 N5 O7 P'
C RNA linking CYTIDINE-5'-MONOPHOSPHATE 'C9 H14 N3 O8 P'
G RNA linking GUANOSINE-5'-MONOPHOSPHATE 'C10 H14 N5 O8 P'
U RNA linking URIDINE-5'-MONOPHOSPHATE 'C9 H13 N2 O9 P'
#
# COMPACT_ATOMS: atom_id res chain seq x y z
N ALA C 2 -26.64 14.67 -78.66
CA ALA C 2 -27.47 15.75 -78.16
C ALA C 2 -27.45 15.79 -76.64
N ILE C 3 -28.51 16.33 -76.05
CA ILE C 3 -28.61 16.43 -74.60
C ILE C 3 -30.00 16.05 -74.13
N LYS C 4 -30.13 14.88 -73.51
CA LYS C 4 -31.41 14.41 -73.00
C LYS C 4 -31.61 14.79 -71.54
N LYS C 5 -32.85 15.09 -71.19
CA LYS C 5 -33.17 15.47 -69.81
C LYS C 5 -33.77 14.30 -69.05
N TYR C 6 -33.18 13.99 -67.89
CA TYR C 6 -33.64 12.89 -67.07
C TYR C 6 -34.82 13.30 -66.19
N LYS C 7 -35.83 12.45 -66.12
CA LYS C 7 -37.01 12.73 -65.32
C LYS C 7 -36.67 12.78 -63.84
N PRO C 8 -36.99 13.91 -63.19
CA PRO C 8 -36.70 14.11 -61.75
C PRO C 8 -37.53 13.16 -60.89
N THR C 9 -37.18 11.88 -60.90
CA THR C 9 -37.90 10.88 -60.12
C THR C 9 -37.49 10.96 -58.66
N SER C 10 -36.22 10.69 -58.37
CA SER C 10 -35.68 10.78 -57.03
C SER C 10 -34.91 12.09 -56.91
N ASN C 11 -34.21 12.24 -55.80
CA ASN C 11 -33.42 13.44 -55.56
C ASN C 11 -32.07 13.40 -56.27
N GLY C 12 -31.60 12.20 -56.56
CA GLY C 12 -30.33 12.02 -57.25
C GLY C 12 -30.34 12.61 -58.64
N ARG C 13 -31.40 12.33 -59.39
CA ARG C 13 -31.53 12.84 -60.75
C ARG C 13 -32.38 14.11 -60.78
N ARG C 14 -32.03 15.07 -59.93
CA ARG C 14 -32.76 16.33 -59.86
C ARG C 14 -32.66 17.10 -61.17
N GLY C 15 -31.44 17.34 -61.62
CA GLY C 15 -31.21 18.06 -62.86
C GLY C 15 -30.00 17.55 -63.61
N MET C 16 -29.67 16.27 -63.40
CA MET C 16 -28.53 15.65 -64.07
C MET C 16 -28.81 15.40 -65.54
N THR C 17 -27.87 15.78 -66.39
CA THR C 17 -28.02 15.60 -67.83
C THR C 17 -26.76 14.98 -68.45
N THR C 18 -26.94 14.31 -69.59
CA THR C 18 -25.82 13.67 -70.28
C THR C 18 -26.03 13.69 -71.78
N SER C 19 -25.02 13.23 -72.53
CA SER C 19 -25.10 13.18 -73.98
C SER C 19 -25.96 12.00 -74.44
N ASP C 20 -26.39 12.04 -75.69
CA ASP C 20 -27.22 10.98 -76.25
C ASP C 20 -26.40 9.84 -76.83
N PHE C 21 -25.12 10.09 -77.14
CA PHE C 21 -24.28 9.23 -77.98
C PHE C 21 -24.99 8.89 -79.29
N ALA C 22 -25.48 9.94 -79.96
CA ALA C 22 -26.26 9.74 -81.17
C ALA C 22 -25.41 9.41 -82.39
N GLU C 23 -24.08 9.44 -82.26
CA GLU C 23 -23.20 9.24 -83.40
C GLU C 23 -22.35 7.98 -83.28
N ILE C 24 -22.27 7.39 -82.10
CA ILE C 24 -21.56 6.13 -81.95
C ILE C 24 -22.41 5.04 -82.57
N THR C 25 -21.84 4.34 -83.56
CA THR C 25 -22.58 3.33 -84.29
C THR C 25 -22.29 1.92 -83.78
N THR C 26 -21.02 1.50 -83.80
CA THR C 26 -20.64 0.17 -83.35
C THR C 26 -20.21 0.25 -81.90
N ASP C 27 -20.59 -0.77 -81.12
CA ASP C 27 -20.32 -0.79 -79.70
C ASP C 27 -19.23 -1.77 -79.31
N LYS C 28 -18.88 -2.70 -80.19
CA LYS C 28 -17.76 -3.59 -79.94
C LYS C 28 -16.52 -3.01 -80.62
N PRO C 29 -15.50 -2.61 -79.86
CA PRO C 29 -14.30 -2.06 -80.47
C PRO C 29 -13.43 -3.16 -81.09
N GLU C 30 -12.45 -2.71 -81.86
CA GLU C 30 -11.52 -3.64 -82.49
C GLU C 30 -10.61 -4.27 -81.44
N LYS C 31 -10.21 -5.52 -81.70
CA LYS C 31 -9.49 -6.27 -80.70
C LYS C 31 -7.98 -6.02 -80.71
N SER C 32 -7.37 -5.92 -81.88
CA SER C 32 -5.92 -5.85 -81.94
C SER C 32 -5.36 -4.45 -81.69
N LEU C 33 -6.21 -3.47 -81.40
CA LEU C 33 -5.77 -2.10 -81.21
C LEU C 33 -5.99 -1.59 -79.80
N LEU C 34 -5.98 -2.48 -78.81
CA LEU C 34 -6.13 -2.04 -77.43
C LEU C 34 -4.84 -2.26 -76.67
N ALA C 35 -4.81 -1.83 -75.42
CA ALA C 35 -3.62 -1.93 -74.60
C ALA C 35 -4.04 -1.90 -73.15
N PRO C 36 -3.30 -2.54 -72.25
CA PRO C 36 -3.64 -2.45 -70.83
C PRO C 36 -3.33 -1.07 -70.29
N LEU C 37 -4.16 -0.64 -69.33
CA LEU C 37 -4.02 0.69 -68.73
C LEU C 37 -4.29 0.57 -67.24
N HIS C 38 -3.23 0.37 -66.47
CA HIS C 38 -3.34 0.35 -65.02
C HIS C 38 -3.50 1.77 -64.53
N LYS C 39 -4.52 1.99 -63.70
CA LYS C 39 -4.63 3.27 -63.03
C LYS C 39 -3.51 3.42 -62.02
N LYS C 40 -3.15 4.66 -61.72
CA LYS C 40 -2.08 4.91 -60.78
C LYS C 40 -2.53 5.66 -59.54
N GLY C 41 -3.75 6.20 -59.54
CA GLY C 41 -4.29 6.86 -58.37
C GLY C 41 -3.61 8.15 -58.00
N GLY C 42 -2.89 8.76 -58.94
CA GLY C 42 -2.15 9.97 -58.64
C GLY C 42 -0.99 9.71 -57.71
N ARG C 43 -0.23 8.64 -57.93
CA ARG C 43 0.86 8.30 -57.05
C ARG C 43 2.14 8.09 -57.84
N ASN C 44 3.26 8.34 -57.19
CA ASN C 44 4.55 8.55 -57.83
C ASN C 44 5.18 7.20 -58.18
N ASN C 45 6.45 7.21 -58.56
CA ASN C 45 7.21 5.97 -58.56
C ASN C 45 7.85 5.69 -57.21
N GLN C 46 7.67 6.59 -56.26
CA GLN C 46 8.02 6.32 -54.88
C GLN C 46 6.82 5.98 -54.04
N GLY C 47 5.61 6.14 -54.57
CA GLY C 47 4.40 5.74 -53.89
C GLY C 47 3.61 6.87 -53.29
N LYS C 48 4.25 8.00 -53.01
CA LYS C 48 3.60 9.09 -52.29
C LYS C 48 2.61 9.81 -53.19
N LEU C 49 1.56 10.32 -52.57
CA LEU C 49 0.47 10.95 -53.30
C LEU C 49 0.86 12.38 -53.65
N THR C 50 1.31 12.58 -54.89
CA THR C 50 1.67 13.92 -55.33
C THR C 50 0.46 14.70 -55.80
N VAL C 51 -0.21 14.23 -56.84
CA VAL C 51 -1.41 14.89 -57.35
C VAL C 51 -2.59 14.43 -56.51
N ARG C 52 -3.14 15.34 -55.72
CA ARG C 52 -4.28 14.99 -54.89
C ARG C 52 -5.53 14.83 -55.74
N HIS C 53 -6.53 14.20 -55.14
CA HIS C 53 -7.86 13.87 -55.71
C HIS C 53 -7.79 13.32 -57.13
N GLN C 54 -7.16 12.16 -57.25
CA GLN C 54 -7.15 11.39 -58.48
C GLN C 54 -7.28 9.92 -58.15
N GLY C 55 -7.98 9.19 -59.01
CA GLY C 55 -8.11 7.76 -58.87
C GLY C 55 -9.47 7.36 -58.30
N GLY C 56 -9.69 6.05 -58.30
CA GLY C 56 -10.91 5.49 -57.77
C GLY C 56 -11.99 5.20 -58.80
N GLY C 57 -11.78 5.59 -60.06
CA GLY C 57 -12.81 5.45 -61.06
C GLY C 57 -12.92 4.04 -61.61
N HIS C 58 -13.81 3.89 -62.58
CA HIS C 58 -14.05 2.63 -63.24
C HIS C 58 -12.87 2.28 -64.14
N LYS C 59 -12.70 0.99 -64.41
CA LYS C 59 -11.57 0.52 -65.21
C LYS C 59 -11.79 0.86 -66.68
N ARG C 60 -10.71 1.29 -67.35
CA ARG C 60 -10.74 1.58 -68.77
C ARG C 60 -9.67 0.77 -69.48
N GLN C 61 -9.73 0.79 -70.81
CA GLN C 61 -8.75 0.09 -71.64
C GLN C 61 -8.32 1.04 -72.74
N TYR C 62 -7.02 1.28 -72.82
CA TYR C 62 -6.48 2.37 -73.62
C TYR C 62 -6.48 2.00 -75.10
N ARG C 63 -7.14 2.81 -75.91
CA ARG C 63 -7.19 2.59 -77.35
C ARG C 63 -6.04 3.39 -77.95
N VAL C 64 -5.22 2.74 -78.76
CA VAL C 64 -4.05 3.41 -79.34
C VAL C 64 -4.49 4.21 -80.57
N ILE C 65 -4.30 5.52 -80.49
CA ILE C 65 -4.52 6.43 -81.61
C ILE C 65 -3.18 7.02 -81.98
N ASP C 66 -2.87 7.06 -83.27
CA ASP C 66 -1.70 7.79 -83.72
C ASP C 66 -2.09 9.19 -84.15
N PHE C 67 -1.43 10.17 -83.56
CA PHE C 67 -1.61 11.56 -83.95
C PHE C 67 -0.52 12.03 -84.89
N LYS C 68 0.09 11.09 -85.62
CA LYS C 68 1.01 11.41 -86.68
C LYS C 68 0.30 11.55 -88.02
N ARG C 69 -0.61 10.63 -88.32
CA ARG C 69 -1.27 10.47 -89.62
C ARG C 69 -0.23 10.41 -90.73
N ASP C 70 0.80 9.59 -90.50
CA ASP C 70 2.05 9.71 -91.25
C ASP C 70 1.93 9.12 -92.64
N LYS C 71 1.26 7.99 -92.79
CA LYS C 71 1.22 7.32 -94.09
C LYS C 71 0.30 8.06 -95.04
N ASP C 72 0.62 7.98 -96.33
CA ASP C 72 0.07 8.90 -97.30
C ASP C 72 0.12 8.26 -98.67
N GLY C 73 -0.67 8.82 -99.59
CA GLY C 73 -0.84 8.20 -100.88
C GLY C 73 -1.84 7.07 -100.91
N ILE C 74 -2.56 6.84 -99.82
CA ILE C 74 -3.57 5.79 -99.72
C ILE C 74 -4.88 6.44 -99.38
N PRO C 75 -5.94 6.22 -100.15
CA PRO C 75 -7.26 6.71 -99.74
C PRO C 75 -7.78 5.91 -98.57
N GLY C 76 -8.54 6.57 -97.72
CA GLY C 76 -9.05 5.97 -96.50
C GLY C 76 -10.56 6.09 -96.40
N ARG C 77 -11.17 5.08 -95.79
CA ARG C 77 -12.60 5.09 -95.53
C ARG C 77 -12.83 4.83 -94.05
N VAL C 78 -13.74 5.58 -93.46
CA VAL C 78 -14.02 5.43 -92.04
C VAL C 78 -14.96 4.25 -91.83
N ALA C 79 -14.57 3.34 -90.94
CA ALA C 79 -15.41 2.17 -90.68
C ALA C 79 -16.57 2.53 -89.77
N THR C 80 -16.29 3.11 -88.61
CA THR C 80 -17.33 3.43 -87.64
C THR C 80 -16.81 4.48 -86.68
N VAL C 81 -17.73 5.03 -85.90
CA VAL C 81 -17.43 5.97 -84.83
C VAL C 81 -17.72 5.27 -83.50
N GLU C 82 -16.81 5.41 -82.55
CA GLU C 82 -16.89 4.65 -81.31
C GLU C 82 -16.94 5.59 -80.11
N TYR C 83 -16.87 4.99 -78.92
CA TYR C 83 -16.71 5.73 -77.68
C TYR C 83 -15.27 5.61 -77.23
N ASP C 84 -14.79 6.66 -76.59
CA ASP C 84 -13.47 6.56 -75.97
C ASP C 84 -13.53 7.12 -74.56
N PRO C 85 -13.23 6.30 -73.55
CA PRO C 85 -13.24 6.81 -72.18
C PRO C 85 -12.10 7.78 -71.88
N ASN C 86 -10.93 7.55 -72.47
CA ASN C 86 -9.78 8.41 -72.26
C ASN C 86 -9.99 9.81 -72.84
N ARG C 87 -10.29 9.87 -74.14
CA ARG C 87 -10.51 11.15 -74.80
C ARG C 87 -11.97 11.58 -74.69
N SER C 88 -12.18 12.89 -74.71
CA SER C 88 -13.53 13.45 -74.61
C SER C 88 -14.27 13.33 -75.95
N ALA C 89 -13.52 13.43 -77.04
CA ALA C 89 -14.08 13.33 -78.37
C ALA C 89 -13.96 11.90 -78.88
N ASN C 90 -14.89 11.53 -79.75
CA ASN C 90 -14.99 10.17 -80.21
C ASN C 90 -13.85 9.83 -81.17
N ILE C 91 -13.61 8.54 -81.35
CA ILE C 91 -12.66 8.05 -82.32
C ILE C 91 -13.43 7.56 -83.53
N ALA C 92 -12.84 7.71 -84.70
CA ALA C 92 -13.26 6.99 -85.88
C ALA C 92 -12.27 5.87 -86.17
N LEU C 93 -12.78 4.77 -86.71
CA LEU C 93 -11.96 3.66 -87.16
C LEU C 93 -11.86 3.75 -88.67
N ILE C 94 -10.64 3.71 -89.20
CA ILE C 94 -10.40 3.93 -90.62
C ILE C 94 -9.86 2.68 -91.26
N ASN C 95 -10.52 2.24 -92.33
CA ASN C 95 -10.03 1.16 -93.17
C ASN C 95 -9.20 1.76 -94.29
N TYR C 96 -7.89 1.65 -94.18
CA TYR C 96 -7.01 1.98 -95.27
C TYR C 96 -7.00 0.85 -96.29
N ALA C 97 -7.00 1.22 -97.56
CA ALA C 97 -7.27 0.28 -98.64
C ALA C 97 -6.18 -0.75 -98.86
N ASP C 98 -5.00 -0.59 -98.26
CA ASP C 98 -3.95 -1.57 -98.36
C ASP C 98 -4.13 -2.75 -97.40
N GLY C 99 -5.20 -2.74 -96.62
CA GLY C 99 -5.56 -3.89 -95.82
C GLY C 99 -5.34 -3.75 -94.34
N GLU C 100 -5.11 -2.55 -93.83
CA GLU C 100 -4.90 -2.38 -92.40
C GLU C 100 -5.81 -1.30 -91.84
N LYS C 101 -6.07 -1.38 -90.54
CA LYS C 101 -7.04 -0.56 -89.84
C LYS C 101 -6.33 0.43 -88.93
N ARG C 102 -7.06 1.47 -88.54
CA ARG C 102 -6.43 2.59 -87.85
C ARG C 102 -7.47 3.39 -87.09
N TYR C 103 -7.08 3.86 -85.90
CA TYR C 103 -7.90 4.78 -85.11
C TYR C 103 -7.43 6.22 -85.32
N ILE C 104 -8.41 7.12 -85.48
CA ILE C 104 -8.17 8.53 -85.77
C ILE C 104 -9.22 9.34 -85.03
N LEU C 105 -8.76 10.41 -84.36
CA LEU C 105 -9.66 11.36 -83.70
C LEU C 105 -10.63 11.98 -84.69
N ALA C 106 -11.90 11.97 -84.33
CA ALA C 106 -12.96 12.16 -85.33
C ALA C 106 -13.51 13.57 -85.27
N PRO C 107 -13.32 14.38 -86.31
CA PRO C 107 -13.98 15.69 -86.35
C PRO C 107 -15.45 15.53 -86.67
N LYS C 108 -16.21 16.59 -86.40
CA LYS C 108 -17.65 16.52 -86.54
C LYS C 108 -18.08 16.53 -88.00
N GLY C 109 -19.32 16.15 -88.23
CA GLY C 109 -19.90 16.16 -89.55
C GLY C 109 -19.59 14.96 -90.41
N ILE C 110 -18.62 14.13 -90.04
CA ILE C 110 -18.28 12.98 -90.87
C ILE C 110 -19.32 11.89 -90.69
N GLN C 111 -19.41 11.02 -91.69
CA GLN C 111 -20.41 9.97 -91.75
C GLN C 111 -19.74 8.60 -91.64
N VAL C 112 -20.54 7.57 -91.84
CA VAL C 112 -20.06 6.19 -91.76
C VAL C 112 -19.70 5.75 -93.18
N GLY C 113 -18.45 5.96 -93.56
CA GLY C 113 -17.98 5.47 -94.84
C GLY C 113 -17.74 6.54 -95.90
N THR C 114 -17.20 7.68 -95.50
CA THR C 114 -16.78 8.70 -96.47
C THR C 114 -15.34 8.43 -96.87
N GLU C 115 -14.73 9.43 -97.51
CA GLU C 115 -13.35 9.31 -97.96
C GLU C 115 -12.43 10.15 -97.07
N ILE C 116 -11.14 9.84 -97.08
CA ILE C 116 -10.17 10.58 -96.27
C ILE C 116 -8.77 10.50 -96.85
N MET C 117 -8.07 11.62 -96.86
CA MET C 117 -6.71 11.68 -97.40
C MET C 117 -5.73 12.09 -96.30
N SER C 118 -4.44 11.83 -96.54
CA SER C 118 -3.40 12.16 -95.57
C SER C 118 -2.11 12.58 -96.26
N GLY C 119 -2.18 12.77 -97.57
CA GLY C 119 -1.02 13.18 -98.35
C GLY C 119 -0.86 14.68 -98.42
N PRO C 120 0.37 15.15 -98.64
CA PRO C 120 0.65 16.59 -98.73
C PRO C 120 0.01 17.28 -99.93
N GLU C 121 -0.92 16.64 -100.62
CA GLU C 121 -1.59 17.21 -101.77
C GLU C 121 -3.11 17.03 -101.70
N ALA C 122 -3.63 16.70 -100.54
CA ALA C 122 -5.02 16.29 -100.39
C ALA C 122 -5.97 17.47 -100.51
N ASP C 123 -7.26 17.16 -100.49
CA ASP C 123 -8.34 18.13 -100.58
C ASP C 123 -8.43 18.95 -99.29
N ILE C 124 -9.29 19.97 -99.30
CA ILE C 124 -9.51 20.82 -98.14
C ILE C 124 -10.92 20.49 -97.64
N LYS C 125 -11.32 19.23 -97.84
CA LYS C 125 -12.52 18.71 -97.20
C LYS C 125 -12.23 18.37 -95.74
N VAL C 126 -13.27 17.96 -95.02
CA VAL C 126 -13.14 17.68 -93.60
C VAL C 126 -12.36 16.39 -93.39
N GLY C 127 -11.63 16.31 -92.28
CA GLY C 127 -10.91 15.12 -91.90
C GLY C 127 -9.58 14.90 -92.57
N ASN C 128 -9.30 15.57 -93.68
CA ASN C 128 -8.06 15.35 -94.40
C ASN C 128 -6.89 15.96 -93.64
N ALA C 129 -5.74 15.30 -93.76
CA ALA C 129 -4.52 15.71 -93.05
C ALA C 129 -3.46 16.07 -94.07
N LEU C 130 -2.80 17.21 -93.85
CA LEU C 130 -1.83 17.79 -94.77
C LEU C 130 -0.99 18.84 -94.05
N PRO C 131 0.23 19.11 -94.48
CA PRO C 131 1.07 20.08 -93.77
C PRO C 131 0.56 21.51 -93.91
N LEU C 132 1.21 22.40 -93.16
CA LEU C 132 0.67 23.74 -92.93
C LEU C 132 0.83 24.68 -94.11
N ILE C 133 1.86 24.46 -94.94
CA ILE C 133 2.14 25.38 -96.04
C ILE C 133 1.08 25.30 -97.13
N ASN C 134 0.37 24.17 -97.21
CA ASN C 134 -0.65 23.99 -98.23
C ASN C 134 -2.02 24.52 -97.80
N ILE C 135 -2.11 25.19 -96.66
CA ILE C 135 -3.40 25.59 -96.12
C ILE C 135 -3.69 27.05 -96.47
N PRO C 136 -4.87 27.38 -96.96
CA PRO C 136 -5.24 28.79 -97.10
C PRO C 136 -5.57 29.41 -95.75
N VAL C 137 -5.31 30.71 -95.65
CA VAL C 137 -5.56 31.44 -94.41
C VAL C 137 -7.06 31.67 -94.25
N GLY C 138 -7.63 31.18 -93.16
CA GLY C 138 -9.03 31.41 -92.89
C GLY C 138 -9.84 30.15 -92.62
N THR C 139 -9.18 29.06 -92.28
CA THR C 139 -9.83 27.77 -92.09
C THR C 139 -9.62 27.27 -90.67
N VAL C 140 -10.39 26.24 -90.31
CA VAL C 140 -10.36 25.66 -88.97
C VAL C 140 -9.42 24.46 -88.98
N VAL C 141 -8.61 24.34 -87.94
CA VAL C 141 -7.48 23.42 -87.91
C VAL C 141 -7.35 22.87 -86.49
N HIS C 142 -7.18 21.56 -86.36
CA HIS C 142 -6.88 20.96 -85.07
C HIS C 142 -5.71 19.98 -85.21
N ASN C 143 -5.33 19.39 -84.07
CA ASN C 143 -4.29 18.36 -83.96
C ASN C 143 -2.94 18.87 -84.48
N ILE C 144 -2.59 20.10 -84.12
CA ILE C 144 -1.41 20.75 -84.66
C ILE C 144 -0.16 20.21 -84.00
N GLU C 145 0.87 19.94 -84.79
CA GLU C 145 2.16 19.50 -84.27
C GLU C 145 2.96 20.70 -83.76
N LEU C 146 4.08 20.41 -83.09
CA LEU C 146 5.08 21.43 -82.78
C LEU C 146 6.44 21.12 -83.38
N LYS C 147 6.98 19.93 -83.13
CA LYS C 147 8.16 19.51 -83.86
C LYS C 147 7.76 18.53 -84.95
N PRO C 148 8.34 18.66 -86.14
CA PRO C 148 7.87 17.85 -87.28
C PRO C 148 8.20 16.38 -87.10
N GLY C 149 7.19 15.53 -87.28
CA GLY C 149 7.33 14.11 -87.11
C GLY C 149 6.89 13.57 -85.78
N LYS C 150 6.66 14.44 -84.79
CA LYS C 150 6.32 13.97 -83.46
C LYS C 150 4.86 13.60 -83.29
N GLY C 151 3.95 14.49 -83.65
CA GLY C 151 2.54 14.32 -83.39
C GLY C 151 1.92 15.58 -82.80
N GLY C 152 0.61 15.56 -82.71
CA GLY C 152 -0.10 16.76 -82.33
C GLY C 152 -0.12 16.99 -80.84
N GLN C 153 0.70 17.92 -80.37
CA GLN C 153 0.73 18.31 -78.96
C GLN C 153 -0.29 19.39 -78.66
N LEU C 154 -1.03 19.81 -79.67
CA LEU C 154 -1.92 20.96 -79.59
C LEU C 154 -3.32 20.43 -79.80
N VAL C 155 -4.25 21.32 -80.15
CA VAL C 155 -5.70 21.22 -79.93
C VAL C 155 -6.29 19.87 -80.29
N ARG C 156 -6.84 19.19 -79.27
CA ARG C 156 -7.26 17.79 -79.37
C ARG C 156 -8.54 17.51 -78.57
N SER C 157 -9.23 18.55 -78.13
CA SER C 157 -10.32 18.32 -77.18
C SER C 157 -11.65 18.56 -77.85
N ALA C 158 -12.71 18.13 -77.19
CA ALA C 158 -14.03 18.10 -77.79
C ALA C 158 -14.62 19.49 -77.92
N GLY C 159 -15.07 19.82 -79.12
CA GLY C 159 -15.68 21.11 -79.40
C GLY C 159 -14.72 22.21 -79.75
N THR C 160 -13.42 21.98 -79.59
CA THR C 160 -12.42 23.01 -79.80
C THR C 160 -12.17 23.24 -81.28
N SER C 161 -11.37 24.28 -81.56
CA SER C 161 -11.03 24.68 -82.92
C SER C 161 -9.84 25.64 -82.84
N ALA C 162 -9.17 25.81 -83.98
CA ALA C 162 -8.11 26.80 -84.09
C ALA C 162 -8.03 27.26 -85.53
N GLN C 163 -7.71 28.54 -85.74
CA GLN C 163 -7.72 29.15 -87.05
C GLN C 163 -6.30 29.54 -87.47
N VAL C 164 -6.08 29.53 -88.78
CA VAL C 164 -4.83 29.98 -89.37
C VAL C 164 -4.95 31.45 -89.76
N LEU C 165 -3.94 32.24 -89.39
CA LEU C 165 -3.96 33.67 -89.69
C LEU C 165 -2.55 34.20 -89.95
N GLY C 166 -2.17 34.25 -91.23
CA GLY C 166 -0.86 34.74 -91.61
C GLY C 166 0.06 33.63 -92.07
N LYS C 167 0.53 33.72 -93.31
CA LYS C 167 1.42 32.72 -93.87
C LYS C 167 2.68 33.36 -94.44
N GLU C 168 3.80 33.21 -93.72
CA GLU C 168 5.06 33.79 -94.16
C GLU C 168 6.00 32.71 -94.69
N GLY C 169 7.09 33.13 -95.32
CA GLY C 169 8.06 32.21 -95.88
C GLY C 169 8.65 31.28 -94.83
N LYS C 170 9.00 31.83 -93.68
CA LYS C 170 9.58 31.05 -92.60
C LYS C 170 8.80 30.34 -91.50
N TYR C 171 7.98 31.12 -90.77
CA TYR C 171 7.02 30.57 -89.83
C TYR C 171 5.59 30.93 -90.21
N VAL C 172 4.63 30.21 -89.65
CA VAL C 172 3.22 30.45 -89.93
C VAL C 172 2.46 30.81 -88.66
N LEU C 173 1.84 31.99 -88.66
CA LEU C 173 1.08 32.45 -87.49
C LEU C 173 -0.30 31.81 -87.44
N VAL C 174 -0.70 31.38 -86.25
CA VAL C 174 -2.00 30.74 -86.06
C VAL C 174 -2.52 30.99 -84.65
N ARG C 175 -3.82 31.26 -84.54
CA ARG C 175 -4.45 31.50 -83.25
C ARG C 175 -4.98 30.19 -82.68
N LEU C 176 -4.61 29.90 -81.44
CA LEU C 176 -5.04 28.68 -80.77
C LEU C 176 -6.46 28.86 -80.25
N ASN C 177 -6.92 27.92 -79.43
CA ASN C 177 -8.15 28.18 -78.70
C ASN C 177 -7.85 29.14 -77.56
N SER C 178 -8.90 29.79 -77.08
CA SER C 178 -8.84 30.89 -76.10
C SER C 178 -7.93 32.03 -76.55
N GLY C 179 -7.86 32.24 -77.87
CA GLY C 179 -7.31 33.45 -78.44
C GLY C 179 -5.81 33.64 -78.33
N GLU C 180 -5.07 32.69 -77.79
CA GLU C 180 -3.62 32.81 -77.80
C GLU C 180 -3.10 32.53 -79.21
N VAL C 181 -2.05 33.25 -79.60
CA VAL C 181 -1.57 33.26 -80.97
C VAL C 181 -0.12 32.77 -80.98
N ARG C 182 0.13 31.73 -81.78
CA ARG C 182 1.41 31.03 -81.76
C ARG C 182 2.00 30.99 -83.16
N MET C 183 3.29 31.30 -83.26
CA MET C 183 4.05 31.10 -84.49
C MET C 183 4.43 29.63 -84.57
N ILE C 184 3.83 28.91 -85.51
CA ILE C 184 4.02 27.47 -85.62
C ILE C 184 4.88 27.17 -86.84
N LEU C 185 5.89 26.32 -86.65
CA LEU C 185 6.84 25.98 -87.70
C LEU C 185 6.16 25.35 -88.91
N SER C 186 6.62 25.72 -90.10
CA SER C 186 5.92 25.39 -91.32
C SER C 186 6.13 23.95 -91.76
N ALA C 187 7.11 23.25 -91.20
CA ALA C 187 7.36 21.88 -91.59
C ALA C 187 6.31 20.90 -91.05
N CYS C 188 5.52 21.32 -90.06
CA CYS C 188 4.69 20.41 -89.31
C CYS C 188 3.40 20.08 -90.06
N ARG C 189 2.52 19.33 -89.39
CA ARG C 189 1.26 18.93 -90.00
C ARG C 189 0.06 19.28 -89.12
N ALA C 190 -1.12 19.29 -89.73
CA ALA C 190 -2.36 19.61 -89.03
C ALA C 190 -3.55 19.07 -89.79
N SER C 191 -4.75 19.25 -89.23
CA SER C 191 -5.97 18.79 -89.86
C SER C 191 -7.05 19.87 -89.86
N ILE C 192 -7.94 19.80 -90.86
CA ILE C 192 -9.01 20.78 -90.98
C ILE C 192 -10.30 20.26 -90.33
N GLY C 193 -11.19 21.17 -90.00
CA GLY C 193 -12.45 20.81 -89.37
C GLY C 193 -12.33 20.73 -87.86
N GLN C 194 -13.22 21.43 -87.16
CA GLN C 194 -13.21 21.44 -85.71
C GLN C 194 -13.44 20.03 -85.19
N VAL C 195 -12.99 19.79 -83.96
CA VAL C 195 -13.13 18.47 -83.35
C VAL C 195 -14.58 18.26 -82.99
N GLY C 196 -15.06 17.02 -83.13
CA GLY C 196 -16.43 16.69 -82.85
C GLY C 196 -16.76 16.72 -81.36
N ASN C 197 -17.94 16.15 -81.06
CA ASN C 197 -18.52 16.08 -79.72
C ASN C 197 -18.68 17.49 -79.13
N GLU C 198 -19.55 18.26 -79.79
CA GLU C 198 -19.67 19.68 -79.50
C GLU C 198 -20.31 19.92 -78.14
N GLN C 199 -21.29 19.11 -77.76
CA GLN C 199 -22.11 19.39 -76.58
C GLN C 199 -21.56 18.77 -75.31
N HIS C 200 -20.24 18.63 -75.21
CA HIS C 200 -19.62 18.13 -73.99
C HIS C 200 -19.72 19.12 -72.84
N GLU C 201 -19.96 20.40 -73.12
CA GLU C 201 -19.94 21.41 -72.06
C GLU C 201 -21.24 21.41 -71.27
N LEU C 202 -22.36 21.06 -71.90
CA LEU C 202 -23.66 21.18 -71.26
C LEU C 202 -24.02 19.98 -70.41
N ILE C 203 -23.06 19.14 -70.03
CA ILE C 203 -23.34 17.98 -69.21
C ILE C 203 -23.35 18.41 -67.74
N ASN C 204 -24.48 18.23 -67.09
CA ASN C 204 -24.62 18.44 -65.66
C ASN C 204 -24.55 17.07 -65.00
N ILE C 205 -23.61 16.90 -64.07
CA ILE C 205 -23.32 15.58 -63.52
C ILE C 205 -24.45 15.12 -62.60
N GLY C 206 -24.86 15.97 -61.66
CA GLY C 206 -26.10 15.72 -60.95
C GLY C 206 -26.01 15.13 -59.57
N LYS C 207 -25.14 14.16 -59.35
CA LYS C 207 -25.00 13.55 -58.05
C LYS C 207 -23.53 13.30 -57.77
N ALA C 208 -23.21 13.08 -56.50
CA ALA C 208 -21.82 12.95 -56.09
C ALA C 208 -21.21 11.62 -56.47
N GLY C 209 -21.99 10.70 -57.02
CA GLY C 209 -21.44 9.42 -57.40
C GLY C 209 -20.63 9.49 -58.67
N ARG C 210 -21.15 10.21 -59.67
CA ARG C 210 -20.55 10.17 -61.00
C ARG C 210 -19.18 10.82 -61.05
N SER C 211 -18.92 11.77 -60.16
CA SER C 211 -17.58 12.32 -60.06
C SER C 211 -16.59 11.29 -59.52
N ARG C 212 -17.07 10.30 -58.78
CA ARG C 212 -16.22 9.19 -58.40
C ARG C 212 -16.28 8.05 -59.40
N TRP C 213 -17.26 8.08 -60.29
CA TRP C 213 -17.42 7.04 -61.30
C TRP C 213 -16.35 7.18 -62.38
N LYS C 214 -15.71 8.34 -62.43
CA LYS C 214 -14.66 8.61 -63.40
C LYS C 214 -13.30 8.70 -62.74
N GLY C 215 -13.30 8.91 -61.43
CA GLY C 215 -12.06 9.02 -60.67
C GLY C 215 -11.81 10.43 -60.16
N ILE C 216 -12.79 10.96 -59.43
CA ILE C 216 -12.68 12.30 -58.87
C ILE C 216 -12.82 12.28 -57.35
N ARG C 217 -11.69 12.21 -56.66
CA ARG C 217 -11.67 12.18 -55.20
C ARG C 217 -12.04 13.53 -54.61
N PRO C 218 -13.07 13.56 -53.76
CA PRO C 218 -13.53 14.79 -53.11
C PRO C 218 -12.42 15.54 -52.40
N THR C 219 -12.42 16.87 -52.50
CA THR C 219 -11.40 17.68 -51.86
C THR C 219 -11.91 18.24 -50.53
N VAL C 220 -11.10 19.08 -49.90
CA VAL C 220 -11.47 19.68 -48.63
C VAL C 220 -11.14 21.18 -48.59
N ARG C 221 -11.96 21.93 -47.86
CA ARG C 221 -11.76 23.36 -47.74
C ARG C 221 -10.43 23.64 -47.05
N GLY C 222 -9.93 24.86 -47.25
CA GLY C 222 -8.59 25.18 -46.80
C GLY C 222 -8.48 25.76 -45.41
N LYS D 3 -64.13 -7.25 34.67
CA LYS D 3 -64.57 -8.59 34.33
C LYS D 3 -63.98 -8.94 32.97
N GLY D 4 -63.42 -10.14 32.87
CA GLY D 4 -62.79 -10.53 31.62
C GLY D 4 -62.38 -11.98 31.57
N ILE D 5 -62.57 -12.61 30.41
CA ILE D 5 -62.18 -13.99 30.21
C ILE D 5 -61.17 -14.04 29.07
N LEU D 6 -60.59 -15.21 28.86
CA LEU D 6 -59.65 -15.41 27.77
C LEU D 6 -59.91 -16.74 27.09
N GLY D 7 -59.85 -16.72 25.77
CA GLY D 7 -60.02 -17.94 24.98
C GLY D 7 -59.48 -17.73 23.59
N ARG D 8 -59.51 -18.80 22.80
CA ARG D 8 -59.00 -18.75 21.44
C ARG D 8 -59.94 -17.99 20.53
N LYS D 9 -59.55 -17.86 19.26
CA LYS D 9 -60.46 -17.40 18.23
C LYS D 9 -60.38 -18.36 17.06
N ILE D 10 -61.41 -18.33 16.22
CA ILE D 10 -61.50 -19.29 15.14
C ILE D 10 -61.43 -18.59 13.79
N GLY D 11 -62.22 -17.54 13.60
CA GLY D 11 -62.13 -16.81 12.36
C GLY D 11 -63.30 -15.89 12.05
N MET D 12 -63.07 -14.89 11.20
CA MET D 12 -64.11 -13.94 10.83
C MET D 12 -65.41 -14.64 10.47
N THR D 13 -66.52 -13.90 10.56
CA THR D 13 -67.83 -14.44 10.25
C THR D 13 -68.72 -13.38 9.62
N GLN D 14 -70.04 -13.54 9.78
CA GLN D 14 -70.99 -12.59 9.22
C GLN D 14 -72.35 -12.69 9.90
N VAL D 15 -72.93 -11.54 10.23
CA VAL D 15 -74.23 -11.51 10.89
C VAL D 15 -74.95 -10.19 10.63
N PHE D 16 -76.29 -10.23 10.67
CA PHE D 16 -77.10 -9.04 10.45
C PHE D 16 -77.70 -8.52 11.75
N ALA D 17 -77.76 -7.21 11.89
CA ALA D 17 -78.32 -6.58 13.07
C ALA D 17 -79.50 -5.68 12.72
N GLU D 18 -80.68 -6.28 12.64
CA GLU D 18 -81.91 -5.55 12.31
C GLU D 18 -81.74 -4.67 11.07
N ASP D 21 -78.06 -4.08 8.26
CA ASP D 21 -76.65 -3.72 8.45
C ASP D 21 -75.75 -4.93 8.27
N LEU D 22 -74.65 -4.73 7.54
CA LEU D 22 -73.69 -5.81 7.30
C LEU D 22 -72.37 -5.54 8.01
N ILE D 23 -72.24 -6.04 9.23
CA ILE D 23 -71.03 -5.86 10.01
C ILE D 23 -70.39 -7.21 10.35
N PRO D 24 -69.16 -7.42 9.85
CA PRO D 24 -68.42 -8.67 10.08
C PRO D 24 -67.98 -8.82 11.54
N VAL D 25 -68.23 -9.99 12.12
CA VAL D 25 -67.85 -10.26 13.50
C VAL D 25 -66.91 -11.47 13.58
N THR D 26 -66.28 -11.64 14.73
CA THR D 26 -65.35 -12.75 14.94
C THR D 26 -65.94 -13.79 15.90
N VAL D 27 -65.50 -15.03 15.75
CA VAL D 27 -65.99 -16.11 16.60
C VAL D 27 -64.86 -16.74 17.42
N ILE D 28 -64.75 -16.34 18.68
CA ILE D 28 -63.72 -16.86 19.56
C ILE D 28 -64.25 -17.96 20.46
N GLU D 29 -63.44 -18.99 20.68
CA GLU D 29 -63.83 -20.11 21.52
C GLU D 29 -63.49 -19.84 22.99
N ALA D 30 -64.50 -19.49 23.77
CA ALA D 30 -64.30 -19.20 25.19
C ALA D 30 -64.43 -20.46 26.04
N ALA D 31 -63.35 -20.83 26.71
CA ALA D 31 -63.33 -22.01 27.56
C ALA D 31 -63.64 -21.66 29.01
N PRO D 32 -64.28 -22.58 29.75
CA PRO D 32 -64.64 -22.38 31.15
C PRO D 32 -63.44 -21.94 31.98
N ASN D 33 -63.27 -20.63 32.16
CA ASN D 33 -62.17 -20.10 32.93
C ASN D 33 -62.17 -20.62 34.36
N VAL D 34 -61.00 -20.95 34.88
CA VAL D 34 -60.86 -21.45 36.25
C VAL D 34 -59.79 -20.69 37.03
N VAL D 35 -60.20 -20.05 38.11
CA VAL D 35 -59.28 -19.29 38.95
C VAL D 35 -58.13 -20.16 39.43
N LEU D 36 -56.91 -19.80 39.03
CA LEU D 36 -55.73 -20.54 39.41
C LEU D 36 -55.26 -20.18 40.83
N GLN D 37 -54.93 -18.91 41.03
CA GLN D 37 -54.47 -18.44 42.34
C GLN D 37 -54.90 -17.00 42.61
N LYS D 38 -54.79 -16.59 43.87
CA LYS D 38 -55.15 -15.25 44.28
C LYS D 38 -53.92 -14.50 44.80
N LYS D 39 -53.74 -13.27 44.35
CA LYS D 39 -52.61 -12.45 44.76
C LYS D 39 -53.02 -11.36 45.75
N THR D 40 -52.54 -11.50 46.99
CA THR D 40 -52.84 -10.53 48.02
C THR D 40 -51.72 -9.51 48.11
N ALA D 41 -52.08 -8.27 48.44
CA ALA D 41 -51.09 -7.20 48.53
C ALA D 41 -50.14 -7.41 49.69
N GLU D 42 -50.59 -8.08 50.76
CA GLU D 42 -49.72 -8.31 51.91
C GLU D 42 -48.63 -9.32 51.61
N ASN D 43 -48.89 -10.27 50.71
CA ASN D 43 -47.93 -11.32 50.41
C ASN D 43 -47.24 -11.15 49.07
N ASP D 44 -47.90 -10.52 48.10
CA ASP D 44 -47.33 -10.34 46.77
C ASP D 44 -47.02 -8.89 46.46
N GLY D 45 -48.00 -8.01 46.58
CA GLY D 45 -47.76 -6.61 46.34
C GLY D 45 -48.86 -5.92 45.57
N TYR D 46 -49.85 -6.68 45.12
CA TYR D 46 -50.94 -6.12 44.35
C TYR D 46 -52.14 -7.05 44.48
N GLU D 47 -53.14 -6.83 43.63
CA GLU D 47 -54.41 -7.54 43.71
C GLU D 47 -54.69 -8.19 42.36
N ALA D 48 -54.46 -9.50 42.26
CA ALA D 48 -54.57 -10.18 40.99
C ALA D 48 -55.11 -11.59 41.16
N ILE D 49 -56.02 -11.96 40.28
CA ILE D 49 -56.37 -13.34 40.09
C ILE D 49 -55.59 -13.85 38.90
N GLN D 50 -55.51 -15.16 38.77
CA GLN D 50 -54.67 -15.79 37.75
C GLN D 50 -55.50 -16.84 37.03
N LEU D 51 -55.85 -16.56 35.79
CA LEU D 51 -56.78 -17.43 35.08
C LEU D 51 -56.07 -18.62 34.45
N GLY D 52 -56.87 -19.55 33.94
CA GLY D 52 -56.36 -20.73 33.27
C GLY D 52 -57.42 -21.24 32.32
N PHE D 53 -56.97 -21.95 31.29
CA PHE D 53 -57.85 -22.20 30.15
C PHE D 53 -57.32 -23.33 29.28
N ASP D 54 -58.25 -24.18 28.81
CA ASP D 54 -58.06 -25.17 27.75
C ASP D 54 -56.99 -26.20 28.13
N ASP D 55 -57.36 -27.09 29.02
CA ASP D 55 -56.45 -28.13 29.50
C ASP D 55 -56.03 -29.07 28.37
N LYS D 56 -55.09 -29.96 28.66
CA LYS D 56 -54.60 -30.91 27.68
C LYS D 56 -53.85 -31.79 28.68
N ARG D 57 -53.24 -32.87 28.18
CA ARG D 57 -52.97 -34.19 28.74
C ARG D 57 -51.88 -34.12 29.82
N GLU D 58 -51.65 -35.25 30.48
CA GLU D 58 -50.65 -35.33 31.53
C GLU D 58 -49.32 -35.86 31.01
N LYS D 59 -49.27 -36.11 29.71
CA LYS D 59 -48.05 -36.62 29.08
C LYS D 59 -47.09 -35.49 28.74
N LEU D 60 -47.65 -34.31 28.45
CA LEU D 60 -46.84 -33.15 28.12
C LEU D 60 -46.42 -32.39 29.36
N SER D 61 -47.40 -32.03 30.19
CA SER D 61 -47.15 -31.29 31.42
C SER D 61 -46.27 -32.11 32.37
N ASN D 62 -45.40 -31.42 33.10
CA ASN D 62 -44.52 -32.07 34.06
C ASN D 62 -44.91 -31.61 35.45
N LYS D 63 -44.29 -32.22 36.47
CA LYS D 63 -44.76 -32.35 37.84
C LYS D 63 -44.93 -31.00 38.54
N PRO D 64 -44.06 -29.99 38.38
CA PRO D 64 -44.38 -28.69 38.98
C PRO D 64 -45.48 -27.90 38.30
N GLU D 65 -46.18 -28.46 37.31
CA GLU D 65 -47.42 -27.85 36.87
C GLU D 65 -48.63 -28.64 37.32
N LYS D 66 -48.44 -29.81 37.92
CA LYS D 66 -49.56 -30.47 38.57
C LYS D 66 -49.86 -29.82 39.91
N GLY D 67 -48.86 -29.80 40.80
CA GLY D 67 -49.06 -29.31 42.16
C GLY D 67 -49.37 -27.84 42.24
N HIS D 68 -49.00 -27.05 41.23
CA HIS D 68 -49.43 -25.67 41.20
C HIS D 68 -50.91 -25.57 40.88
N VAL D 69 -51.43 -26.49 40.07
CA VAL D 69 -52.86 -26.44 39.72
C VAL D 69 -53.66 -27.44 40.54
N ALA D 70 -53.01 -28.32 41.30
CA ALA D 70 -53.75 -29.30 42.09
C ALA D 70 -54.49 -28.69 43.27
N LYS D 71 -54.19 -27.44 43.65
CA LYS D 71 -54.91 -26.80 44.74
C LYS D 71 -56.32 -26.43 44.32
N ALA D 72 -56.56 -26.24 43.03
CA ALA D 72 -57.89 -26.02 42.51
C ALA D 72 -58.56 -27.30 42.06
N GLU D 73 -57.91 -28.45 42.27
CA GLU D 73 -58.40 -29.81 41.98
C GLU D 73 -58.84 -29.95 40.53
N THR D 74 -57.91 -29.63 39.61
CA THR D 74 -58.25 -29.49 38.21
C THR D 74 -57.10 -30.06 37.37
N ALA D 75 -57.45 -30.58 36.20
CA ALA D 75 -56.45 -31.04 35.23
C ALA D 75 -55.58 -29.87 34.78
N PRO D 76 -54.31 -30.12 34.45
CA PRO D 76 -53.38 -29.01 34.15
C PRO D 76 -53.74 -28.28 32.88
N LYS D 77 -53.67 -26.96 32.94
CA LYS D 77 -54.09 -26.07 31.87
C LYS D 77 -52.91 -25.72 30.98
N ARG D 78 -53.24 -25.28 29.77
CA ARG D 78 -52.19 -24.90 28.83
C ARG D 78 -51.87 -23.42 28.92
N PHE D 79 -52.88 -22.57 28.91
CA PHE D 79 -52.69 -21.14 28.94
C PHE D 79 -52.99 -20.60 30.34
N VAL D 80 -52.11 -19.74 30.84
CA VAL D 80 -52.25 -19.13 32.15
C VAL D 80 -51.92 -17.64 32.00
N LYS D 81 -52.85 -16.78 32.38
CA LYS D 81 -52.65 -15.35 32.15
C LYS D 81 -53.48 -14.56 33.16
N GLU D 82 -52.85 -13.58 33.82
CA GLU D 82 -53.55 -12.77 34.80
C GLU D 82 -54.14 -11.50 34.19
N LEU D 83 -54.88 -10.75 35.00
CA LEU D 83 -55.49 -9.51 34.54
C LEU D 83 -55.82 -8.59 35.71
N ARG D 84 -55.02 -7.54 35.87
CA ARG D 84 -55.23 -6.58 36.95
C ARG D 84 -56.42 -5.67 36.67
N GLY D 85 -57.56 -6.28 36.35
CA GLY D 85 -58.76 -5.52 36.06
C GLY D 85 -60.01 -6.17 36.64
N VAL D 86 -59.87 -6.76 37.83
CA VAL D 86 -60.99 -7.42 38.48
C VAL D 86 -61.32 -6.79 39.84
N GLU D 87 -62.52 -7.05 40.32
CA GLU D 87 -62.97 -6.50 41.59
C GLU D 87 -62.35 -7.26 42.77
N MET D 88 -62.43 -6.65 43.95
CA MET D 88 -61.87 -7.27 45.15
C MET D 88 -62.56 -8.58 45.49
N ASP D 89 -61.76 -9.58 45.87
CA ASP D 89 -62.26 -10.91 46.22
C ASP D 89 -63.23 -11.46 45.17
N ALA D 90 -64.33 -12.02 45.64
CA ALA D 90 -65.36 -12.61 44.77
C ALA D 90 -64.76 -13.57 43.74
N TYR D 91 -63.92 -14.49 44.20
CA TYR D 91 -63.29 -15.46 43.33
C TYR D 91 -62.78 -16.66 44.11
N GLU D 92 -63.70 -17.51 44.56
CA GLU D 92 -63.34 -18.69 45.32
C GLU D 92 -62.32 -19.55 44.57
N VAL D 93 -61.29 -20.00 45.30
CA VAL D 93 -60.25 -20.82 44.69
C VAL D 93 -60.84 -22.05 44.02
N GLY D 94 -61.12 -21.94 42.71
CA GLY D 94 -61.68 -23.03 41.96
C GLY D 94 -62.83 -22.60 41.05
N GLN D 95 -63.30 -21.38 41.26
CA GLN D 95 -64.39 -20.84 40.45
C GLN D 95 -64.19 -21.15 38.98
N GLU D 96 -65.30 -21.22 38.24
CA GLU D 96 -65.24 -21.52 36.81
C GLU D 96 -65.75 -20.36 35.96
N VAL D 97 -65.39 -19.14 36.35
CA VAL D 97 -65.82 -17.96 35.61
C VAL D 97 -66.01 -18.34 34.15
N LYS D 98 -67.11 -17.90 33.55
CA LYS D 98 -67.44 -18.33 32.22
C LYS D 98 -67.95 -17.14 31.42
N VAL D 99 -68.55 -17.44 30.28
CA VAL D 99 -68.84 -16.44 29.26
C VAL D 99 -70.03 -15.59 29.63
N GLU D 100 -70.81 -15.99 30.63
CA GLU D 100 -72.05 -15.29 30.95
C GLU D 100 -71.83 -13.98 31.70
N ILE D 101 -70.58 -13.61 32.00
CA ILE D 101 -70.32 -12.36 32.70
C ILE D 101 -70.37 -11.15 31.78
N PHE D 102 -70.44 -11.35 30.47
CA PHE D 102 -70.67 -10.27 29.53
C PHE D 102 -72.11 -10.27 29.07
N SER D 103 -72.44 -9.29 28.22
CA SER D 103 -73.75 -9.24 27.61
C SER D 103 -73.66 -8.59 26.23
N ALA D 104 -74.80 -8.18 25.67
CA ALA D 104 -74.85 -7.70 24.30
C ALA D 104 -74.84 -6.17 24.21
N GLY D 105 -74.17 -5.51 25.15
CA GLY D 105 -74.03 -4.07 25.06
C GLY D 105 -72.71 -3.52 25.55
N GLU D 106 -71.66 -4.34 25.55
CA GLU D 106 -70.47 -4.02 26.32
C GLU D 106 -69.31 -3.62 25.42
N ILE D 107 -68.85 -2.40 25.58
CA ILE D 107 -67.59 -1.96 24.98
C ILE D 107 -66.45 -2.66 25.71
N VAL D 108 -65.58 -3.32 24.95
CA VAL D 108 -64.71 -4.36 25.49
C VAL D 108 -63.32 -4.25 24.88
N ASP D 109 -62.31 -4.21 25.74
CA ASP D 109 -60.91 -4.24 25.31
C ASP D 109 -60.54 -5.64 24.85
N VAL D 110 -59.59 -5.72 23.91
CA VAL D 110 -59.06 -6.99 23.42
C VAL D 110 -57.57 -6.81 23.19
N THR D 111 -56.76 -7.70 23.79
CA THR D 111 -55.34 -7.76 23.48
C THR D 111 -55.07 -9.05 22.73
N GLY D 112 -53.80 -9.35 22.54
CA GLY D 112 -53.38 -10.60 21.91
C GLY D 112 -52.20 -10.39 20.98
N VAL D 113 -51.39 -11.43 20.84
CA VAL D 113 -50.17 -11.37 20.03
C VAL D 113 -50.55 -11.39 18.56
N SER D 114 -50.06 -10.42 17.80
CA SER D 114 -50.41 -10.28 16.39
C SER D 114 -49.75 -11.36 15.53
N LYS D 115 -50.01 -11.28 14.23
CA LYS D 115 -49.49 -12.26 13.29
C LYS D 115 -48.07 -11.91 12.89
N GLY D 116 -47.24 -12.94 12.74
CA GLY D 116 -45.87 -12.72 12.33
C GLY D 116 -45.77 -12.33 10.88
N LYS D 117 -44.66 -11.68 10.54
CA LYS D 117 -44.39 -11.26 9.18
C LYS D 117 -42.99 -11.59 8.71
N GLY D 118 -42.13 -12.09 9.58
CA GLY D 118 -40.77 -12.33 9.17
C GLY D 118 -39.98 -11.05 9.05
N PHE D 119 -38.89 -11.12 8.31
CA PHE D 119 -38.13 -9.93 7.95
C PHE D 119 -38.98 -9.03 7.07
N GLN D 120 -38.91 -7.74 7.31
CA GLN D 120 -39.68 -6.80 6.50
C GLN D 120 -38.86 -5.54 6.28
N GLY D 121 -39.23 -4.81 5.24
CA GLY D 121 -38.44 -3.67 4.78
C GLY D 121 -38.89 -2.37 5.42
N ALA D 122 -38.33 -1.28 4.88
CA ALA D 122 -38.64 0.06 5.40
C ALA D 122 -40.05 0.50 5.07
N LEU D 159 -36.85 4.48 11.15
CA LEU D 159 -37.46 3.17 10.96
C LEU D 159 -36.56 2.26 10.14
N LEU D 160 -35.86 1.36 10.81
CA LEU D 160 -34.96 0.43 10.14
C LEU D 160 -35.65 -0.90 9.86
N PRO D 161 -35.34 -1.51 8.70
CA PRO D 161 -35.93 -2.79 8.29
C PRO D 161 -35.46 -3.94 9.18
N GLY D 162 -36.41 -4.73 9.68
CA GLY D 162 -36.09 -5.85 10.54
C GLY D 162 -37.30 -6.72 10.84
N ARG D 163 -37.10 -7.74 11.67
CA ARG D 163 -38.18 -8.65 12.03
C ARG D 163 -39.35 -7.89 12.67
N MET D 164 -40.44 -7.77 11.92
CA MET D 164 -41.61 -7.07 12.40
C MET D 164 -42.72 -8.08 12.70
N GLY D 165 -43.73 -7.61 13.43
CA GLY D 165 -44.86 -8.45 13.78
C GLY D 165 -44.58 -9.44 14.89
N GLY D 166 -45.60 -9.75 15.67
CA GLY D 166 -45.48 -10.77 16.70
C GLY D 166 -45.46 -10.24 18.11
N GLU D 167 -45.59 -8.94 18.32
CA GLU D 167 -45.60 -8.39 19.66
C GLU D 167 -47.01 -7.91 20.01
N GLN D 168 -47.30 -7.88 21.30
CA GLN D 168 -48.66 -7.80 21.79
C GLN D 168 -49.29 -6.45 21.49
N ILE D 169 -50.50 -6.46 20.94
CA ILE D 169 -51.14 -5.27 20.40
C ILE D 169 -52.58 -5.23 20.91
N THR D 170 -52.95 -4.12 21.52
CA THR D 170 -54.29 -3.96 22.07
C THR D 170 -55.18 -3.26 21.05
N VAL D 171 -56.43 -3.71 20.99
CA VAL D 171 -57.47 -3.04 20.21
C VAL D 171 -58.62 -2.77 21.15
N GLN D 172 -58.96 -1.51 21.35
CA GLN D 172 -59.96 -1.13 22.33
C GLN D 172 -61.28 -0.80 21.65
N ASN D 173 -62.32 -0.67 22.49
CA ASN D 173 -63.63 -0.16 22.14
C ASN D 173 -64.34 -1.03 21.10
N LEU D 174 -64.26 -2.34 21.29
CA LEU D 174 -64.94 -3.29 20.44
C LEU D 174 -66.23 -3.76 21.11
N GLU D 175 -67.33 -3.72 20.37
CA GLU D 175 -68.62 -4.13 20.91
C GLU D 175 -68.74 -5.64 20.98
N ILE D 176 -69.89 -6.10 21.44
CA ILE D 176 -70.20 -7.52 21.44
C ILE D 176 -71.63 -7.68 20.93
N VAL D 177 -71.82 -8.55 19.94
CA VAL D 177 -73.12 -8.67 19.30
C VAL D 177 -74.00 -9.67 20.02
N LYS D 178 -73.60 -10.95 20.00
CA LYS D 178 -74.38 -11.99 20.65
C LYS D 178 -73.46 -12.83 21.51
N VAL D 179 -74.06 -13.45 22.53
CA VAL D 179 -73.37 -14.41 23.38
C VAL D 179 -74.18 -15.70 23.36
N ASP D 180 -73.56 -16.78 22.89
CA ASP D 180 -74.18 -18.10 22.94
C ASP D 180 -73.87 -18.74 24.29
N ALA D 181 -74.80 -19.53 24.79
CA ALA D 181 -74.66 -20.07 26.14
C ALA D 181 -73.81 -21.33 26.15
N GLU D 182 -74.26 -22.38 25.47
CA GLU D 182 -73.63 -23.69 25.62
C GLU D 182 -72.41 -23.86 24.75
N ARG D 183 -72.29 -23.12 23.66
CA ARG D 183 -71.11 -23.20 22.82
C ARG D 183 -70.01 -22.27 23.29
N ASN D 184 -70.31 -21.40 24.26
CA ASN D 184 -69.37 -20.45 24.85
C ASN D 184 -68.82 -19.45 23.84
N LEU D 185 -69.57 -19.16 22.79
CA LEU D 185 -69.06 -18.38 21.68
C LEU D 185 -69.44 -16.92 21.83
N LEU D 186 -68.45 -16.04 21.65
CA LEU D 186 -68.64 -14.60 21.65
C LEU D 186 -68.64 -14.07 20.22
N LEU D 187 -69.29 -12.94 20.03
CA LEU D 187 -69.33 -12.30 18.72
C LEU D 187 -68.85 -10.86 18.86
N ILE D 188 -67.54 -10.68 18.80
CA ILE D 188 -66.95 -9.36 18.85
C ILE D 188 -67.07 -8.73 17.47
N LYS D 189 -67.60 -7.52 17.41
CA LYS D 189 -67.66 -6.79 16.15
C LYS D 189 -66.30 -6.18 15.85
N GLY D 190 -65.80 -6.40 14.64
CA GLY D 190 -64.53 -5.85 14.22
C GLY D 190 -63.40 -6.87 14.30
N ASN D 191 -62.24 -6.45 13.83
CA ASN D 191 -61.09 -7.35 13.76
C ASN D 191 -60.48 -7.53 15.14
N VAL D 192 -59.35 -8.23 15.18
CA VAL D 192 -58.70 -8.66 16.41
C VAL D 192 -57.31 -9.14 16.01
N PRO D 193 -56.26 -8.83 16.77
CA PRO D 193 -54.94 -9.35 16.41
C PRO D 193 -54.85 -10.84 16.61
N GLY D 194 -53.97 -11.46 15.84
CA GLY D 194 -53.71 -12.86 16.05
C GLY D 194 -54.12 -13.71 14.88
N ALA D 195 -53.37 -14.78 14.66
CA ALA D 195 -53.79 -15.80 13.71
C ALA D 195 -54.90 -16.65 14.32
N LYS D 196 -55.43 -17.56 13.51
CA LYS D 196 -56.43 -18.48 14.01
C LYS D 196 -55.78 -19.52 14.91
N LYS D 197 -56.57 -20.02 15.87
CA LYS D 197 -56.11 -20.89 16.96
C LYS D 197 -54.97 -20.25 17.75
N SER D 198 -55.29 -19.12 18.39
CA SER D 198 -54.35 -18.41 19.25
C SER D 198 -55.13 -17.77 20.37
N LEU D 199 -54.52 -17.67 21.55
CA LEU D 199 -55.24 -17.20 22.71
C LEU D 199 -55.32 -15.69 22.73
N ILE D 200 -56.38 -15.17 23.35
CA ILE D 200 -56.78 -13.77 23.25
C ILE D 200 -57.36 -13.34 24.58
N THR D 201 -56.79 -12.31 25.18
CA THR D 201 -57.35 -11.74 26.40
C THR D 201 -58.48 -10.79 26.05
N VAL D 202 -59.59 -10.91 26.76
CA VAL D 202 -60.81 -10.15 26.46
C VAL D 202 -61.24 -9.46 27.75
N LYS D 203 -60.71 -8.26 27.97
CA LYS D 203 -61.04 -7.49 29.17
C LYS D 203 -62.02 -6.37 28.86
N SER D 204 -62.31 -5.55 29.87
CA SER D 204 -63.23 -4.42 29.71
C SER D 204 -62.52 -3.23 29.08
N ALA D 205 -63.30 -2.20 28.75
CA ALA D 205 -62.76 -0.99 28.14
C ALA D 205 -62.37 0.03 29.21
N VAL D 206 -61.57 1.02 28.82
CA VAL D 206 -61.13 2.06 29.73
C VAL D 206 -61.83 3.38 29.44
N LYS D 207 -63.11 3.46 29.79
CA LYS D 207 -63.89 4.67 29.57
C LYS D 207 -64.30 5.32 30.89
N PRO E 2 79.33 -1.47 18.92
CA PRO E 2 80.23 -1.83 17.82
C PRO E 2 81.38 -2.71 18.29
N LYS E 3 81.07 -3.68 19.14
CA LYS E 3 82.09 -4.58 19.66
C LYS E 3 81.63 -6.03 19.59
N VAL E 4 81.00 -6.40 18.47
CA VAL E 4 80.51 -7.75 18.27
C VAL E 4 81.66 -8.73 18.06
N ALA E 5 81.47 -9.97 18.52
CA ALA E 5 82.49 -11.01 18.38
C ALA E 5 82.43 -11.65 17.01
N LEU E 6 83.53 -12.28 16.61
CA LEU E 6 83.61 -12.94 15.31
C LEU E 6 83.38 -14.45 15.44
N TYR E 7 82.65 -15.01 14.50
CA TYR E 7 82.36 -16.44 14.49
C TYR E 7 82.96 -17.08 13.25
N ASN E 8 83.30 -18.37 13.36
CA ASN E 8 83.89 -19.10 12.24
C ASN E 8 83.59 -20.59 12.29
N GLN E 9 82.37 -20.95 11.89
CA GLN E 9 81.93 -22.34 11.87
C GLN E 9 82.21 -23.06 13.19
N ASN E 10 83.39 -23.68 13.29
CA ASN E 10 83.79 -24.39 14.49
C ASN E 10 84.13 -23.44 15.63
N GLY E 11 84.96 -22.44 15.32
CA GLY E 11 85.38 -21.47 16.32
C GLY E 11 84.38 -20.34 16.47
N ASP E 16 86.68 -10.68 18.66
CA ASP E 16 85.88 -9.47 18.68
C ASP E 16 86.38 -8.45 17.67
N ILE E 17 85.47 -7.79 16.98
CA ILE E 17 85.82 -6.79 15.98
C ILE E 17 85.20 -5.44 16.31
N GLU E 18 85.40 -4.46 15.43
CA GLU E 18 84.87 -3.12 15.62
C GLU E 18 84.30 -2.56 14.33
N LEU E 19 82.99 -2.35 14.31
CA LEU E 19 82.30 -1.81 13.14
C LEU E 19 82.10 -0.30 13.27
N ASN E 20 81.80 0.35 12.15
CA ASN E 20 81.58 1.79 12.13
C ASN E 20 80.54 2.22 13.16
N ALA E 21 81.01 2.80 14.26
CA ALA E 21 80.12 3.25 15.33
C ALA E 21 79.18 4.34 14.86
N SER E 22 79.54 5.08 13.82
CA SER E 22 78.63 6.05 13.24
C SER E 22 77.62 5.42 12.29
N VAL E 23 77.62 4.10 12.16
CA VAL E 23 76.63 3.37 11.37
C VAL E 23 75.89 2.36 12.23
N PHE E 24 76.63 1.51 12.94
CA PHE E 24 76.03 0.45 13.72
C PHE E 24 75.80 0.82 15.18
N GLY E 25 76.14 2.04 15.59
CA GLY E 25 76.00 2.40 16.97
C GLY E 25 75.19 3.67 17.17
N ILE E 26 74.38 4.01 16.18
CA ILE E 26 73.53 5.19 16.27
C ILE E 26 72.41 4.93 17.27
N GLU E 27 72.05 5.95 18.05
CA GLU E 27 70.84 5.86 18.83
C GLU E 27 69.63 5.80 17.89
N PRO E 28 68.71 4.85 18.10
CA PRO E 28 67.63 4.66 17.13
C PRO E 28 66.60 5.78 17.20
N ASN E 29 65.78 5.83 16.15
CA ASN E 29 64.68 6.79 16.05
C ASN E 29 63.48 5.99 15.59
N GLU E 30 62.70 5.49 16.55
CA GLU E 30 61.68 4.49 16.28
C GLU E 30 60.46 5.05 15.58
N SER E 31 60.31 6.37 15.52
CA SER E 31 59.28 6.93 14.67
C SER E 31 59.64 6.76 13.20
N VAL E 32 60.93 6.79 12.89
CA VAL E 32 61.39 6.64 11.52
C VAL E 32 61.41 5.18 11.08
N VAL E 33 61.08 4.29 12.00
CA VAL E 33 61.06 2.85 11.70
C VAL E 33 59.63 2.35 11.55
N PHE E 34 58.67 3.19 11.90
CA PHE E 34 57.25 2.83 11.80
C PHE E 34 56.68 3.22 10.43
N ASP E 35 56.99 4.43 9.99
CA ASP E 35 56.51 4.92 8.70
C ASP E 35 57.30 4.29 7.55
N ALA E 36 58.53 3.88 7.84
CA ALA E 36 59.38 3.26 6.83
C ALA E 36 58.90 1.85 6.50
N ILE E 37 58.29 1.19 7.48
CA ILE E 37 57.79 -0.16 7.28
C ILE E 37 56.50 -0.15 6.46
N LEU E 38 55.70 0.89 6.64
CA LEU E 38 54.43 1.02 5.92
C LEU E 38 54.67 1.30 4.45
N MET E 39 55.76 2.00 4.15
CA MET E 39 56.12 2.35 2.78
C MET E 39 56.67 1.13 2.04
N GLN E 40 57.18 0.17 2.79
CA GLN E 40 57.74 -1.04 2.22
C GLN E 40 56.73 -2.19 2.22
N ARG E 41 55.64 -1.99 2.94
CA ARG E 41 54.59 -3.01 3.04
C ARG E 41 53.44 -2.70 2.07
N ALA E 42 53.22 -1.40 1.83
CA ALA E 42 52.15 -0.98 0.92
C ALA E 42 52.47 -1.38 -0.52
N SER E 43 53.74 -1.34 -0.87
CA SER E 43 54.18 -1.71 -2.22
C SER E 43 53.93 -3.18 -2.49
N LEU E 44 54.07 -4.00 -1.46
CA LEU E 44 53.87 -5.44 -1.59
C LEU E 44 52.49 -5.76 -2.14
N ARG E 45 51.47 -5.07 -1.62
CA ARG E 45 50.10 -5.28 -2.07
C ARG E 45 49.96 -4.87 -3.51
N GLN E 46 48.88 -5.31 -4.12
CA GLN E 46 48.79 -5.32 -5.57
C GLN E 46 47.69 -4.41 -6.09
N GLY E 47 46.50 -4.46 -5.50
CA GLY E 47 45.44 -3.56 -5.87
C GLY E 47 44.87 -3.80 -7.24
N THR E 48 44.21 -4.93 -7.43
CA THR E 48 43.65 -5.29 -8.72
C THR E 48 42.17 -5.61 -8.61
N HIS E 49 41.48 -4.93 -7.70
CA HIS E 49 40.05 -5.15 -7.50
C HIS E 49 39.23 -4.09 -8.22
N LYS E 50 38.61 -4.49 -9.33
CA LYS E 50 37.79 -3.58 -10.13
C LYS E 50 36.32 -3.98 -10.09
N VAL E 51 35.51 -3.16 -9.42
CA VAL E 51 34.07 -3.42 -9.31
C VAL E 51 33.31 -2.78 -10.47
N LYS E 52 32.05 -3.18 -10.63
CA LYS E 52 31.20 -2.65 -11.69
C LYS E 52 30.45 -1.41 -11.22
N ASN E 53 30.05 -0.57 -12.18
CA ASN E 53 29.30 0.64 -11.87
C ASN E 53 27.93 0.66 -12.52
N ARG E 54 27.18 1.74 -12.30
CA ARG E 54 25.85 1.87 -12.86
C ARG E 54 25.89 1.94 -14.38
N SER E 55 27.03 2.31 -14.96
CA SER E 55 27.11 2.43 -16.41
C SER E 55 27.86 1.29 -17.07
N GLU E 56 28.57 0.45 -16.31
CA GLU E 56 29.29 -0.68 -16.87
C GLU E 56 28.58 -2.00 -16.65
N VAL E 57 27.29 -1.96 -16.38
CA VAL E 57 26.47 -3.16 -16.22
C VAL E 57 25.70 -3.38 -17.51
N ARG E 58 25.72 -4.62 -18.02
CA ARG E 58 25.01 -4.99 -19.23
C ARG E 58 23.53 -5.02 -18.92
N GLY E 59 22.93 -3.83 -18.90
CA GLY E 59 21.58 -3.69 -18.41
C GLY E 59 20.80 -2.69 -19.24
N GLY E 60 19.57 -2.45 -18.82
CA GLY E 60 18.66 -1.66 -19.59
C GLY E 60 18.88 -0.18 -19.42
N GLY E 61 18.21 0.57 -20.29
CA GLY E 61 18.20 2.01 -20.20
C GLY E 61 16.77 2.51 -20.29
N ARG E 62 15.85 1.58 -20.49
CA ARG E 62 14.44 1.93 -20.60
C ARG E 62 13.82 2.07 -19.22
N LYS E 63 13.02 3.11 -19.06
CA LYS E 63 12.19 3.26 -17.88
C LYS E 63 11.12 2.16 -17.89
N PRO E 64 11.10 1.27 -16.90
CA PRO E 64 10.22 0.09 -16.97
C PRO E 64 8.73 0.38 -16.88
N TRP E 65 8.30 1.13 -15.87
CA TRP E 65 6.88 1.44 -15.71
C TRP E 65 6.65 2.94 -15.86
N ALA E 73 7.10 3.36 -6.88
CA ALA E 73 8.04 4.45 -6.93
C ALA E 73 8.58 4.61 -8.35
N ARG E 74 9.57 5.49 -8.54
CA ARG E 74 9.84 6.04 -9.87
C ARG E 74 10.71 5.11 -10.73
N GLN E 75 11.98 4.95 -10.34
CA GLN E 75 12.89 3.91 -10.85
C GLN E 75 13.09 3.99 -12.36
N GLY E 76 13.75 5.08 -12.77
CA GLY E 76 14.00 5.32 -14.18
C GLY E 76 14.91 4.31 -14.86
N SER E 77 15.68 3.55 -14.10
CA SER E 77 16.54 2.52 -14.67
C SER E 77 16.36 1.23 -13.88
N ILE E 78 16.56 0.11 -14.56
CA ILE E 78 16.50 -1.17 -13.87
C ILE E 78 17.77 -1.40 -13.09
N ARG E 79 18.92 -1.07 -13.66
CA ARG E 79 20.18 -1.28 -12.95
C ARG E 79 20.61 -0.03 -12.19
N SER E 80 19.75 0.51 -11.42
CA SER E 80 20.16 1.55 -10.51
C SER E 80 20.71 0.91 -9.24
N PRO E 81 21.51 1.56 -8.39
CA PRO E 81 22.22 0.81 -7.34
C PRO E 81 21.37 0.33 -6.20
N GLN E 82 20.13 0.79 -6.13
CA GLN E 82 19.21 0.38 -5.06
C GLN E 82 18.41 -0.85 -5.46
N TRP E 83 18.83 -1.50 -6.55
CA TRP E 83 18.16 -2.70 -7.04
C TRP E 83 18.90 -3.96 -6.61
N ARG E 84 18.48 -5.10 -7.17
CA ARG E 84 19.10 -6.38 -6.85
C ARG E 84 20.37 -6.99 -7.42
N GLY E 85 20.59 -6.79 -8.72
CA GLY E 85 21.85 -6.91 -9.40
C GLY E 85 22.29 -5.63 -10.07
N GLY E 86 23.50 -5.19 -9.78
CA GLY E 86 24.03 -3.96 -10.35
C GLY E 86 23.97 -2.80 -9.37
N GLY E 87 25.06 -2.59 -8.65
CA GLY E 87 25.14 -1.51 -7.69
C GLY E 87 26.56 -0.96 -7.60
N VAL E 88 27.09 -0.91 -6.37
CA VAL E 88 28.44 -0.42 -6.13
C VAL E 88 28.73 0.93 -6.78
N VAL E 89 28.06 1.97 -6.29
CA VAL E 89 28.22 3.32 -6.81
C VAL E 89 29.70 3.73 -6.83
N PHE E 90 30.38 3.51 -5.70
CA PHE E 90 31.80 3.83 -5.60
C PHE E 90 32.94 2.84 -5.61
N GLY E 91 32.83 1.82 -4.76
CA GLY E 91 33.61 0.58 -4.84
C GLY E 91 35.11 0.78 -4.82
N PRO E 92 35.86 -0.32 -4.87
CA PRO E 92 37.33 -0.30 -4.86
C PRO E 92 37.89 -0.10 -6.27
N THR E 93 38.72 0.92 -6.43
CA THR E 93 39.32 1.21 -7.73
C THR E 93 40.79 0.79 -7.75
N PRO E 94 41.22 0.15 -8.85
CA PRO E 94 42.60 -0.31 -9.01
C PRO E 94 43.58 0.86 -9.09
N ARG E 95 44.15 1.23 -7.95
CA ARG E 95 45.09 2.34 -7.90
C ARG E 95 46.50 1.86 -7.54
N SER E 96 47.32 2.78 -7.06
CA SER E 96 48.71 2.47 -6.68
C SER E 96 48.96 2.82 -5.22
N TYR E 97 49.38 1.82 -4.45
CA TYR E 97 49.66 2.01 -3.03
C TYR E 97 51.17 2.01 -2.77
N SER E 98 51.86 2.96 -3.38
CA SER E 98 53.31 3.07 -3.21
C SER E 98 53.78 4.52 -3.31
N TYR E 99 54.17 5.09 -2.18
CA TYR E 99 54.64 6.46 -2.14
C TYR E 99 56.12 6.45 -1.85
N LYS E 100 56.73 7.62 -1.88
CA LYS E 100 58.18 7.75 -1.76
C LYS E 100 58.54 8.55 -0.53
N LEU E 101 59.52 8.07 0.19
CA LEU E 101 60.13 8.85 1.25
C LEU E 101 61.25 9.70 0.69
N PRO E 102 61.61 10.78 1.36
CA PRO E 102 62.86 11.46 1.03
C PRO E 102 64.05 10.56 1.37
N LYS E 103 65.15 10.78 0.65
CA LYS E 103 66.22 9.78 0.56
C LYS E 103 66.94 9.57 1.88
N LYS E 104 67.16 10.63 2.65
CA LYS E 104 67.83 10.48 3.94
C LYS E 104 66.97 9.73 4.94
N VAL E 105 65.65 9.80 4.78
CA VAL E 105 64.75 9.06 5.66
C VAL E 105 64.80 7.57 5.34
N ARG E 106 64.92 7.22 4.06
CA ARG E 106 65.23 5.83 3.72
C ARG E 106 66.59 5.43 4.23
N ARG E 107 67.54 6.36 4.24
CA ARG E 107 68.87 6.05 4.72
C ARG E 107 68.93 5.93 6.23
N LEU E 108 68.11 6.71 6.94
CA LEU E 108 68.17 6.69 8.40
C LEU E 108 67.57 5.41 8.97
N ALA E 109 66.58 4.85 8.30
CA ALA E 109 65.87 3.71 8.85
C ALA E 109 66.71 2.45 8.85
N ILE E 110 67.55 2.26 7.83
CA ILE E 110 68.37 1.06 7.78
C ILE E 110 69.47 1.13 8.82
N LYS E 111 69.93 2.34 9.15
CA LYS E 111 70.89 2.47 10.25
C LYS E 111 70.25 2.17 11.58
N SER E 112 68.98 2.52 11.75
CA SER E 112 68.33 2.39 13.05
C SER E 112 68.01 0.94 13.37
N VAL E 113 67.59 0.17 12.36
CA VAL E 113 67.29 -1.24 12.59
C VAL E 113 68.55 -2.06 12.78
N LEU E 114 69.68 -1.62 12.23
CA LEU E 114 70.91 -2.37 12.42
C LEU E 114 71.52 -2.08 13.77
N SER E 115 71.45 -0.82 14.20
CA SER E 115 72.04 -0.42 15.47
C SER E 115 71.26 -0.97 16.65
N SER E 116 69.96 -1.20 16.47
CA SER E 116 69.14 -1.74 17.55
C SER E 116 69.54 -3.16 17.88
N LYS E 117 69.89 -3.95 16.89
CA LYS E 117 70.24 -5.33 17.12
C LYS E 117 71.69 -5.52 17.55
N VAL E 118 72.49 -4.46 17.54
CA VAL E 118 73.79 -4.51 18.17
C VAL E 118 73.64 -4.57 19.68
N ILE E 119 72.73 -3.76 20.22
CA ILE E 119 72.52 -3.64 21.65
C ILE E 119 71.96 -4.93 22.23
N ASP E 120 71.11 -5.62 21.48
CA ASP E 120 70.36 -6.74 22.03
C ASP E 120 71.10 -8.06 21.94
N ASN E 121 72.39 -8.03 21.55
CA ASN E 121 73.22 -9.22 21.35
C ASN E 121 72.57 -10.18 20.34
N ASN E 122 72.20 -9.64 19.20
CA ASN E 122 71.48 -10.39 18.19
C ASN E 122 72.26 -10.60 16.91
N ILE E 123 73.06 -9.62 16.49
CA ILE E 123 73.84 -9.81 15.27
C ILE E 123 74.98 -10.77 15.54
N ILE E 124 75.31 -11.58 14.54
CA ILE E 124 76.38 -12.55 14.64
C ILE E 124 77.21 -12.45 13.36
N VAL E 125 78.49 -12.16 13.51
CA VAL E 125 79.38 -11.98 12.37
C VAL E 125 80.06 -13.30 12.08
N LEU E 126 80.08 -13.69 10.81
CA LEU E 126 80.85 -14.83 10.34
C LEU E 126 81.96 -14.35 9.43
N GLU E 127 82.95 -15.21 9.22
CA GLU E 127 84.03 -14.92 8.29
C GLU E 127 83.82 -15.76 7.03
N ASP E 128 83.20 -15.10 6.04
CA ASP E 128 83.12 -15.46 4.62
C ASP E 128 82.19 -16.63 4.28
N LEU E 129 81.75 -17.38 5.29
CA LEU E 129 80.72 -18.43 5.20
C LEU E 129 80.96 -19.42 4.06
N THR E 130 82.04 -20.18 4.18
CA THR E 130 82.44 -21.07 3.10
C THR E 130 81.77 -22.43 3.25
N LEU E 131 81.11 -22.86 2.19
CA LEU E 131 80.46 -24.16 2.13
C LEU E 131 81.29 -25.13 1.31
N ASP E 132 80.91 -26.41 1.38
CA ASP E 132 81.47 -27.39 0.47
C ASP E 132 80.62 -27.51 -0.80
N THR E 133 79.32 -27.75 -0.62
CA THR E 133 78.41 -27.98 -1.73
C THR E 133 77.11 -27.26 -1.44
N ALA E 134 76.06 -27.61 -2.18
CA ALA E 134 74.73 -27.03 -1.98
C ALA E 134 73.85 -27.90 -1.09
N LYS E 135 74.46 -28.73 -0.26
CA LYS E 135 73.71 -29.61 0.63
C LYS E 135 73.01 -28.85 1.75
N THR E 136 71.85 -29.37 2.15
CA THR E 136 71.06 -28.75 3.21
C THR E 136 71.45 -29.33 4.56
N LYS E 137 72.00 -30.55 4.54
CA LYS E 137 72.43 -31.22 5.76
C LYS E 137 73.60 -30.49 6.38
N GLU E 138 74.50 -29.96 5.55
CA GLU E 138 75.66 -29.23 6.02
C GLU E 138 75.26 -27.84 6.51
N MET E 139 74.18 -27.31 5.94
CA MET E 139 73.69 -25.99 6.30
C MET E 139 72.83 -26.08 7.56
N ALA E 140 72.12 -27.19 7.72
CA ALA E 140 71.27 -27.39 8.88
C ALA E 140 72.11 -27.62 10.13
N ALA E 141 73.27 -28.24 9.95
CA ALA E 141 74.18 -28.51 11.06
C ALA E 141 74.90 -27.24 11.48
N ILE E 142 75.08 -26.32 10.54
CA ILE E 142 75.75 -25.06 10.79
C ILE E 142 74.87 -24.13 11.63
N LEU E 143 73.56 -24.27 11.45
CA LEU E 143 72.60 -23.46 12.19
C LEU E 143 72.53 -23.89 13.65
N LYS E 144 72.77 -25.18 13.89
CA LYS E 144 72.75 -25.73 15.24
C LYS E 144 73.95 -25.24 16.05
N GLY E 145 75.06 -25.01 15.35
CA GLY E 145 76.28 -24.55 16.00
C GLY E 145 76.15 -23.11 16.45
N LEU E 146 75.33 -22.33 15.75
CA LEU E 146 75.12 -20.94 16.07
C LEU E 146 73.86 -20.71 16.89
N SER E 147 73.01 -21.72 17.05
CA SER E 147 71.79 -21.73 17.86
C SER E 147 70.82 -20.62 17.43
N VAL E 148 70.33 -20.77 16.21
CA VAL E 148 69.30 -19.89 15.66
C VAL E 148 68.06 -20.73 15.41
N GLU E 149 67.17 -20.78 16.40
CA GLU E 149 66.04 -21.71 16.35
C GLU E 149 64.91 -21.23 15.44
N LYS E 150 64.53 -19.97 15.55
CA LYS E 150 63.49 -19.40 14.71
C LYS E 150 64.20 -18.78 13.50
N LYS E 151 63.51 -17.91 12.77
CA LYS E 151 63.96 -17.23 11.55
C LYS E 151 65.33 -16.58 11.69
N ALA E 152 66.02 -16.42 10.57
CA ALA E 152 67.35 -15.85 10.57
C ALA E 152 67.53 -15.06 9.29
N LEU E 153 68.72 -14.51 9.13
CA LEU E 153 69.10 -13.86 7.88
C LEU E 153 70.55 -14.15 7.60
N ILE E 154 70.83 -14.39 6.32
CA ILE E 154 72.18 -14.66 5.86
C ILE E 154 72.49 -13.61 4.81
N VAL E 155 73.48 -12.77 5.10
CA VAL E 155 73.86 -11.69 4.21
C VAL E 155 75.26 -12.00 3.69
N THR E 156 75.39 -12.15 2.39
CA THR E 156 76.66 -12.46 1.75
C THR E 156 76.92 -11.42 0.67
N ALA E 157 78.18 -10.98 0.57
CA ALA E 157 78.52 -9.85 -0.26
C ALA E 157 78.66 -10.18 -1.73
N ASP E 158 78.77 -11.46 -2.09
CA ASP E 158 79.07 -11.83 -3.47
C ASP E 158 78.09 -12.81 -4.10
N ALA E 159 77.01 -13.15 -3.39
CA ALA E 159 75.94 -14.03 -3.88
C ALA E 159 76.46 -15.40 -4.31
N ASN E 160 77.00 -16.12 -3.33
CA ASN E 160 77.44 -17.50 -3.56
C ASN E 160 76.22 -18.38 -3.80
N GLU E 161 76.25 -19.14 -4.89
CA GLU E 161 75.14 -20.02 -5.24
C GLU E 161 74.99 -21.18 -4.27
N ALA E 162 76.11 -21.68 -3.75
CA ALA E 162 76.09 -22.79 -2.82
C ALA E 162 75.19 -22.51 -1.61
N VAL E 163 75.59 -21.52 -0.80
CA VAL E 163 74.83 -21.16 0.38
C VAL E 163 73.39 -20.80 0.04
N ALA E 164 73.21 -20.08 -1.06
CA ALA E 164 71.88 -19.66 -1.50
C ALA E 164 71.02 -20.86 -1.87
N LEU E 165 71.64 -21.87 -2.48
CA LEU E 165 70.92 -23.07 -2.90
C LEU E 165 70.85 -24.10 -1.77
N SER E 166 71.58 -23.84 -0.69
CA SER E 166 71.61 -24.74 0.46
C SER E 166 70.74 -24.21 1.59
N ALA E 167 70.21 -23.00 1.43
CA ALA E 167 69.36 -22.39 2.44
C ALA E 167 68.10 -21.78 1.81
N ARG E 168 67.44 -22.55 0.97
CA ARG E 168 66.23 -22.09 0.30
C ARG E 168 65.04 -23.00 0.63
N ASN E 169 65.28 -24.02 1.44
CA ASN E 169 64.23 -24.95 1.84
C ASN E 169 63.83 -24.80 3.30
N ILE E 170 64.82 -24.56 4.16
CA ILE E 170 64.58 -24.40 5.59
C ILE E 170 63.62 -23.24 5.78
N PRO E 171 62.54 -23.41 6.56
CA PRO E 171 61.44 -22.43 6.50
C PRO E 171 61.77 -21.07 7.09
N GLY E 172 62.46 -21.01 8.22
CA GLY E 172 62.73 -19.72 8.83
C GLY E 172 63.79 -18.90 8.14
N VAL E 173 64.71 -19.57 7.45
CA VAL E 173 65.81 -18.88 6.76
C VAL E 173 65.41 -18.22 5.44
N THR E 174 66.28 -17.33 4.98
CA THR E 174 66.07 -16.61 3.72
C THR E 174 67.37 -15.94 3.28
N VAL E 175 67.95 -16.43 2.20
CA VAL E 175 69.21 -15.90 1.68
C VAL E 175 69.01 -14.67 0.78
N VAL E 176 69.97 -13.77 0.82
CA VAL E 176 69.93 -12.55 0.01
C VAL E 176 71.31 -11.89 -0.06
N GLU E 177 71.51 -11.02 -1.05
CA GLU E 177 72.78 -10.33 -1.23
C GLU E 177 72.91 -9.16 -0.27
N ALA E 178 74.11 -8.60 -0.16
CA ALA E 178 74.34 -7.47 0.74
C ALA E 178 73.88 -6.13 0.17
N ASN E 179 73.75 -6.02 -1.14
CA ASN E 179 73.22 -4.81 -1.76
C ASN E 179 71.71 -4.73 -1.74
N GLY E 180 71.02 -5.68 -1.09
CA GLY E 180 69.58 -5.70 -1.12
C GLY E 180 68.91 -5.91 0.22
N ILE E 181 69.58 -5.55 1.31
CA ILE E 181 68.92 -5.59 2.60
C ILE E 181 68.01 -4.37 2.72
N ASN E 182 66.84 -4.57 3.32
CA ASN E 182 65.89 -3.49 3.53
C ASN E 182 65.22 -3.73 4.87
N VAL E 183 64.13 -3.02 5.10
CA VAL E 183 63.58 -2.89 6.45
C VAL E 183 62.87 -4.17 6.89
N LEU E 184 61.91 -4.65 6.09
CA LEU E 184 61.16 -5.84 6.48
C LEU E 184 61.99 -7.12 6.46
N ASP E 185 63.15 -7.13 5.85
CA ASP E 185 64.03 -8.27 6.01
C ASP E 185 64.58 -8.34 7.43
N VAL E 186 65.27 -7.29 7.87
CA VAL E 186 65.97 -7.38 9.14
C VAL E 186 65.05 -7.27 10.33
N VAL E 187 63.89 -6.61 10.18
CA VAL E 187 63.02 -6.42 11.33
C VAL E 187 62.21 -7.68 11.66
N ASN E 188 62.20 -8.66 10.76
CA ASN E 188 61.30 -9.79 10.88
C ASN E 188 61.95 -11.03 11.45
N HIS E 189 63.28 -11.08 11.55
CA HIS E 189 63.95 -12.35 11.77
C HIS E 189 64.68 -12.45 13.10
N GLU E 190 65.11 -11.33 13.70
CA GLU E 190 65.57 -11.21 15.08
C GLU E 190 66.92 -11.88 15.35
N LYS E 191 67.45 -12.62 14.38
CA LYS E 191 68.82 -13.11 14.37
C LYS E 191 69.32 -12.97 12.95
N LEU E 192 70.61 -12.68 12.80
CA LEU E 192 71.13 -12.47 11.45
C LEU E 192 72.62 -12.76 11.43
N LEU E 193 73.03 -13.47 10.38
CA LEU E 193 74.43 -13.83 10.17
C LEU E 193 74.97 -13.03 9.01
N ILE E 194 76.07 -12.33 9.25
CA ILE E 194 76.72 -11.54 8.23
C ILE E 194 78.11 -12.12 8.00
N THR E 195 78.52 -12.20 6.74
CA THR E 195 79.92 -12.43 6.45
C THR E 195 80.68 -11.15 6.77
N LYS E 196 81.90 -11.30 7.29
CA LYS E 196 82.69 -10.15 7.71
C LYS E 196 83.05 -9.28 6.51
N ALA E 197 83.16 -9.86 5.33
CA ALA E 197 83.40 -9.07 4.14
C ALA E 197 82.17 -8.25 3.74
N ALA E 198 80.98 -8.68 4.14
CA ALA E 198 79.77 -7.93 3.82
C ALA E 198 79.55 -6.75 4.74
N VAL E 199 80.23 -6.73 5.89
CA VAL E 199 80.07 -5.63 6.84
C VAL E 199 80.66 -4.34 6.26
N GLU E 200 81.66 -4.45 5.38
CA GLU E 200 82.19 -3.26 4.73
C GLU E 200 81.19 -2.66 3.75
N LYS E 201 80.58 -3.51 2.92
CA LYS E 201 79.80 -3.00 1.80
C LYS E 201 78.49 -2.34 2.24
N VAL E 202 77.97 -2.69 3.41
CA VAL E 202 76.78 -1.99 3.87
C VAL E 202 77.14 -0.61 4.39
N GLU E 203 78.40 -0.40 4.80
CA GLU E 203 78.84 0.91 5.24
C GLU E 203 79.03 1.85 4.07
N GLU E 204 79.34 1.31 2.88
CA GLU E 204 79.67 2.15 1.74
C GLU E 204 78.43 2.76 1.10
N VAL E 205 77.31 2.05 1.10
CA VAL E 205 76.08 2.60 0.58
C VAL E 205 75.53 3.67 1.51
N LEU E 206 75.76 3.50 2.81
CA LEU E 206 75.24 4.42 3.80
C LEU E 206 76.23 4.64 4.94
N THR F 4 8.82 -1.67 52.93
CA THR F 4 9.35 -0.76 53.95
C THR F 4 8.26 -0.01 54.77
N PRO F 5 7.22 0.63 54.13
CA PRO F 5 6.11 1.14 54.96
C PRO F 5 5.04 0.08 55.13
N MET F 6 3.93 0.43 55.76
CA MET F 6 2.87 -0.52 56.03
C MET F 6 1.68 -0.25 55.13
N ALA F 7 1.53 -1.07 54.10
CA ALA F 7 0.36 -1.07 53.24
C ALA F 7 -0.39 -2.36 53.47
N ASN F 8 -1.67 -2.25 53.81
CA ASN F 8 -2.43 -3.39 54.29
C ASN F 8 -2.77 -4.35 53.16
N ALA F 9 -3.35 -5.50 53.53
CA ALA F 9 -3.59 -6.58 52.57
C ALA F 9 -4.78 -7.41 53.04
N SER F 10 -5.98 -7.08 52.55
CA SER F 10 -7.19 -7.90 52.67
C SER F 10 -7.61 -8.17 54.12
N THR F 11 -7.22 -7.31 55.04
CA THR F 11 -7.53 -7.45 56.46
C THR F 11 -8.23 -6.21 56.98
N ILE F 12 -9.25 -5.77 56.24
CA ILE F 12 -10.00 -4.58 56.62
C ILE F 12 -11.27 -4.93 57.38
N GLU F 13 -11.35 -4.48 58.63
CA GLU F 13 -12.51 -4.74 59.47
C GLU F 13 -13.52 -3.62 59.34
N ARG F 14 -14.17 -3.56 58.18
CA ARG F 14 -15.17 -2.52 57.92
C ARG F 14 -16.23 -2.47 59.01
N LYS F 15 -16.50 -1.27 59.52
CA LYS F 15 -17.49 -1.08 60.57
C LYS F 15 -18.78 -0.76 59.82
N TRP F 16 -19.89 -0.67 60.55
CA TRP F 16 -21.12 -0.02 60.13
C TRP F 16 -21.36 1.26 60.94
N LEU F 17 -22.11 2.19 60.34
CA LEU F 17 -22.41 3.45 61.00
C LEU F 17 -23.80 3.92 60.58
N VAL F 18 -24.40 4.72 61.45
CA VAL F 18 -25.71 5.31 61.20
C VAL F 18 -25.58 6.81 61.26
N VAL F 19 -26.00 7.49 60.21
CA VAL F 19 -26.04 8.94 60.17
C VAL F 19 -27.46 9.36 59.86
N ASP F 20 -28.10 10.05 60.79
CA ASP F 20 -29.39 10.64 60.49
C ASP F 20 -29.19 11.97 59.80
N ALA F 21 -30.14 12.34 58.97
CA ALA F 21 -30.11 13.61 58.27
C ALA F 21 -31.37 14.37 58.67
N ALA F 22 -31.30 15.03 59.81
CA ALA F 22 -32.48 15.68 60.38
C ALA F 22 -32.65 17.10 59.85
N GLY F 23 -31.66 17.95 60.06
CA GLY F 23 -31.78 19.33 59.63
C GLY F 23 -30.57 19.81 58.87
N LYS F 24 -29.64 18.90 58.58
CA LYS F 24 -28.43 19.25 57.87
C LYS F 24 -28.67 19.40 56.36
N THR F 25 -27.93 20.32 55.74
CA THR F 25 -28.05 20.56 54.31
C THR F 25 -27.42 19.42 53.52
N LEU F 26 -28.06 19.05 52.42
CA LEU F 26 -27.56 17.96 51.57
C LEU F 26 -26.10 18.18 51.17
N GLY F 27 -25.78 19.38 50.72
CA GLY F 27 -24.42 19.70 50.31
C GLY F 27 -23.39 19.44 51.38
N ARG F 28 -23.70 19.83 52.61
CA ARG F 28 -22.78 19.63 53.72
C ARG F 28 -22.85 18.21 54.30
N LEU F 29 -23.95 17.52 54.01
CA LEU F 29 -24.15 16.16 54.50
C LEU F 29 -23.62 15.13 53.50
N SER F 30 -23.18 15.60 52.34
CA SER F 30 -22.66 14.72 51.29
C SER F 30 -21.14 14.85 51.16
N SER F 31 -20.60 15.94 51.71
CA SER F 31 -19.17 16.18 51.64
C SER F 31 -18.44 15.54 52.82
N GLU F 32 -19.20 14.98 53.76
CA GLU F 32 -18.63 14.34 54.93
C GLU F 32 -18.77 12.82 54.86
N VAL F 33 -19.82 12.37 54.20
CA VAL F 33 -20.08 10.94 54.04
C VAL F 33 -19.22 10.33 52.94
N ALA F 34 -18.73 11.19 52.04
CA ALA F 34 -17.88 10.75 50.94
C ALA F 34 -16.47 10.44 51.40
N ALA F 35 -16.07 11.06 52.51
CA ALA F 35 -14.74 10.85 53.07
C ALA F 35 -14.68 9.57 53.91
N ILE F 36 -15.82 9.19 54.48
CA ILE F 36 -15.90 7.99 55.31
C ILE F 36 -15.91 6.74 54.44
N LEU F 37 -16.56 6.82 53.29
CA LEU F 37 -16.64 5.69 52.37
C LEU F 37 -15.28 5.37 51.76
N ARG F 38 -14.47 6.40 51.55
CA ARG F 38 -13.15 6.23 50.96
C ARG F 38 -12.11 5.80 51.99
N GLY F 39 -12.54 5.69 53.24
CA GLY F 39 -11.66 5.29 54.31
C GLY F 39 -10.62 6.34 54.65
N LYS F 40 -10.98 7.62 54.55
CA LYS F 40 -10.05 8.67 54.91
C LYS F 40 -9.77 8.68 56.40
N HIS F 41 -10.76 8.38 57.23
CA HIS F 41 -10.62 8.55 58.66
C HIS F 41 -9.88 7.40 59.33
N LYS F 42 -9.49 6.41 58.61
CA LYS F 42 -8.76 5.38 59.33
C LYS F 42 -7.26 5.63 59.25
N PRO F 43 -6.52 5.33 60.31
CA PRO F 43 -5.06 5.51 60.27
C PRO F 43 -4.36 4.54 59.36
N THR F 44 -4.92 3.35 59.15
CA THR F 44 -4.40 2.43 58.15
C THR F 44 -5.22 2.63 56.88
N TYR F 45 -4.57 3.12 55.83
CA TYR F 45 -5.30 3.53 54.65
C TYR F 45 -4.37 3.43 53.46
N THR F 46 -4.74 2.60 52.48
CA THR F 46 -3.96 2.40 51.29
C THR F 46 -4.90 2.67 50.12
N PRO F 47 -4.52 3.53 49.17
CA PRO F 47 -5.53 4.06 48.23
C PRO F 47 -5.97 3.10 47.15
N HIS F 48 -5.63 1.82 47.20
CA HIS F 48 -6.06 0.88 46.18
C HIS F 48 -6.66 -0.39 46.77
N VAL F 49 -7.05 -0.40 48.05
CA VAL F 49 -7.62 -1.59 48.66
C VAL F 49 -8.94 -1.33 49.36
N ASP F 50 -9.47 -0.11 49.29
CA ASP F 50 -10.86 0.24 49.65
C ASP F 50 -11.15 -0.06 51.13
N THR F 51 -10.55 0.74 52.00
CA THR F 51 -10.66 0.55 53.44
C THR F 51 -11.83 1.31 54.04
N GLY F 52 -12.92 1.50 53.30
CA GLY F 52 -14.07 2.21 53.81
C GLY F 52 -14.85 1.41 54.83
N ASP F 53 -16.12 1.81 54.99
CA ASP F 53 -17.02 1.23 55.97
C ASP F 53 -18.44 1.63 55.64
N HIS F 54 -19.38 0.70 55.84
CA HIS F 54 -20.75 0.90 55.39
C HIS F 54 -21.44 1.94 56.25
N VAL F 55 -22.09 2.89 55.61
CA VAL F 55 -22.90 3.86 56.32
C VAL F 55 -24.36 3.85 55.92
N ILE F 56 -25.24 3.98 56.90
CA ILE F 56 -26.68 3.92 56.70
C ILE F 56 -27.23 5.30 56.97
N ILE F 57 -28.04 5.81 56.06
CA ILE F 57 -28.53 7.18 56.18
C ILE F 57 -30.03 7.14 56.39
N ILE F 58 -30.49 7.73 57.49
CA ILE F 58 -31.91 7.77 57.80
C ILE F 58 -32.58 8.98 57.18
N ASN F 59 -33.76 9.33 57.70
CA ASN F 59 -34.53 10.47 57.21
C ASN F 59 -34.66 10.51 55.69
N ALA F 60 -33.70 11.14 55.03
CA ALA F 60 -33.68 11.27 53.57
C ALA F 60 -34.61 12.25 52.85
N GLU F 61 -35.52 12.86 53.62
CA GLU F 61 -36.77 13.49 53.21
C GLU F 61 -36.86 14.88 53.81
N LYS F 62 -36.29 15.03 55.01
CA LYS F 62 -36.30 16.31 55.71
C LYS F 62 -35.05 17.12 55.38
N ILE F 63 -34.16 16.53 54.58
CA ILE F 63 -32.93 17.20 54.19
C ILE F 63 -33.25 18.55 53.54
N GLU F 64 -33.15 19.62 54.32
CA GLU F 64 -33.45 20.95 53.83
C GLU F 64 -32.26 21.49 53.04
N LEU F 65 -32.51 22.57 52.33
CA LEU F 65 -31.49 23.23 51.54
C LEU F 65 -31.86 24.70 51.37
N THR F 66 -30.86 25.57 51.39
CA THR F 66 -31.10 26.99 51.53
C THR F 66 -31.33 27.64 50.18
N GLY F 67 -31.52 28.97 50.20
CA GLY F 67 -31.71 29.77 49.02
C GLY F 67 -33.02 29.46 48.32
N LYS F 68 -33.06 29.83 47.04
CA LYS F 68 -34.15 29.46 46.15
C LYS F 68 -33.93 28.12 45.47
N LYS F 69 -33.11 27.25 46.07
CA LYS F 69 -32.71 26.01 45.42
C LYS F 69 -33.84 25.01 45.30
N LEU F 70 -34.90 25.16 46.09
CA LEU F 70 -36.03 24.24 46.03
C LEU F 70 -36.81 24.34 44.73
N THR F 71 -36.67 25.44 44.00
CA THR F 71 -37.33 25.60 42.71
C THR F 71 -36.31 25.91 41.62
N ASP F 72 -35.04 25.63 41.87
CA ASP F 72 -34.00 25.96 40.90
C ASP F 72 -33.09 24.79 40.56
N LYS F 73 -32.77 23.93 41.52
CA LYS F 73 -31.78 22.88 41.30
C LYS F 73 -32.35 21.80 40.41
N ILE F 74 -32.29 22.02 39.10
CA ILE F 74 -32.92 21.13 38.13
C ILE F 74 -31.99 19.96 37.86
N TYR F 75 -32.53 18.75 37.94
CA TYR F 75 -31.75 17.55 37.70
C TYR F 75 -31.78 17.16 36.22
N TYR F 76 -30.81 16.35 35.79
CA TYR F 76 -30.75 15.93 34.40
C TYR F 76 -30.31 14.48 34.24
N ARG F 77 -31.18 13.67 33.63
CA ARG F 77 -30.89 12.26 33.38
C ARG F 77 -31.10 11.97 31.90
N HIS F 78 -30.22 12.54 31.08
CA HIS F 78 -30.30 12.37 29.63
C HIS F 78 -29.87 11.00 29.12
N THR F 79 -30.59 10.52 28.12
CA THR F 79 -30.32 9.23 27.48
C THR F 79 -29.38 9.42 26.30
N GLN F 80 -29.31 8.44 25.39
CA GLN F 80 -28.49 8.60 24.20
C GLN F 80 -29.33 8.85 22.95
N HIS F 81 -30.62 9.14 23.12
CA HIS F 81 -31.48 9.51 22.00
C HIS F 81 -31.15 10.92 21.51
N PRO F 82 -31.62 11.29 20.33
CA PRO F 82 -31.54 12.71 19.91
C PRO F 82 -32.51 13.57 20.72
N GLY F 83 -31.96 14.52 21.46
CA GLY F 83 -32.78 15.43 22.23
C GLY F 83 -33.50 14.82 23.39
N GLY F 84 -32.97 13.72 23.94
CA GLY F 84 -33.62 13.06 25.04
C GLY F 84 -33.28 13.67 26.39
N LEU F 85 -33.56 14.95 26.55
CA LEU F 85 -33.28 15.65 27.80
C LEU F 85 -34.50 15.67 28.71
N LYS F 86 -34.35 15.14 29.92
CA LYS F 86 -35.43 15.10 30.89
C LYS F 86 -35.03 15.81 32.18
N SER F 87 -35.78 16.86 32.52
CA SER F 87 -35.51 17.63 33.73
C SER F 87 -36.52 17.33 34.82
N ARG F 88 -36.08 17.46 36.08
CA ARG F 88 -36.96 17.20 37.22
C ARG F 88 -36.78 18.26 38.30
N THR F 89 -37.87 18.93 38.65
CA THR F 89 -37.84 19.97 39.67
C THR F 89 -37.34 19.43 41.00
N ALA F 90 -36.49 20.20 41.67
CA ALA F 90 -35.93 19.80 42.95
C ALA F 90 -37.04 19.43 43.94
N LEU F 91 -37.98 20.34 44.13
CA LEU F 91 -39.10 20.11 45.05
C LEU F 91 -39.84 18.83 44.70
N GLU F 92 -39.59 18.30 43.50
CA GLU F 92 -40.25 17.09 43.05
C GLU F 92 -39.39 15.86 43.34
N MET F 93 -38.11 16.07 43.59
CA MET F 93 -37.19 14.98 43.88
C MET F 93 -37.08 14.74 45.39
N ARG F 94 -37.67 15.63 46.17
CA ARG F 94 -37.63 15.53 47.62
C ARG F 94 -39.01 15.17 48.17
N THR F 95 -40.00 15.08 47.30
CA THR F 95 -41.35 14.75 47.70
C THR F 95 -41.79 13.39 47.16
N ASN F 96 -41.27 13.04 45.99
CA ASN F 96 -41.61 11.77 45.36
C ASN F 96 -40.71 10.63 45.84
N TYR F 97 -39.41 10.78 45.62
CA TYR F 97 -38.43 9.77 46.03
C TYR F 97 -37.16 10.44 46.49
N PRO F 98 -37.05 10.73 47.78
CA PRO F 98 -35.86 11.42 48.30
C PRO F 98 -34.63 10.54 48.35
N GLU F 99 -34.80 9.22 48.26
CA GLU F 99 -33.67 8.32 48.24
C GLU F 99 -32.84 8.46 46.97
N LYS F 100 -33.42 9.02 45.91
CA LYS F 100 -32.67 9.20 44.68
C LYS F 100 -31.78 10.43 44.74
N MET F 101 -32.27 11.51 45.36
CA MET F 101 -31.57 12.79 45.33
C MET F 101 -30.31 12.76 46.16
N LEU F 102 -30.29 12.00 47.25
CA LEU F 102 -29.16 12.07 48.17
C LEU F 102 -27.96 11.30 47.64
N GLU F 103 -28.16 10.10 47.13
CA GLU F 103 -27.02 9.35 46.61
C GLU F 103 -26.58 9.86 45.25
N LEU F 104 -27.42 10.62 44.56
CA LEU F 104 -26.97 11.27 43.32
C LEU F 104 -25.96 12.36 43.59
N ALA F 105 -25.93 12.90 44.81
CA ALA F 105 -24.88 13.83 45.21
C ALA F 105 -23.70 13.13 45.84
N ILE F 106 -23.88 11.92 46.36
CA ILE F 106 -22.70 11.17 46.78
C ILE F 106 -21.97 10.64 45.57
N LYS F 107 -22.70 10.38 44.49
CA LYS F 107 -22.11 9.74 43.31
C LYS F 107 -21.16 10.69 42.58
N GLY F 108 -21.37 11.99 42.71
CA GLY F 108 -20.48 12.94 42.10
C GLY F 108 -19.19 13.09 42.88
N MET F 109 -19.28 13.05 44.21
CA MET F 109 -18.11 13.34 45.03
C MET F 109 -17.20 12.13 45.18
N LEU F 110 -17.61 10.98 44.72
CA LEU F 110 -16.78 9.80 44.80
C LEU F 110 -15.83 9.76 43.60
N PRO F 111 -14.72 9.05 43.71
CA PRO F 111 -13.83 8.89 42.55
C PRO F 111 -14.48 8.09 41.45
N LYS F 112 -13.82 8.05 40.30
CA LYS F 112 -14.33 7.31 39.17
C LYS F 112 -13.52 6.04 38.97
N GLY F 113 -14.10 5.10 38.25
CA GLY F 113 -13.37 3.88 37.97
C GLY F 113 -13.97 2.67 38.67
N SER F 114 -13.13 1.68 38.96
CA SER F 114 -13.61 0.47 39.62
C SER F 114 -13.91 0.72 41.09
N LEU F 115 -12.96 1.32 41.82
CA LEU F 115 -13.19 1.60 43.22
C LEU F 115 -14.20 2.70 43.44
N GLY F 116 -14.49 3.50 42.44
CA GLY F 116 -15.56 4.46 42.59
C GLY F 116 -16.95 3.86 42.61
N ARG F 117 -17.07 2.59 42.22
CA ARG F 117 -18.33 1.90 42.33
C ARG F 117 -18.27 0.70 43.24
N GLN F 118 -17.08 0.34 43.73
CA GLN F 118 -17.01 -0.53 44.89
C GLN F 118 -17.41 0.22 46.15
N MET F 119 -17.02 1.49 46.24
CA MET F 119 -17.36 2.29 47.41
C MET F 119 -18.83 2.63 47.44
N PHE F 120 -19.43 2.89 46.29
CA PHE F 120 -20.83 3.29 46.25
C PHE F 120 -21.77 2.15 46.60
N LYS F 121 -21.30 0.90 46.55
CA LYS F 121 -22.11 -0.20 47.04
C LYS F 121 -22.32 -0.13 48.55
N LYS F 122 -21.42 0.51 49.27
CA LYS F 122 -21.54 0.57 50.72
C LYS F 122 -22.59 1.55 51.18
N LEU F 123 -23.02 2.47 50.33
CA LEU F 123 -24.01 3.44 50.73
C LEU F 123 -25.39 2.82 50.73
N ASN F 124 -26.11 2.97 51.84
CA ASN F 124 -27.49 2.52 51.95
C ASN F 124 -28.30 3.67 52.51
N VAL F 125 -29.22 4.18 51.69
CA VAL F 125 -30.08 5.29 52.11
C VAL F 125 -31.54 4.89 52.08
N TYR F 126 -32.20 4.95 53.23
CA TYR F 126 -33.61 4.61 53.34
C TYR F 126 -34.45 5.79 53.83
N ARG F 127 -35.72 5.79 53.47
CA ARG F 127 -36.62 6.86 53.87
C ARG F 127 -37.17 6.62 55.27
N GLY F 128 -37.03 7.62 56.14
CA GLY F 128 -37.50 7.52 57.50
C GLY F 128 -36.49 6.85 58.42
N SER F 129 -36.84 6.74 59.70
CA SER F 129 -35.96 6.12 60.68
C SER F 129 -36.31 4.64 60.87
N GLU F 130 -36.10 3.84 59.82
CA GLU F 130 -36.40 2.42 59.88
C GLU F 130 -35.44 1.62 58.99
N HIS F 131 -34.23 1.42 59.49
CA HIS F 131 -33.22 0.66 58.75
C HIS F 131 -33.25 -0.81 59.16
N PRO F 132 -33.46 -1.71 58.19
CA PRO F 132 -33.51 -3.15 58.47
C PRO F 132 -32.13 -3.81 58.51
N HIS F 133 -31.24 -3.26 59.33
CA HIS F 133 -29.88 -3.79 59.39
C HIS F 133 -29.43 -4.00 60.82
N GLU F 134 -30.36 -4.39 61.69
CA GLU F 134 -30.03 -4.56 63.10
C GLU F 134 -29.08 -5.72 63.36
N ALA F 135 -29.04 -6.70 62.45
CA ALA F 135 -28.23 -7.89 62.66
C ALA F 135 -26.74 -7.64 62.52
N GLN F 136 -26.33 -6.47 62.06
CA GLN F 136 -24.91 -6.16 61.96
C GLN F 136 -24.44 -5.20 63.02
N LYS F 137 -25.33 -4.81 63.95
CA LYS F 137 -25.11 -3.92 65.08
C LYS F 137 -24.48 -2.60 64.66
N PRO F 138 -25.23 -1.71 64.01
CA PRO F 138 -24.63 -0.45 63.59
C PRO F 138 -24.54 0.54 64.74
N GLU F 139 -23.42 1.27 64.78
CA GLU F 139 -23.21 2.28 65.79
C GLU F 139 -23.89 3.57 65.38
N VAL F 140 -23.70 4.61 66.18
CA VAL F 140 -24.08 5.96 65.81
C VAL F 140 -22.83 6.82 65.79
N TYR F 141 -22.60 7.50 64.67
CA TYR F 141 -21.44 8.36 64.51
C TYR F 141 -21.94 9.74 64.12
N GLU F 142 -21.64 10.74 64.93
CA GLU F 142 -22.10 12.09 64.68
C GLU F 142 -21.05 12.87 63.91
N LEU F 143 -21.51 13.72 63.00
CA LEU F 143 -20.62 14.46 62.11
C LEU F 143 -19.76 15.44 62.88
N ARG F 144 -18.49 15.52 62.48
CA ARG F 144 -17.62 16.56 63.02
C ARG F 144 -18.06 17.93 62.55
N MET G 1 -63.70 7.09 -7.19
CA MET G 1 -62.37 7.63 -7.00
C MET G 1 -61.96 8.52 -8.16
N ILE G 2 -62.02 9.83 -7.96
CA ILE G 2 -61.68 10.81 -8.97
C ILE G 2 -60.53 11.66 -8.47
N GLN G 3 -59.40 11.56 -9.15
CA GLN G 3 -58.19 12.25 -8.78
C GLN G 3 -58.16 13.61 -9.49
N GLN G 4 -57.14 14.42 -9.20
CA GLN G 4 -56.74 15.52 -10.07
C GLN G 4 -56.41 14.98 -11.46
N GLU G 5 -56.73 15.76 -12.50
CA GLU G 5 -56.50 15.44 -13.91
C GLU G 5 -57.22 14.14 -14.30
N THR G 6 -58.54 14.25 -14.27
CA THR G 6 -59.43 13.12 -14.52
C THR G 6 -60.62 13.59 -15.32
N ARG G 7 -60.76 13.10 -16.54
CA ARG G 7 -61.76 13.63 -17.45
C ARG G 7 -63.14 13.05 -17.13
N LEU G 8 -64.09 13.93 -16.85
CA LEU G 8 -65.43 13.57 -16.40
C LEU G 8 -66.44 14.13 -17.38
N LYS G 9 -67.41 13.33 -17.79
CA LYS G 9 -68.42 13.88 -18.65
C LYS G 9 -69.49 14.60 -17.83
N VAL G 10 -70.21 15.50 -18.48
CA VAL G 10 -71.29 16.24 -17.84
C VAL G 10 -72.53 15.37 -17.93
N ALA G 11 -73.59 15.70 -17.17
CA ALA G 11 -74.83 14.95 -17.31
C ALA G 11 -76.09 15.83 -17.25
N ASP G 12 -75.98 17.11 -17.59
CA ASP G 12 -77.16 17.98 -17.62
C ASP G 12 -77.11 18.89 -18.84
N ASN G 13 -78.16 19.69 -19.02
CA ASN G 13 -78.24 20.64 -20.12
C ASN G 13 -77.64 21.99 -19.74
N SER G 14 -76.39 21.99 -19.26
CA SER G 14 -75.72 23.26 -19.05
C SER G 14 -75.20 23.81 -20.37
N GLY G 15 -74.61 22.96 -21.19
CA GLY G 15 -73.88 23.37 -22.36
C GLY G 15 -72.45 22.90 -22.38
N ALA G 16 -71.95 22.34 -21.28
CA ALA G 16 -70.63 21.74 -21.28
C ALA G 16 -70.68 20.38 -21.97
N ARG G 17 -69.50 19.89 -22.34
CA ARG G 17 -69.38 18.51 -22.82
C ARG G 17 -68.43 17.69 -21.97
N GLU G 18 -67.19 18.15 -21.79
CA GLU G 18 -66.19 17.42 -21.03
C GLU G 18 -65.69 18.33 -19.91
N VAL G 19 -65.09 17.73 -18.89
CA VAL G 19 -64.64 18.42 -17.70
C VAL G 19 -63.30 17.83 -17.30
N LEU G 20 -62.33 18.69 -17.01
CA LEU G 20 -61.10 18.27 -16.34
C LEU G 20 -61.12 18.80 -14.91
N THR G 21 -60.65 18.01 -13.97
CA THR G 21 -60.65 18.47 -12.59
C THR G 21 -59.49 19.41 -12.34
N ILE G 22 -59.58 20.13 -11.23
CA ILE G 22 -58.46 20.96 -10.76
C ILE G 22 -58.07 20.51 -9.36
N LYS G 23 -59.01 20.62 -8.41
CA LYS G 23 -58.78 20.11 -7.08
C LYS G 23 -60.11 19.82 -6.41
N VAL G 24 -60.05 19.25 -5.21
CA VAL G 24 -61.25 18.91 -4.46
C VAL G 24 -61.58 20.01 -3.44
N LEU G 25 -62.85 20.40 -3.39
CA LEU G 25 -63.29 21.43 -2.47
C LEU G 25 -63.46 20.88 -1.06
N GLY G 26 -63.72 19.57 -0.96
CA GLY G 26 -63.90 18.92 0.32
C GLY G 26 -62.75 19.18 1.27
N GLY G 27 -62.88 20.23 2.08
CA GLY G 27 -61.84 20.58 3.04
C GLY G 27 -60.48 20.72 2.40
N SER G 28 -59.49 20.05 2.96
CA SER G 28 -58.13 20.09 2.44
C SER G 28 -57.30 18.91 2.93
N GLY G 29 -56.67 18.20 1.99
CA GLY G 29 -55.85 17.06 2.32
C GLY G 29 -56.22 15.83 1.49
N ARG G 30 -57.51 15.65 1.25
CA ARG G 30 -58.00 14.52 0.47
C ARG G 30 -57.59 14.63 -1.00
N LYS G 31 -57.09 13.54 -1.55
CA LYS G 31 -56.67 13.52 -2.95
C LYS G 31 -57.79 13.02 -3.86
N THR G 32 -58.42 11.92 -3.46
CA THR G 32 -59.51 11.34 -4.23
C THR G 32 -60.83 12.00 -3.85
N ALA G 33 -61.90 11.62 -4.55
CA ALA G 33 -63.22 12.18 -4.28
C ALA G 33 -64.25 11.20 -4.81
N ASN G 34 -64.95 10.51 -3.92
CA ASN G 34 -65.71 9.35 -4.37
C ASN G 34 -67.08 9.70 -4.93
N ILE G 35 -68.02 10.12 -4.08
CA ILE G 35 -69.38 10.44 -4.49
C ILE G 35 -69.90 11.56 -3.60
N GLY G 36 -70.50 12.59 -4.21
CA GLY G 36 -71.09 13.68 -3.48
C GLY G 36 -70.16 14.83 -3.21
N ASP G 37 -68.88 14.69 -3.52
CA ASP G 37 -67.93 15.76 -3.30
C ASP G 37 -68.08 16.81 -4.39
N VAL G 38 -67.56 18.01 -4.10
CA VAL G 38 -67.65 19.16 -4.98
C VAL G 38 -66.26 19.47 -5.50
N ILE G 39 -66.16 19.82 -6.78
CA ILE G 39 -64.88 20.03 -7.44
C ILE G 39 -64.93 21.32 -8.24
N VAL G 40 -63.74 21.77 -8.64
CA VAL G 40 -63.57 22.94 -9.48
C VAL G 40 -63.07 22.47 -10.84
N CYS G 41 -63.69 22.97 -11.90
CA CYS G 41 -63.61 22.36 -13.22
C CYS G 41 -63.24 23.37 -14.28
N THR G 42 -62.40 22.97 -15.22
CA THR G 42 -62.13 23.74 -16.43
C THR G 42 -62.70 22.99 -17.61
N VAL G 43 -63.81 23.50 -18.16
CA VAL G 43 -64.53 22.80 -19.22
C VAL G 43 -63.72 22.84 -20.50
N LYS G 44 -63.42 21.65 -21.04
CA LYS G 44 -62.62 21.57 -22.27
C LYS G 44 -63.48 21.77 -23.51
N GLN G 45 -64.43 20.88 -23.72
CA GLN G 45 -65.29 20.94 -24.90
C GLN G 45 -66.69 21.34 -24.48
N ALA G 46 -67.42 21.97 -25.41
CA ALA G 46 -68.74 22.46 -25.10
C ALA G 46 -69.54 22.60 -26.38
N THR G 47 -70.83 22.30 -26.30
CA THR G 47 -71.73 22.65 -27.37
C THR G 47 -71.89 24.17 -27.43
N PRO G 48 -72.10 24.75 -28.62
CA PRO G 48 -72.20 26.21 -28.71
C PRO G 48 -73.43 26.79 -28.02
N GLY G 49 -74.56 26.10 -28.04
CA GLY G 49 -75.73 26.61 -27.35
C GLY G 49 -75.81 26.15 -25.92
N GLY G 50 -75.33 26.98 -24.99
CA GLY G 50 -75.28 26.59 -23.59
C GLY G 50 -74.81 27.75 -22.74
N VAL G 51 -75.01 27.60 -21.44
CA VAL G 51 -74.77 28.72 -20.52
C VAL G 51 -73.30 28.81 -20.12
N VAL G 52 -72.56 27.71 -20.18
CA VAL G 52 -71.15 27.70 -19.86
C VAL G 52 -70.37 27.48 -21.15
N LYS G 53 -69.24 28.14 -21.29
CA LYS G 53 -68.41 28.01 -22.47
C LYS G 53 -67.03 27.48 -22.09
N LYS G 54 -66.14 27.50 -23.07
CA LYS G 54 -64.79 26.95 -22.92
C LYS G 54 -63.97 27.77 -21.93
N GLY G 55 -63.07 27.08 -21.25
CA GLY G 55 -62.10 27.71 -20.37
C GLY G 55 -62.64 28.30 -19.09
N GLU G 56 -63.94 28.14 -18.80
CA GLU G 56 -64.49 28.70 -17.58
C GLU G 56 -64.11 27.85 -16.38
N VAL G 57 -64.21 28.44 -15.19
CA VAL G 57 -64.00 27.73 -13.94
C VAL G 57 -65.31 27.71 -13.18
N VAL G 58 -65.80 26.50 -12.91
CA VAL G 58 -67.14 26.28 -12.38
C VAL G 58 -67.05 25.30 -11.23
N LYS G 59 -68.22 24.95 -10.69
CA LYS G 59 -68.35 23.94 -9.64
C LYS G 59 -69.32 22.87 -10.07
N ALA G 60 -69.09 21.64 -9.61
CA ALA G 60 -69.94 20.53 -9.97
C ALA G 60 -69.82 19.44 -8.91
N VAL G 61 -70.82 18.58 -8.84
CA VAL G 61 -70.84 17.48 -7.91
C VAL G 61 -70.61 16.19 -8.70
N ILE G 62 -70.15 15.15 -8.01
CA ILE G 62 -69.87 13.85 -8.61
C ILE G 62 -71.10 12.96 -8.47
N VAL G 63 -71.53 12.39 -9.58
CA VAL G 63 -72.81 11.70 -9.64
C VAL G 63 -72.63 10.20 -9.82
N ARG G 64 -71.87 9.79 -10.83
CA ARG G 64 -71.66 8.38 -11.13
C ARG G 64 -70.17 8.10 -11.22
N THR G 65 -69.73 7.02 -10.58
CA THR G 65 -68.33 6.62 -10.62
C THR G 65 -68.28 5.10 -10.68
N LYS G 66 -67.30 4.56 -11.41
CA LYS G 66 -67.16 3.12 -11.56
C LYS G 66 -66.78 2.44 -10.25
N SER G 67 -66.11 3.18 -9.37
CA SER G 67 -65.70 2.65 -8.08
C SER G 67 -66.90 2.27 -7.23
N GLY G 68 -66.79 1.17 -6.50
CA GLY G 68 -67.87 0.70 -5.64
C GLY G 68 -68.24 1.71 -4.57
N ALA G 69 -69.54 1.96 -4.42
CA ALA G 69 -70.03 2.90 -3.42
C ALA G 69 -70.64 2.17 -2.24
N ARG G 70 -69.82 1.85 -1.25
CA ARG G 70 -70.28 1.14 -0.06
C ARG G 70 -71.62 1.69 0.44
N ARG G 71 -72.50 0.79 0.86
CA ARG G 71 -73.82 1.18 1.35
C ARG G 71 -74.02 0.69 2.78
N SER G 72 -74.92 1.35 3.51
CA SER G 72 -75.21 0.99 4.88
C SER G 72 -75.74 -0.44 4.98
N ASP G 73 -76.73 -0.75 4.17
CA ASP G 73 -77.33 -2.09 4.16
C ASP G 73 -76.27 -3.17 3.95
N GLY G 74 -75.50 -3.03 2.89
CA GLY G 74 -74.45 -3.99 2.57
C GLY G 74 -74.27 -4.18 1.08
N SER G 75 -75.04 -3.43 0.30
CA SER G 75 -74.97 -3.53 -1.16
C SER G 75 -73.88 -2.61 -1.71
N TYR G 76 -73.57 -2.78 -2.99
CA TYR G 76 -72.55 -1.97 -3.64
C TYR G 76 -72.98 -1.56 -5.04
N ILE G 77 -73.15 -0.26 -5.26
CA ILE G 77 -73.57 0.25 -6.55
C ILE G 77 -72.31 0.64 -7.30
N SER G 78 -72.15 0.14 -8.53
CA SER G 78 -71.05 0.52 -9.40
C SER G 78 -71.60 0.89 -10.76
N PHE G 79 -71.35 2.12 -11.18
CA PHE G 79 -71.76 2.59 -12.49
C PHE G 79 -70.70 2.20 -13.52
N ASP G 80 -70.85 2.69 -14.75
CA ASP G 80 -69.89 2.42 -15.81
C ASP G 80 -69.32 3.69 -16.42
N GLU G 81 -69.72 4.87 -15.93
CA GLU G 81 -69.39 6.15 -16.54
C GLU G 81 -69.11 7.16 -15.45
N ASN G 82 -67.97 7.83 -15.51
CA ASN G 82 -67.77 8.98 -14.66
C ASN G 82 -68.63 10.14 -15.15
N ALA G 83 -69.24 10.85 -14.21
CA ALA G 83 -70.21 11.87 -14.60
C ALA G 83 -70.23 12.99 -13.58
N CYS G 84 -70.77 14.12 -14.00
CA CYS G 84 -71.01 15.24 -13.10
C CYS G 84 -72.32 15.93 -13.46
N VAL G 85 -72.85 16.63 -12.47
CA VAL G 85 -73.95 17.56 -12.63
C VAL G 85 -73.46 18.91 -12.19
N ILE G 86 -73.67 19.93 -13.02
CA ILE G 86 -73.10 21.24 -12.75
C ILE G 86 -73.90 21.94 -11.66
N ILE G 87 -73.24 22.85 -10.95
CA ILE G 87 -73.80 23.46 -9.76
C ILE G 87 -73.22 24.87 -9.64
N ARG G 88 -73.89 25.73 -8.87
CA ARG G 88 -73.38 27.07 -8.57
C ARG G 88 -73.48 27.32 -7.07
N ASP G 89 -72.50 26.79 -6.33
CA ASP G 89 -72.26 27.04 -4.90
C ASP G 89 -73.49 26.87 -4.02
N ASP G 90 -74.37 25.93 -4.35
CA ASP G 90 -75.67 25.85 -3.72
C ASP G 90 -76.26 24.47 -3.94
N LYS G 91 -77.54 24.32 -3.60
CA LYS G 91 -78.35 23.23 -4.08
C LYS G 91 -78.82 23.44 -5.51
N SER G 92 -78.73 24.66 -6.02
CA SER G 92 -79.32 25.00 -7.31
C SER G 92 -78.43 24.49 -8.44
N PRO G 93 -78.92 23.60 -9.31
CA PRO G 93 -78.13 23.19 -10.47
C PRO G 93 -78.28 24.19 -11.60
N ARG G 94 -77.14 24.55 -12.20
CA ARG G 94 -77.18 25.47 -13.33
C ARG G 94 -77.79 24.81 -14.56
N GLY G 95 -77.74 23.49 -14.66
CA GLY G 95 -78.49 22.80 -15.68
C GLY G 95 -79.96 22.67 -15.33
N THR G 96 -80.77 22.46 -16.36
CA THR G 96 -82.23 22.44 -16.21
C THR G 96 -82.79 21.03 -16.11
N ARG G 97 -82.47 20.18 -17.08
CA ARG G 97 -82.82 18.77 -17.01
C ARG G 97 -81.56 17.95 -16.85
N ILE G 98 -81.70 16.76 -16.28
CA ILE G 98 -80.59 15.85 -16.05
C ILE G 98 -80.94 14.50 -16.67
N PHE G 99 -80.03 13.97 -17.47
CA PHE G 99 -80.21 12.67 -18.07
C PHE G 99 -79.39 11.62 -17.32
N GLY G 100 -79.92 10.41 -17.26
CA GLY G 100 -79.23 9.32 -16.63
C GLY G 100 -79.51 9.24 -15.14
N PRO G 101 -79.28 8.09 -14.54
CA PRO G 101 -79.64 7.90 -13.14
C PRO G 101 -78.58 8.43 -12.19
N VAL G 102 -79.04 8.79 -11.00
CA VAL G 102 -78.22 9.31 -9.93
C VAL G 102 -78.26 8.29 -8.79
N ALA G 103 -77.17 8.22 -8.03
CA ALA G 103 -77.15 7.37 -6.85
C ALA G 103 -78.06 7.93 -5.76
N ARG G 104 -78.45 7.05 -4.83
CA ARG G 104 -79.23 7.43 -3.65
C ARG G 104 -78.34 7.99 -2.54
N GLU G 105 -77.02 8.03 -2.75
CA GLU G 105 -76.11 8.66 -1.80
C GLU G 105 -76.35 10.16 -1.67
N LEU G 106 -76.99 10.81 -2.66
CA LEU G 106 -77.32 12.22 -2.53
C LEU G 106 -78.46 12.49 -1.55
N ARG G 107 -79.14 11.46 -1.07
CA ARG G 107 -80.27 11.65 -0.16
C ARG G 107 -79.81 12.13 1.21
N GLU G 108 -78.60 11.77 1.63
CA GLU G 108 -78.17 12.13 2.98
C GLU G 108 -77.82 13.61 3.07
N ASN G 109 -77.21 14.16 2.04
CA ASN G 109 -76.94 15.57 2.00
C ASN G 109 -78.15 16.30 1.42
N ASN G 110 -78.24 17.61 1.69
CA ASN G 110 -79.38 18.37 1.20
C ASN G 110 -79.26 18.70 -0.29
N PHE G 111 -79.24 17.67 -1.13
CA PHE G 111 -79.10 17.82 -2.57
C PHE G 111 -80.41 17.60 -3.30
N MET G 112 -81.55 17.85 -2.63
CA MET G 112 -82.83 17.42 -3.15
C MET G 112 -83.33 18.22 -4.35
N LYS G 113 -82.61 19.27 -4.77
CA LYS G 113 -82.94 19.87 -6.05
C LYS G 113 -82.50 18.98 -7.21
N ILE G 114 -81.44 18.20 -7.01
CA ILE G 114 -80.96 17.31 -8.07
C ILE G 114 -81.93 16.15 -8.25
N VAL G 115 -82.22 15.43 -7.16
CA VAL G 115 -83.00 14.21 -7.26
C VAL G 115 -84.48 14.46 -7.53
N SER G 116 -84.92 15.71 -7.43
CA SER G 116 -86.24 16.06 -7.93
C SER G 116 -86.25 16.21 -9.44
N LEU G 117 -85.08 16.28 -10.07
CA LEU G 117 -84.97 16.44 -11.51
C LEU G 117 -84.35 15.23 -12.20
N ALA G 118 -84.03 14.19 -11.46
CA ALA G 118 -83.49 12.99 -12.06
C ALA G 118 -84.60 12.19 -12.74
N PRO G 119 -84.27 11.39 -13.76
CA PRO G 119 -85.27 10.48 -14.33
C PRO G 119 -85.67 9.39 -13.35
N GLU G 120 -84.69 8.71 -12.79
CA GLU G 120 -84.92 7.74 -11.73
C GLU G 120 -83.65 7.64 -10.91
N VAL G 121 -83.74 7.95 -9.63
CA VAL G 121 -82.61 7.82 -8.73
C VAL G 121 -82.47 6.36 -8.31
N ILE G 122 -81.34 5.77 -8.64
CA ILE G 122 -81.02 4.43 -8.18
C ILE G 122 -80.64 4.52 -6.72
N MET H 1 63.46 -2.45 16.98
CA MET H 1 62.00 -2.46 16.97
C MET H 1 61.47 -3.84 16.59
N LYS H 2 60.48 -4.33 17.33
CA LYS H 2 59.83 -5.58 16.99
C LYS H 2 58.53 -5.32 16.26
N LEU H 3 58.06 -6.34 15.55
CA LEU H 3 56.92 -6.18 14.66
C LEU H 3 55.58 -6.32 15.37
N HIS H 4 55.56 -6.76 16.63
CA HIS H 4 54.31 -6.77 17.37
C HIS H 4 53.92 -5.37 17.83
N GLU H 5 54.83 -4.68 18.48
CA GLU H 5 54.54 -3.43 19.17
C GLU H 5 54.96 -2.27 18.28
N LEU H 6 54.12 -1.96 17.30
CA LEU H 6 54.35 -0.82 16.42
C LEU H 6 53.49 0.34 16.90
N LYS H 7 54.00 1.04 17.90
CA LYS H 7 53.30 2.21 18.40
C LYS H 7 53.57 3.38 17.45
N PRO H 8 52.54 3.98 16.87
CA PRO H 8 52.75 5.14 16.01
C PRO H 8 53.10 6.38 16.82
N SER H 9 53.46 7.43 16.11
CA SER H 9 53.73 8.70 16.75
C SER H 9 52.43 9.40 17.10
N GLU H 10 52.41 10.06 18.25
CA GLU H 10 51.19 10.65 18.78
C GLU H 10 50.80 11.87 17.96
N GLY H 11 49.60 11.83 17.39
CA GLY H 11 49.15 12.87 16.50
C GLY H 11 49.57 12.70 15.06
N SER H 12 50.34 11.67 14.74
CA SER H 12 50.72 11.42 13.37
C SER H 12 49.60 10.75 12.58
N ARG H 13 48.63 10.18 13.27
CA ARG H 13 47.50 9.52 12.63
C ARG H 13 46.21 10.13 13.14
N LYS H 14 45.18 10.01 12.33
CA LYS H 14 43.86 10.47 12.71
C LYS H 14 42.83 9.58 12.04
N THR H 15 41.76 9.27 12.74
CA THR H 15 40.71 8.47 12.15
C THR H 15 39.83 9.33 11.28
N ARG H 16 39.31 8.73 10.21
CA ARG H 16 38.50 9.46 9.26
C ARG H 16 37.15 9.78 9.85
N ASN H 17 36.73 11.03 9.74
CA ASN H 17 35.38 11.42 10.10
C ASN H 17 34.42 10.83 9.08
N ARG H 18 33.76 9.73 9.45
CA ARG H 18 32.84 9.04 8.55
C ARG H 18 31.46 9.65 8.71
N VAL H 19 30.93 10.18 7.62
CA VAL H 19 29.81 11.12 7.68
C VAL H 19 28.53 10.38 7.33
N GLY H 20 27.54 10.48 8.22
CA GLY H 20 26.24 9.92 7.95
C GLY H 20 25.94 8.57 8.53
N ARG H 21 26.75 8.07 9.46
CA ARG H 21 26.52 6.80 10.11
C ARG H 21 25.97 7.06 11.51
N GLY H 22 24.67 7.26 11.61
CA GLY H 22 24.06 7.28 12.92
C GLY H 22 24.10 8.61 13.62
N ILE H 23 23.06 8.89 14.40
CA ILE H 23 22.88 10.21 15.01
C ILE H 23 23.79 10.43 16.21
N GLY H 24 24.41 9.38 16.74
CA GLY H 24 25.20 9.55 17.94
C GLY H 24 26.54 10.21 17.74
N SER H 25 27.16 10.01 16.59
CA SER H 25 28.49 10.54 16.34
C SER H 25 28.49 12.01 16.00
N GLY H 26 27.33 12.60 15.77
CA GLY H 26 27.26 13.83 15.01
C GLY H 26 27.39 13.55 13.52
N ASN H 27 27.02 14.56 12.73
CA ASN H 27 26.83 14.44 11.27
C ASN H 27 25.89 13.29 10.94
N GLY H 28 24.78 13.21 11.68
CA GLY H 28 23.97 12.02 11.59
C GLY H 28 23.06 11.94 10.39
N LYS H 29 22.07 12.81 10.31
CA LYS H 29 21.07 12.66 9.27
C LYS H 29 21.41 13.53 8.06
N THR H 30 21.58 14.82 8.30
CA THR H 30 21.82 15.77 7.22
C THR H 30 23.29 15.89 6.87
N ALA H 31 24.13 15.01 7.42
CA ALA H 31 25.48 14.74 6.94
C ALA H 31 26.42 15.93 7.05
N GLY H 32 26.16 16.83 8.00
CA GLY H 32 27.03 17.97 8.16
C GLY H 32 26.86 19.03 7.11
N LYS H 33 25.75 19.04 6.38
CA LYS H 33 25.53 20.03 5.35
C LYS H 33 24.31 20.89 5.57
N GLY H 34 23.40 20.52 6.47
CA GLY H 34 22.28 21.36 6.78
C GLY H 34 21.19 21.33 5.72
N HIS H 35 20.05 21.86 6.09
CA HIS H 35 18.86 21.82 5.24
C HIS H 35 18.97 22.82 4.11
N LYS H 36 18.83 22.33 2.88
CA LYS H 36 18.72 23.14 1.66
C LYS H 36 19.92 24.05 1.45
N GLY H 37 21.08 23.42 1.28
CA GLY H 37 22.25 24.09 0.78
C GLY H 37 22.41 23.87 -0.70
N MET H 55 28.18 41.38 -10.28
CA MET H 55 29.44 41.16 -10.95
C MET H 55 30.58 41.02 -9.95
N PRO H 56 31.48 40.03 -10.11
CA PRO H 56 32.57 39.85 -9.15
C PRO H 56 33.60 40.97 -9.20
N LEU H 57 34.50 41.01 -8.23
CA LEU H 57 35.39 42.16 -8.08
C LEU H 57 36.45 42.18 -9.18
N PHE H 58 36.93 41.00 -9.61
CA PHE H 58 38.02 40.96 -10.57
C PHE H 58 37.57 41.34 -11.98
N GLN H 59 36.27 41.34 -12.24
CA GLN H 59 35.74 41.83 -13.50
C GLN H 59 35.26 43.27 -13.39
N ARG H 60 35.77 44.00 -12.40
CA ARG H 60 35.64 45.45 -12.33
C ARG H 60 36.98 46.16 -12.23
N LEU H 61 38.07 45.41 -12.06
CA LEU H 61 39.40 45.99 -12.03
C LEU H 61 40.03 45.90 -13.40
N PRO H 62 40.41 47.01 -14.04
CA PRO H 62 40.90 46.95 -15.41
C PRO H 62 42.29 46.35 -15.49
N LYS H 63 42.59 45.75 -16.65
CA LYS H 63 43.89 45.13 -16.86
C LYS H 63 44.97 46.20 -16.95
N ARG H 64 46.23 45.77 -16.85
CA ARG H 64 47.39 46.55 -16.43
C ARG H 64 48.53 46.46 -17.44
N GLY H 65 48.54 47.39 -18.39
CA GLY H 65 49.58 47.43 -19.41
C GLY H 65 49.77 46.11 -20.13
N PHE H 66 51.03 45.75 -20.35
CA PHE H 66 51.37 44.53 -21.08
C PHE H 66 52.57 43.82 -20.46
N THR H 67 53.06 42.80 -21.15
CA THR H 67 54.20 42.04 -20.67
C THR H 67 55.31 41.96 -21.73
N ASN H 68 56.56 41.95 -21.28
CA ASN H 68 57.69 41.88 -22.18
C ASN H 68 57.98 40.44 -22.56
N ILE H 69 58.35 40.24 -23.82
CA ILE H 69 58.54 38.89 -24.35
C ILE H 69 59.85 38.29 -23.87
N ASN H 70 60.81 39.10 -23.45
CA ASN H 70 62.11 38.58 -23.02
C ASN H 70 62.62 39.42 -21.86
N ARG H 71 62.34 38.98 -20.65
CA ARG H 71 62.87 39.62 -19.45
C ARG H 71 64.09 38.84 -18.99
N LYS H 72 65.16 39.56 -18.70
CA LYS H 72 66.42 38.97 -18.30
C LYS H 72 66.55 39.08 -16.79
N GLU H 73 66.36 37.96 -16.09
CA GLU H 73 66.46 37.92 -14.64
C GLU H 73 67.66 37.09 -14.20
N TYR H 74 68.69 37.77 -13.71
CA TYR H 74 69.90 37.11 -13.25
C TYR H 74 69.75 36.60 -11.82
N ALA H 75 70.62 35.67 -11.43
CA ALA H 75 70.59 35.11 -10.08
C ALA H 75 71.20 36.06 -9.07
N VAL H 76 70.44 36.39 -8.03
CA VAL H 76 70.90 37.33 -7.01
C VAL H 76 71.22 36.62 -5.70
N VAL H 77 72.31 37.04 -5.06
CA VAL H 77 72.73 36.45 -3.80
C VAL H 77 73.11 37.53 -2.79
N ASN H 78 72.47 37.50 -1.63
CA ASN H 78 72.75 38.47 -0.57
C ASN H 78 74.27 38.51 -0.60
N LEU H 79 74.83 39.71 -0.48
CA LEU H 79 76.24 39.92 -0.21
C LEU H 79 76.71 38.96 0.88
N ASP H 80 75.76 38.39 1.62
CA ASP H 80 76.06 37.59 2.80
C ASP H 80 76.34 36.14 2.43
N LYS H 81 76.31 35.85 1.14
CA LYS H 81 76.57 34.50 0.65
C LYS H 81 78.07 34.24 0.48
N LEU H 82 78.84 35.32 0.46
CA LEU H 82 80.28 35.22 0.31
C LEU H 82 80.99 35.22 1.66
N ASN H 83 80.20 35.26 2.73
CA ASN H 83 80.74 35.25 4.08
C ASN H 83 80.95 33.85 4.62
N GLY H 84 80.52 32.86 3.85
CA GLY H 84 80.66 31.46 4.25
C GLY H 84 81.54 30.67 3.30
N PHE H 85 82.45 31.37 2.62
CA PHE H 85 83.36 30.73 1.68
C PHE H 85 84.84 30.93 1.98
N ALA H 86 85.67 30.00 1.52
CA ALA H 86 86.99 29.64 2.02
C ALA H 86 87.99 30.77 1.76
N GLU H 87 88.06 31.20 0.51
CA GLU H 87 88.96 32.28 0.12
C GLU H 87 88.52 32.91 -1.20
N GLY H 88 88.45 34.23 -1.21
CA GLY H 88 88.03 34.96 -2.41
C GLY H 88 89.01 34.82 -3.55
N THR H 89 88.87 33.75 -4.31
CA THR H 89 89.75 33.50 -5.45
C THR H 89 89.02 32.74 -6.57
N GLU H 90 89.11 33.28 -7.78
CA GLU H 90 88.47 32.67 -8.94
C GLU H 90 87.00 32.32 -8.70
N VAL H 91 86.29 33.21 -8.01
CA VAL H 91 84.88 32.98 -7.73
C VAL H 91 84.02 33.08 -8.99
N THR H 92 84.17 32.09 -9.87
CA THR H 92 83.40 32.07 -11.11
C THR H 92 82.03 31.42 -10.88
N PRO H 93 81.00 31.92 -11.58
CA PRO H 93 79.64 31.40 -11.46
C PRO H 93 79.52 29.90 -11.66
N GLU H 94 80.45 29.27 -12.38
CA GLU H 94 80.40 27.82 -12.48
C GLU H 94 80.95 27.13 -11.23
N LEU H 95 81.44 27.88 -10.25
CA LEU H 95 81.69 27.35 -8.92
C LEU H 95 80.62 27.76 -7.92
N LEU H 96 79.94 28.89 -8.18
CA LEU H 96 78.73 29.22 -7.43
C LEU H 96 77.65 28.18 -7.67
N LEU H 97 77.53 27.68 -8.90
CA LEU H 97 76.49 26.73 -9.24
C LEU H 97 76.84 25.31 -8.84
N GLU H 98 78.12 25.00 -8.66
CA GLU H 98 78.50 23.65 -8.28
C GLU H 98 78.26 23.42 -6.79
N THR H 99 78.79 24.30 -5.95
CA THR H 99 78.56 24.19 -4.52
C THR H 99 77.11 24.49 -4.17
N GLY H 100 76.46 25.31 -4.97
CA GLY H 100 75.03 25.48 -4.89
C GLY H 100 74.56 26.66 -4.09
N VAL H 101 75.35 27.73 -4.01
CA VAL H 101 74.83 28.96 -3.45
C VAL H 101 73.77 29.55 -4.37
N ILE H 102 73.99 29.46 -5.67
CA ILE H 102 72.93 29.66 -6.65
C ILE H 102 72.36 28.31 -6.99
N SER H 103 71.03 28.21 -6.99
CA SER H 103 70.38 26.95 -7.32
C SER H 103 70.33 26.73 -8.83
N LYS H 104 70.33 27.81 -9.60
CA LYS H 104 70.28 27.71 -11.05
C LYS H 104 70.83 28.96 -11.72
N LEU H 105 71.70 28.77 -12.70
CA LEU H 105 72.31 29.88 -13.43
C LEU H 105 71.14 30.11 -14.38
N ASN H 106 70.76 31.37 -14.55
CA ASN H 106 69.91 31.84 -15.64
C ASN H 106 70.77 32.88 -16.35
N ALA H 107 70.12 33.85 -16.98
CA ALA H 107 70.74 34.77 -17.93
C ALA H 107 72.09 35.26 -17.41
N GLY H 108 72.08 35.88 -16.24
CA GLY H 108 73.30 36.40 -15.64
C GLY H 108 73.27 36.33 -14.11
N VAL H 109 74.42 36.53 -13.50
CA VAL H 109 74.54 36.48 -12.05
C VAL H 109 74.73 37.89 -11.47
N LYS H 110 73.70 38.40 -10.83
CA LYS H 110 73.75 39.74 -10.24
C LYS H 110 74.06 39.67 -8.74
N ILE H 111 74.92 40.56 -8.28
CA ILE H 111 75.29 40.61 -6.88
C ILE H 111 74.60 41.77 -6.16
N LEU H 112 73.93 41.47 -5.06
CA LEU H 112 73.22 42.50 -4.30
C LEU H 112 74.01 42.96 -3.09
N GLY H 113 73.87 44.24 -2.75
CA GLY H 113 74.57 44.81 -1.61
C GLY H 113 73.79 44.83 -0.31
N ASN H 114 73.12 43.73 0.00
CA ASN H 114 72.48 43.58 1.30
C ASN H 114 73.36 42.72 2.19
N GLY H 115 73.92 43.32 3.23
CA GLY H 115 74.79 42.60 4.12
C GLY H 115 76.19 43.16 4.20
N LYS H 116 77.02 42.57 5.06
CA LYS H 116 78.40 43.01 5.23
C LYS H 116 79.38 41.96 4.73
N LEU H 117 80.40 42.41 3.99
CA LEU H 117 81.41 41.51 3.45
C LEU H 117 82.49 41.21 4.48
N GLU H 118 83.42 40.34 4.11
CA GLU H 118 84.52 39.98 5.01
C GLU H 118 86.01 40.06 4.69
N LYS H 119 86.46 39.22 3.77
CA LYS H 119 87.75 39.36 3.10
C LYS H 119 87.58 39.59 1.60
N LYS H 120 88.70 39.58 0.88
CA LYS H 120 88.67 39.79 -0.56
C LYS H 120 88.42 38.48 -1.30
N LEU H 121 87.54 38.53 -2.29
CA LEU H 121 87.21 37.35 -3.09
C LEU H 121 86.93 37.70 -4.54
N THR H 122 87.66 37.08 -5.45
CA THR H 122 87.48 37.33 -6.88
C THR H 122 86.05 37.04 -7.29
N VAL H 123 85.35 38.08 -7.76
CA VAL H 123 83.96 37.92 -8.17
C VAL H 123 83.79 38.14 -9.68
N LYS H 124 82.98 37.29 -10.30
CA LYS H 124 82.73 37.38 -11.73
C LYS H 124 81.22 37.36 -11.92
N ALA H 125 80.65 38.51 -12.25
CA ALA H 125 79.20 38.63 -12.30
C ALA H 125 78.80 39.39 -13.55
N ASN H 126 77.58 39.16 -14.00
CA ASN H 126 77.08 39.87 -15.17
C ASN H 126 76.84 41.34 -14.85
N LYS H 127 76.15 41.61 -13.75
CA LYS H 127 75.88 42.97 -13.33
C LYS H 127 76.39 43.17 -11.90
N PHE H 128 76.19 44.37 -11.39
CA PHE H 128 76.58 44.73 -10.04
C PHE H 128 75.69 45.87 -9.58
N SER H 129 75.25 45.83 -8.33
CA SER H 129 74.63 47.01 -7.75
C SER H 129 75.72 47.99 -7.34
N ALA H 130 75.36 49.28 -7.34
CA ALA H 130 76.33 50.32 -7.03
C ALA H 130 76.78 50.23 -5.57
N SER H 131 75.85 49.97 -4.66
CA SER H 131 76.24 49.72 -3.28
C SER H 131 76.96 48.40 -3.13
N ALA H 132 76.67 47.43 -4.00
CA ALA H 132 77.39 46.17 -3.97
C ALA H 132 78.78 46.29 -4.57
N LYS H 133 79.00 47.29 -5.42
CA LYS H 133 80.29 47.43 -6.08
C LYS H 133 81.38 47.85 -5.11
N GLU H 134 81.04 48.74 -4.18
CA GLU H 134 82.06 49.28 -3.28
C GLU H 134 82.41 48.32 -2.16
N ALA H 135 81.48 47.46 -1.77
CA ALA H 135 81.71 46.59 -0.61
C ALA H 135 82.71 45.48 -0.91
N VAL H 136 82.79 45.04 -2.15
CA VAL H 136 83.85 44.11 -2.50
C VAL H 136 85.15 44.89 -2.76
N GLU H 137 85.00 46.13 -3.22
CA GLU H 137 86.14 46.97 -3.51
C GLU H 137 86.74 47.55 -2.23
N ALA H 138 86.13 47.21 -1.09
CA ALA H 138 86.60 47.69 0.20
C ALA H 138 87.29 46.59 0.99
N ALA H 139 86.87 45.35 0.74
CA ALA H 139 87.45 44.19 1.43
C ALA H 139 88.72 43.73 0.75
N GLY H 140 88.84 44.01 -0.55
CA GLY H 140 90.01 43.62 -1.31
C GLY H 140 89.69 42.62 -2.40
N GLY H 141 88.48 42.72 -2.96
CA GLY H 141 88.05 41.82 -4.01
C GLY H 141 88.01 42.50 -5.37
N THR H 142 87.97 41.69 -6.42
CA THR H 142 87.93 42.21 -7.78
C THR H 142 86.56 41.99 -8.41
N ALA H 143 86.06 43.02 -9.10
CA ALA H 143 84.77 42.93 -9.75
C ALA H 143 84.91 42.85 -11.27
N GLU H 144 85.08 41.63 -11.78
CA GLU H 144 85.24 41.42 -13.21
C GLU H 144 83.91 41.03 -13.87
N VAL H 145 83.36 41.95 -14.65
CA VAL H 145 82.10 41.70 -15.34
C VAL H 145 82.32 41.30 -16.78
N SER I 2 -48.34 -25.72 1.36
CA SER I 2 -47.77 -25.33 0.08
C SER I 2 -46.70 -26.31 -0.36
N TYR I 3 -46.64 -26.56 -1.66
CA TYR I 3 -45.68 -27.50 -2.18
C TYR I 3 -44.30 -26.88 -2.23
N ARG I 4 -43.33 -27.69 -2.58
CA ARG I 4 -41.97 -27.22 -2.72
C ARG I 4 -41.77 -26.71 -4.13
N LYS I 5 -40.53 -26.41 -4.49
CA LYS I 5 -40.20 -25.98 -5.84
C LYS I 5 -39.01 -26.69 -6.43
N LEU I 6 -38.16 -27.31 -5.60
CA LEU I 6 -37.10 -28.24 -6.00
C LEU I 6 -36.02 -27.60 -6.87
N GLY I 7 -35.94 -26.28 -6.91
CA GLY I 7 -34.88 -25.63 -7.64
C GLY I 7 -35.03 -25.63 -9.15
N ARG I 8 -36.20 -25.95 -9.67
CA ARG I 8 -36.45 -25.90 -11.10
C ARG I 8 -37.45 -24.80 -11.39
N THR I 9 -37.80 -24.66 -12.66
CA THR I 9 -38.89 -23.80 -13.04
C THR I 9 -40.18 -24.63 -13.04
N SER I 10 -41.24 -24.11 -13.64
CA SER I 10 -42.51 -24.84 -13.61
C SER I 10 -42.47 -26.06 -14.53
N ALA I 11 -41.92 -25.89 -15.72
CA ALA I 11 -42.03 -26.92 -16.75
C ALA I 11 -41.11 -28.10 -16.49
N GLN I 12 -39.96 -27.88 -15.83
CA GLN I 12 -39.13 -29.01 -15.50
C GLN I 12 -39.65 -29.75 -14.29
N ARG I 13 -40.22 -29.02 -13.33
CA ARG I 13 -40.67 -29.63 -12.08
C ARG I 13 -41.82 -30.57 -12.32
N LYS I 14 -42.72 -30.22 -13.24
CA LYS I 14 -43.75 -31.17 -13.65
C LYS I 14 -43.11 -32.34 -14.38
N ALA I 15 -42.18 -32.07 -15.27
CA ALA I 15 -41.58 -33.12 -16.07
C ALA I 15 -40.43 -33.82 -15.37
N MET I 16 -40.34 -33.73 -14.05
CA MET I 16 -39.48 -34.61 -13.27
C MET I 16 -40.30 -35.56 -12.39
N LEU I 17 -41.41 -35.07 -11.84
CA LEU I 17 -42.34 -35.97 -11.17
C LEU I 17 -43.05 -36.89 -12.14
N ARG I 18 -43.14 -36.53 -13.42
CA ARG I 18 -43.65 -37.45 -14.41
C ARG I 18 -42.68 -38.60 -14.64
N ASP I 19 -41.39 -38.37 -14.45
CA ASP I 19 -40.43 -39.44 -14.68
C ASP I 19 -40.30 -40.34 -13.47
N LEU I 20 -40.17 -39.75 -12.28
CA LEU I 20 -39.90 -40.53 -11.08
C LEU I 20 -41.08 -41.39 -10.67
N THR I 21 -42.29 -41.06 -11.10
CA THR I 21 -43.39 -42.01 -11.02
C THR I 21 -43.09 -43.24 -11.85
N THR I 22 -42.81 -43.05 -13.13
CA THR I 22 -42.69 -44.16 -14.05
C THR I 22 -41.36 -44.86 -13.98
N ASP I 23 -40.50 -44.53 -13.02
CA ASP I 23 -39.40 -45.41 -12.69
C ASP I 23 -39.60 -46.09 -11.36
N LEU I 24 -40.58 -45.64 -10.58
CA LEU I 24 -40.93 -46.30 -9.33
C LEU I 24 -41.83 -47.48 -9.57
N ILE I 25 -42.77 -47.36 -10.50
CA ILE I 25 -43.64 -48.47 -10.85
C ILE I 25 -42.85 -49.59 -11.50
N ILE I 26 -41.79 -49.25 -12.22
CA ILE I 26 -41.00 -50.28 -12.90
C ILE I 26 -40.08 -50.99 -11.92
N ASN I 27 -39.24 -50.24 -11.22
CA ASN I 27 -38.15 -50.83 -10.48
C ASN I 27 -38.44 -51.07 -9.01
N GLU I 28 -39.60 -50.62 -8.51
CA GLU I 28 -40.14 -50.89 -7.16
C GLU I 28 -39.35 -50.23 -6.01
N ARG I 29 -38.21 -49.59 -6.31
CA ARG I 29 -37.48 -48.81 -5.31
C ARG I 29 -36.50 -47.88 -6.00
N ILE I 30 -36.41 -46.65 -5.48
CA ILE I 30 -35.58 -45.59 -6.04
C ILE I 30 -34.60 -45.15 -4.94
N GLU I 31 -33.50 -44.52 -5.33
CA GLU I 31 -32.64 -43.79 -4.39
C GLU I 31 -32.48 -42.37 -4.89
N THR I 32 -33.44 -41.51 -4.57
CA THR I 32 -33.35 -40.10 -4.88
C THR I 32 -32.74 -39.36 -3.69
N THR I 33 -32.83 -38.03 -3.72
CA THR I 33 -32.58 -37.28 -2.51
C THR I 33 -33.79 -37.35 -1.61
N GLU I 34 -33.67 -36.83 -0.39
CA GLU I 34 -34.78 -36.89 0.55
C GLU I 34 -35.90 -35.94 0.13
N THR I 35 -35.56 -34.69 -0.13
CA THR I 35 -36.57 -33.67 -0.37
C THR I 35 -37.19 -33.85 -1.75
N ARG I 36 -36.51 -34.55 -2.66
CA ARG I 36 -37.20 -34.94 -3.88
C ARG I 36 -38.14 -36.10 -3.63
N ALA I 37 -37.76 -37.04 -2.76
CA ALA I 37 -38.61 -38.18 -2.48
C ALA I 37 -39.76 -37.81 -1.57
N LYS I 38 -39.51 -36.93 -0.59
CA LYS I 38 -40.53 -36.57 0.38
C LYS I 38 -41.62 -35.71 -0.21
N GLU I 39 -41.42 -35.19 -1.41
CA GLU I 39 -42.49 -34.56 -2.16
C GLU I 39 -43.00 -35.47 -3.27
N LEU I 40 -42.28 -36.55 -3.57
CA LEU I 40 -42.73 -37.49 -4.60
C LEU I 40 -43.93 -38.28 -4.13
N ARG I 41 -43.99 -38.61 -2.85
CA ARG I 41 -45.03 -39.49 -2.32
C ARG I 41 -46.37 -38.81 -2.14
N SER I 42 -46.56 -37.60 -2.64
CA SER I 42 -47.87 -37.02 -2.72
C SER I 42 -48.54 -37.28 -4.06
N VAL I 43 -47.78 -37.69 -5.06
CA VAL I 43 -48.32 -37.98 -6.38
C VAL I 43 -48.30 -39.47 -6.70
N VAL I 44 -47.30 -40.20 -6.22
CA VAL I 44 -47.26 -41.65 -6.41
C VAL I 44 -48.45 -42.32 -5.74
N GLU I 45 -48.79 -41.87 -4.54
CA GLU I 45 -50.02 -42.34 -3.91
C GLU I 45 -51.26 -41.89 -4.66
N LYS I 46 -51.19 -40.76 -5.35
CA LYS I 46 -52.33 -40.30 -6.12
C LYS I 46 -52.46 -40.98 -7.47
N MET I 47 -51.52 -41.86 -7.83
CA MET I 47 -51.65 -42.66 -9.05
C MET I 47 -52.26 -44.02 -8.76
N ILE I 48 -51.84 -44.65 -7.67
CA ILE I 48 -52.37 -45.95 -7.32
C ILE I 48 -53.82 -45.86 -6.85
N THR I 49 -54.26 -44.66 -6.45
CA THR I 49 -55.69 -44.46 -6.20
C THR I 49 -56.50 -44.63 -7.47
N LEU I 50 -56.03 -44.07 -8.58
CA LEU I 50 -56.70 -44.29 -9.85
C LEU I 50 -56.51 -45.71 -10.36
N GLY I 51 -55.46 -46.40 -9.91
CA GLY I 51 -55.29 -47.79 -10.28
C GLY I 51 -56.33 -48.69 -9.66
N LYS I 52 -56.80 -48.35 -8.47
CA LYS I 52 -57.84 -49.13 -7.82
C LYS I 52 -59.23 -48.85 -8.36
N ARG I 53 -59.38 -47.85 -9.23
CA ARG I 53 -60.70 -47.58 -9.77
C ARG I 53 -60.99 -48.44 -10.99
N GLY I 54 -60.00 -48.63 -11.86
CA GLY I 54 -60.13 -49.52 -12.99
C GLY I 54 -61.04 -49.05 -14.10
N ASP I 55 -61.46 -47.79 -14.08
CA ASP I 55 -62.29 -47.24 -15.14
C ASP I 55 -61.48 -47.07 -16.42
N LEU I 56 -62.18 -46.94 -17.54
CA LEU I 56 -61.56 -46.36 -18.71
C LEU I 56 -61.25 -44.89 -18.49
N HIS I 57 -62.12 -44.19 -17.76
CA HIS I 57 -61.92 -42.77 -17.52
C HIS I 57 -60.74 -42.52 -16.58
N ALA I 58 -60.41 -43.49 -15.74
CA ALA I 58 -59.17 -43.40 -14.99
C ALA I 58 -58.01 -44.02 -15.75
N ARG I 59 -58.29 -44.83 -16.76
CA ARG I 59 -57.23 -45.25 -17.66
C ARG I 59 -56.74 -44.09 -18.51
N ARG I 60 -57.64 -43.17 -18.86
CA ARG I 60 -57.29 -41.99 -19.63
C ARG I 60 -56.91 -40.80 -18.75
N GLN I 61 -56.46 -41.05 -17.53
CA GLN I 61 -55.85 -40.03 -16.69
C GLN I 61 -54.51 -40.46 -16.14
N ALA I 62 -54.25 -41.75 -16.03
CA ALA I 62 -52.89 -42.18 -15.83
C ALA I 62 -52.11 -42.10 -17.13
N ALA I 63 -52.81 -42.20 -18.27
CA ALA I 63 -52.14 -42.06 -19.55
C ALA I 63 -51.70 -40.64 -19.82
N ALA I 64 -52.31 -39.66 -19.17
CA ALA I 64 -51.87 -38.28 -19.24
C ALA I 64 -50.80 -37.96 -18.21
N TYR I 65 -50.27 -38.97 -17.54
CA TYR I 65 -49.27 -38.74 -16.51
C TYR I 65 -48.12 -39.71 -16.54
N ILE I 66 -48.17 -40.76 -17.34
CA ILE I 66 -47.19 -41.83 -17.26
C ILE I 66 -46.56 -42.02 -18.64
N ARG I 67 -45.22 -42.08 -18.66
CA ARG I 67 -44.47 -42.25 -19.88
C ARG I 67 -44.75 -43.60 -20.54
N ASN I 68 -44.40 -43.69 -21.82
CA ASN I 68 -44.63 -44.92 -22.57
C ASN I 68 -43.36 -45.77 -22.61
N GLU I 69 -42.85 -46.07 -21.43
CA GLU I 69 -41.67 -46.92 -21.30
C GLU I 69 -42.12 -48.36 -21.12
N VAL I 70 -41.33 -49.28 -21.66
CA VAL I 70 -41.59 -50.71 -21.44
C VAL I 70 -41.19 -51.07 -20.02
N ALA I 71 -42.18 -51.46 -19.21
CA ALA I 71 -41.90 -51.78 -17.82
C ALA I 71 -41.14 -53.08 -17.70
N ASN I 72 -41.74 -54.17 -18.19
CA ASN I 72 -41.11 -55.47 -18.21
C ASN I 72 -41.09 -55.98 -19.64
N GLU I 73 -39.99 -56.63 -20.01
CA GLU I 73 -39.90 -57.25 -21.33
C GLU I 73 -40.71 -58.54 -21.35
N GLU I 74 -40.74 -59.18 -22.52
CA GLU I 74 -41.36 -60.46 -22.91
C GLU I 74 -42.85 -60.55 -22.64
N ASN I 75 -43.50 -59.49 -22.14
CA ASN I 75 -44.94 -59.38 -22.13
C ASN I 75 -45.44 -58.21 -22.96
N ASN I 76 -44.54 -57.41 -23.51
CA ASN I 76 -44.80 -56.02 -23.88
C ASN I 76 -45.52 -55.29 -22.76
N GLN I 77 -44.98 -55.44 -21.56
CA GLN I 77 -45.62 -54.90 -20.36
C GLN I 77 -45.35 -53.40 -20.33
N ASP I 78 -46.33 -52.62 -20.77
CA ASP I 78 -46.28 -51.18 -20.62
C ASP I 78 -46.59 -50.81 -19.18
N ALA I 79 -46.13 -49.62 -18.78
CA ALA I 79 -46.27 -49.19 -17.39
C ALA I 79 -47.72 -48.91 -17.01
N LEU I 80 -48.60 -48.67 -17.97
CA LEU I 80 -50.02 -48.66 -17.66
C LEU I 80 -50.53 -50.06 -17.35
N GLN I 81 -49.96 -51.08 -17.98
CA GLN I 81 -50.42 -52.44 -17.74
C GLN I 81 -49.89 -52.97 -16.42
N LYS I 82 -48.67 -52.57 -16.04
CA LYS I 82 -48.16 -52.96 -14.74
C LYS I 82 -48.88 -52.20 -13.62
N LEU I 83 -49.43 -51.04 -13.92
CA LEU I 83 -50.17 -50.30 -12.91
C LEU I 83 -51.56 -50.88 -12.70
N PHE I 84 -52.36 -50.91 -13.76
CA PHE I 84 -53.77 -51.21 -13.63
C PHE I 84 -54.07 -52.69 -13.45
N SER I 85 -53.07 -53.56 -13.53
CA SER I 85 -53.33 -54.99 -13.48
C SER I 85 -52.43 -55.76 -12.53
N ASP I 86 -51.29 -55.20 -12.11
CA ASP I 86 -50.35 -55.93 -11.27
C ASP I 86 -50.20 -55.32 -9.89
N ILE I 87 -49.95 -54.02 -9.80
CA ILE I 87 -49.79 -53.37 -8.52
C ILE I 87 -51.15 -53.20 -7.84
N ALA I 88 -52.14 -52.71 -8.58
CA ALA I 88 -53.45 -52.41 -8.03
C ALA I 88 -54.30 -53.65 -7.74
N THR I 89 -53.75 -54.86 -7.79
CA THR I 89 -54.34 -56.03 -7.18
C THR I 89 -53.61 -56.46 -5.93
N ARG I 90 -52.41 -55.95 -5.69
CA ARG I 90 -51.69 -56.27 -4.47
C ARG I 90 -52.09 -55.35 -3.33
N TYR I 91 -52.66 -54.20 -3.64
CA TYR I 91 -53.05 -53.24 -2.61
C TYR I 91 -54.55 -52.99 -2.66
N GLU I 92 -55.34 -54.05 -2.73
CA GLU I 92 -56.79 -53.92 -2.79
C GLU I 92 -57.41 -53.68 -1.42
N GLU I 93 -56.67 -53.91 -0.34
CA GLU I 93 -57.23 -53.82 1.00
C GLU I 93 -56.71 -52.65 1.80
N ARG I 94 -55.62 -52.01 1.37
CA ARG I 94 -55.12 -50.85 2.06
C ARG I 94 -56.00 -49.65 1.77
N GLN I 95 -55.85 -48.63 2.61
CA GLN I 95 -56.46 -47.33 2.37
C GLN I 95 -55.37 -46.31 2.68
N GLY I 96 -54.59 -45.98 1.66
CA GLY I 96 -53.49 -45.05 1.82
C GLY I 96 -52.26 -45.69 2.43
N GLY I 97 -51.16 -44.96 2.38
CA GLY I 97 -49.93 -45.45 2.94
C GLY I 97 -49.26 -46.51 2.11
N TYR I 98 -49.29 -46.36 0.78
CA TYR I 98 -48.65 -47.35 -0.08
C TYR I 98 -47.14 -47.27 -0.02
N THR I 99 -46.60 -46.06 -0.05
CA THR I 99 -45.16 -45.86 -0.07
C THR I 99 -44.58 -46.00 1.32
N ARG I 100 -43.26 -45.95 1.39
CA ARG I 100 -42.54 -45.76 2.64
C ARG I 100 -41.18 -45.19 2.29
N ILE I 101 -40.65 -44.37 3.18
CA ILE I 101 -39.45 -43.58 2.91
C ILE I 101 -38.43 -43.92 3.98
N MET I 102 -37.40 -44.67 3.63
CA MET I 102 -36.30 -44.75 4.55
C MET I 102 -35.33 -43.60 4.30
N LYS I 103 -34.28 -43.53 5.10
CA LYS I 103 -33.25 -42.54 4.93
C LYS I 103 -31.90 -43.22 4.98
N LEU I 104 -30.97 -42.71 4.18
CA LEU I 104 -29.60 -43.18 4.23
C LEU I 104 -28.76 -42.02 4.70
N GLY I 105 -27.44 -42.16 4.67
CA GLY I 105 -26.57 -41.10 5.08
C GLY I 105 -26.51 -39.95 4.09
N PRO I 106 -25.48 -39.13 4.19
CA PRO I 106 -25.29 -38.06 3.21
C PRO I 106 -24.63 -38.59 1.95
N ARG I 107 -24.61 -37.76 0.93
CA ARG I 107 -24.02 -38.11 -0.35
C ARG I 107 -22.59 -37.59 -0.41
N ARG I 108 -21.72 -38.38 -1.06
CA ARG I 108 -20.31 -38.03 -1.11
C ARG I 108 -20.04 -36.83 -2.00
N GLY I 109 -20.93 -36.55 -2.94
CA GLY I 109 -20.72 -35.43 -3.85
C GLY I 109 -20.92 -34.09 -3.20
N ASP I 110 -22.13 -33.84 -2.70
CA ASP I 110 -22.43 -32.53 -2.14
C ASP I 110 -23.25 -32.63 -0.86
N GLY I 111 -23.07 -33.70 -0.10
CA GLY I 111 -23.68 -33.78 1.22
C GLY I 111 -25.18 -33.90 1.23
N ALA I 112 -25.79 -34.33 0.15
CA ALA I 112 -27.23 -34.41 0.08
C ALA I 112 -27.74 -35.60 0.88
N PRO I 113 -28.84 -35.46 1.60
CA PRO I 113 -29.43 -36.60 2.29
C PRO I 113 -30.19 -37.51 1.33
N MET I 114 -29.62 -38.69 1.07
CA MET I 114 -30.27 -39.66 0.20
C MET I 114 -31.38 -40.38 0.95
N ALA I 115 -32.28 -41.01 0.19
CA ALA I 115 -33.46 -41.62 0.78
C ALA I 115 -34.02 -42.67 -0.15
N ILE I 116 -34.04 -43.91 0.30
CA ILE I 116 -34.71 -44.98 -0.42
C ILE I 116 -36.22 -44.79 -0.29
N ILE I 117 -36.93 -44.84 -1.40
CA ILE I 117 -38.38 -44.86 -1.41
C ILE I 117 -38.83 -46.14 -2.09
N GLU I 118 -39.76 -46.86 -1.46
CA GLU I 118 -40.29 -48.08 -2.05
C GLU I 118 -41.75 -48.24 -1.65
N LEU I 119 -42.36 -49.31 -2.14
CA LEU I 119 -43.80 -49.51 -2.04
C LEU I 119 -44.12 -50.62 -1.06
N VAL I 120 -45.01 -50.32 -0.11
CA VAL I 120 -45.37 -51.25 0.95
C VAL I 120 -46.86 -51.16 1.22
N SER J 6 26.77 106.69 14.89
CA SER J 6 27.58 107.83 14.48
C SER J 6 28.98 107.41 14.05
N LYS J 7 29.86 108.37 13.84
CA LYS J 7 31.23 108.11 13.42
C LYS J 7 31.89 107.11 14.37
N ASN J 8 31.82 107.39 15.66
CA ASN J 8 32.42 106.53 16.67
C ASN J 8 31.94 105.09 16.53
N ALA J 9 30.63 104.91 16.52
CA ALA J 9 30.03 103.58 16.39
C ALA J 9 30.53 102.88 15.14
N ALA J 10 30.52 103.60 14.02
CA ALA J 10 30.98 103.05 12.74
C ALA J 10 32.41 102.53 12.87
N ARG J 11 33.28 103.38 13.40
CA ARG J 11 34.69 103.02 13.58
C ARG J 11 34.82 101.77 14.44
N LEU J 12 34.08 101.73 15.54
CA LEU J 12 34.10 100.58 16.45
C LEU J 12 33.72 99.32 15.71
N LYS J 13 32.63 99.38 14.94
CA LYS J 13 32.16 98.23 14.18
C LYS J 13 33.23 97.76 13.19
N ARG J 14 33.85 98.72 12.52
CA ARG J 14 34.91 98.42 11.56
C ARG J 14 36.04 97.66 12.24
N HIS J 15 36.44 98.17 13.40
CA HIS J 15 37.51 97.54 14.17
C HIS J 15 37.13 96.11 14.53
N ALA J 16 35.90 95.93 15.00
CA ALA J 16 35.38 94.61 15.37
C ALA J 16 35.50 93.66 14.19
N ARG J 17 35.05 94.11 13.02
CA ARG J 17 35.11 93.29 11.81
C ARG J 17 36.55 92.85 11.56
N VAL J 18 37.48 93.75 11.84
CA VAL J 18 38.90 93.48 11.66
C VAL J 18 39.43 92.65 12.83
N ARG J 19 38.81 92.79 14.01
CA ARG J 19 39.18 91.93 15.12
C ARG J 19 38.60 90.53 14.95
N ALA J 20 37.47 90.41 14.24
CA ALA J 20 36.84 89.11 14.03
C ALA J 20 37.67 88.21 13.11
N LYS J 21 38.52 88.78 12.28
CA LYS J 21 39.39 87.97 11.43
C LYS J 21 40.75 87.74 12.08
N LEU J 22 41.46 88.82 12.40
CA LEU J 22 42.80 88.71 12.95
C LEU J 22 42.77 88.98 14.46
N SER J 23 43.46 88.13 15.21
CA SER J 23 43.85 88.45 16.58
C SER J 23 45.35 88.49 16.75
N GLY J 24 46.04 87.39 16.45
CA GLY J 24 47.49 87.37 16.39
C GLY J 24 48.22 87.25 17.71
N THR J 25 47.53 87.51 18.82
CA THR J 25 48.18 87.75 20.09
C THR J 25 48.74 86.49 20.74
N ALA J 26 49.88 86.02 20.24
CA ALA J 26 50.55 84.83 20.74
C ALA J 26 52.04 85.12 20.91
N GLU J 27 52.33 86.22 21.61
CA GLU J 27 53.61 86.94 21.75
C GLU J 27 54.05 87.59 20.45
N ARG J 28 53.20 87.60 19.42
CA ARG J 28 53.29 88.50 18.28
C ARG J 28 52.07 89.40 18.38
N PRO J 29 52.06 90.39 19.28
CA PRO J 29 50.81 91.05 19.67
C PRO J 29 50.23 91.97 18.62
N ARG J 30 49.12 92.63 18.95
CA ARG J 30 48.52 93.59 18.05
C ARG J 30 48.80 95.00 18.54
N LEU J 31 48.84 95.94 17.59
CA LEU J 31 49.12 97.33 17.88
C LEU J 31 47.99 98.15 17.29
N ASN J 32 47.25 98.84 18.15
CA ASN J 32 46.10 99.59 17.69
C ASN J 32 46.40 101.08 17.65
N VAL J 33 45.67 101.77 16.78
CA VAL J 33 45.73 103.21 16.63
C VAL J 33 44.39 103.79 17.07
N PHE J 34 44.44 104.86 17.86
CA PHE J 34 43.24 105.62 18.19
C PHE J 34 43.39 107.01 17.59
N ARG J 35 42.43 107.40 16.77
CA ARG J 35 42.47 108.66 16.03
C ARG J 35 41.32 109.53 16.54
N SER J 36 41.67 110.55 17.31
CA SER J 36 40.72 111.53 17.79
C SER J 36 40.81 112.80 16.96
N ASN J 37 39.87 113.71 17.20
CA ASN J 37 39.89 115.00 16.53
C ASN J 37 41.05 115.87 17.01
N LYS J 38 41.58 115.60 18.21
CA LYS J 38 42.71 116.37 18.70
C LYS J 38 44.05 115.73 18.35
N HIS J 39 44.26 114.47 18.72
CA HIS J 39 45.53 113.84 18.37
C HIS J 39 45.37 112.32 18.32
N ILE J 40 46.45 111.66 17.91
CA ILE J 40 46.45 110.25 17.55
C ILE J 40 47.10 109.44 18.67
N TYR J 41 46.36 108.47 19.19
CA TYR J 41 46.82 107.61 20.28
C TYR J 41 47.16 106.22 19.74
N ALA J 42 48.08 105.55 20.41
CA ALA J 42 48.53 104.23 19.96
C ALA J 42 48.78 103.33 21.16
N GLN J 43 48.35 102.07 21.04
CA GLN J 43 48.54 101.07 22.08
C GLN J 43 48.92 99.73 21.49
N ILE J 44 49.86 99.06 22.14
CA ILE J 44 50.10 97.64 21.92
C ILE J 44 49.37 96.89 23.02
N ILE J 45 48.55 95.91 22.63
CA ILE J 45 47.79 95.12 23.59
C ILE J 45 47.47 93.73 23.03
N ASP J 46 47.25 92.78 23.94
CA ASP J 46 46.95 91.41 23.55
C ASP J 46 45.44 91.16 23.54
N ASP J 47 45.07 89.89 23.69
CA ASP J 47 43.66 89.51 23.70
C ASP J 47 43.20 89.11 25.10
N VAL J 48 43.72 87.99 25.59
CA VAL J 48 43.35 87.49 26.91
C VAL J 48 44.15 88.20 28.00
N ASN J 49 45.35 88.65 27.66
CA ASN J 49 46.21 89.35 28.61
C ASN J 49 45.72 90.77 28.91
N GLY J 50 45.85 91.65 27.93
CA GLY J 50 45.41 93.03 28.09
C GLY J 50 46.56 93.95 28.48
N VAL J 51 47.70 93.35 28.82
CA VAL J 51 48.87 94.12 29.21
C VAL J 51 49.37 94.99 28.06
N THR J 52 49.69 96.25 28.36
CA THR J 52 50.18 97.18 27.36
C THR J 52 51.69 97.33 27.44
N LEU J 53 52.41 96.43 26.76
CA LEU J 53 53.87 96.46 26.77
C LEU J 53 54.40 97.78 26.22
N ALA J 54 53.66 98.37 25.29
CA ALA J 54 54.07 99.64 24.68
C ALA J 54 52.83 100.49 24.48
N SER J 55 52.90 101.75 24.89
CA SER J 55 51.81 102.68 24.70
C SER J 55 52.39 104.05 24.41
N ALA J 56 52.08 104.58 23.23
CA ALA J 56 52.66 105.83 22.78
C ALA J 56 51.55 106.77 22.31
N SER J 57 51.79 108.06 22.52
CA SER J 57 50.84 109.09 22.10
C SER J 57 51.59 110.41 22.02
N THR J 58 50.94 111.40 21.40
CA THR J 58 51.48 112.74 21.37
C THR J 58 51.44 113.39 22.74
N LEU J 59 50.47 112.99 23.56
CA LEU J 59 50.22 113.63 24.86
C LEU J 59 51.31 113.20 25.84
N THR J 71 48.57 117.39 10.18
CA THR J 71 49.13 116.21 9.49
C THR J 71 50.37 115.66 10.18
N SER J 72 51.15 114.88 9.42
CA SER J 72 52.13 113.91 9.90
C SER J 72 53.30 114.44 10.73
N ALA J 73 53.27 115.72 11.10
CA ALA J 73 54.12 116.19 12.19
C ALA J 73 53.82 115.45 13.48
N ALA J 74 52.54 115.08 13.70
CA ALA J 74 52.20 114.20 14.80
C ALA J 74 52.70 112.77 14.57
N THR J 75 52.94 112.39 13.31
CA THR J 75 53.47 111.07 13.01
C THR J 75 54.98 111.03 13.20
N LYS J 76 55.65 112.19 13.24
CA LYS J 76 57.00 112.23 13.79
C LYS J 76 56.99 111.87 15.26
N VAL J 77 55.98 112.33 15.99
CA VAL J 77 55.73 111.84 17.33
C VAL J 77 55.08 110.46 17.28
N GLY J 78 54.36 110.15 16.20
CA GLY J 78 53.90 108.79 15.97
C GLY J 78 54.97 107.82 15.56
N GLU J 79 56.19 108.31 15.30
CA GLU J 79 57.34 107.45 15.11
C GLU J 79 57.85 106.88 16.44
N LEU J 80 57.48 107.52 17.56
CA LEU J 80 57.96 107.13 18.88
C LEU J 80 57.42 105.77 19.32
N VAL J 81 56.37 105.26 18.67
CA VAL J 81 55.74 104.00 19.07
C VAL J 81 56.71 102.83 18.88
N ALA J 82 57.66 102.94 17.95
CA ALA J 82 58.74 101.96 17.89
C ALA J 82 59.90 102.37 18.78
N LYS J 83 60.07 103.67 19.00
CA LYS J 83 61.13 104.14 19.89
C LYS J 83 60.83 103.78 21.34
N ARG J 84 59.55 103.68 21.70
CA ARG J 84 59.19 103.04 22.95
C ARG J 84 59.29 101.53 22.85
N ALA J 85 58.95 100.98 21.69
CA ALA J 85 59.01 99.55 21.47
C ALA J 85 60.45 99.06 21.40
N ALA J 86 61.38 100.01 21.40
CA ALA J 86 62.80 99.69 21.33
C ALA J 86 63.27 99.07 22.64
N GLU J 87 62.67 99.50 23.75
CA GLU J 87 63.03 98.99 25.06
C GLU J 87 62.91 97.47 25.10
N LYS J 88 61.79 96.95 24.61
CA LYS J 88 61.56 95.52 24.57
C LYS J 88 62.14 94.90 23.32
N GLY J 89 61.49 95.14 22.18
CA GLY J 89 61.94 94.61 20.91
C GLY J 89 62.06 93.10 20.92
N ILE J 90 60.93 92.42 21.06
CA ILE J 90 60.92 90.96 21.08
C ILE J 90 60.32 89.89 20.18
N SER J 91 59.16 90.21 19.60
CA SER J 91 58.61 89.56 18.41
C SER J 91 57.82 90.55 17.56
N ASP J 92 57.44 90.12 16.36
CA ASP J 92 56.68 90.96 15.45
C ASP J 92 55.29 91.26 15.99
N VAL J 93 54.75 92.42 15.64
CA VAL J 93 53.42 92.81 16.09
C VAL J 93 52.53 93.21 14.92
N VAL J 94 51.37 92.58 14.82
CA VAL J 94 50.42 92.86 13.75
C VAL J 94 49.78 94.23 13.92
N PHE J 95 49.70 94.98 12.83
CA PHE J 95 49.11 96.31 12.86
C PHE J 95 47.59 96.23 12.73
N ASP J 96 46.91 97.11 13.46
CA ASP J 96 45.45 97.18 13.46
C ASP J 96 45.01 98.44 12.73
N ARG J 97 44.21 98.29 11.69
CA ARG J 97 43.74 99.42 10.91
C ARG J 97 42.62 100.19 11.61
N GLY J 98 41.99 99.59 12.64
CA GLY J 98 40.85 100.21 13.29
C GLY J 98 39.68 100.36 12.33
N GLY J 99 38.91 101.41 12.53
CA GLY J 99 37.95 101.85 11.54
C GLY J 99 38.52 102.86 10.56
N TYR J 100 39.85 102.97 10.49
CA TYR J 100 40.52 103.97 9.69
C TYR J 100 41.07 103.33 8.43
N LEU J 101 40.83 103.97 7.28
CA LEU J 101 41.31 103.46 6.01
C LEU J 101 42.80 103.71 5.84
N TYR J 102 43.53 102.67 5.44
CA TYR J 102 44.98 102.78 5.25
C TYR J 102 45.31 103.89 4.26
N HIS J 103 44.96 105.12 4.62
CA HIS J 103 45.24 106.27 3.77
C HIS J 103 45.25 107.56 4.58
N GLY J 104 46.43 108.15 4.74
CA GLY J 104 46.58 109.39 5.49
C GLY J 104 47.69 109.31 6.51
N ARG J 105 47.35 109.46 7.78
CA ARG J 105 48.32 109.42 8.86
C ARG J 105 48.42 108.01 9.45
N VAL J 106 47.32 107.27 9.38
CA VAL J 106 47.29 105.90 9.91
C VAL J 106 48.22 104.99 9.12
N LYS J 107 48.30 105.21 7.82
CA LYS J 107 49.15 104.39 6.95
C LYS J 107 50.61 104.83 7.04
N ALA J 108 50.83 106.05 7.51
CA ALA J 108 52.18 106.59 7.64
C ALA J 108 52.74 106.36 9.04
N LEU J 109 51.96 105.70 9.88
CA LEU J 109 52.37 105.41 11.25
C LEU J 109 52.86 103.97 11.40
N ALA J 110 52.71 103.20 10.32
CA ALA J 110 53.13 101.80 10.33
C ALA J 110 54.56 101.65 9.83
N ASP J 111 54.84 102.24 8.67
CA ASP J 111 56.18 102.18 8.09
C ASP J 111 57.19 102.95 8.93
N ALA J 112 56.74 104.05 9.53
CA ALA J 112 57.61 104.88 10.36
C ALA J 112 58.27 104.05 11.45
N ALA J 113 57.47 103.25 12.15
CA ALA J 113 57.98 102.41 13.23
C ALA J 113 58.57 101.12 12.68
N ARG J 114 58.25 100.79 11.44
CA ARG J 114 58.75 99.58 10.80
C ARG J 114 60.25 99.66 10.58
N GLU J 115 60.73 100.85 10.20
CA GLU J 115 62.15 101.06 9.96
C GLU J 115 62.98 101.06 11.24
N ALA J 116 62.38 101.37 12.38
CA ALA J 116 63.15 101.46 13.62
C ALA J 116 63.46 100.09 14.24
N GLY J 117 62.96 98.99 13.67
CA GLY J 117 63.29 97.68 14.17
C GLY J 117 62.08 96.81 14.47
N LEU J 118 60.92 97.16 13.94
CA LEU J 118 59.71 96.39 14.09
C LEU J 118 59.35 95.73 12.77
N LYS J 119 59.04 94.44 12.82
CA LYS J 119 58.88 93.62 11.62
C LYS J 119 57.40 93.46 11.31
N PHE J 120 56.83 94.46 10.65
CA PHE J 120 55.43 94.43 10.24
C PHE J 120 55.17 95.35 9.06
N GLN K 2 -64.10 -25.01 11.60
CA GLN K 2 -65.10 -24.19 10.92
C GLN K 2 -66.50 -24.76 11.13
N LYS K 3 -66.58 -25.89 11.82
CA LYS K 3 -67.87 -26.53 12.09
C LYS K 3 -68.71 -25.71 13.06
N LEU K 4 -68.03 -25.04 13.99
CA LEU K 4 -68.72 -24.21 14.98
C LEU K 4 -69.41 -23.01 14.33
N ILE K 5 -68.72 -22.37 13.40
CA ILE K 5 -69.26 -21.21 12.71
C ILE K 5 -70.58 -21.53 12.03
N GLU K 6 -70.61 -22.61 11.26
CA GLU K 6 -71.81 -23.03 10.55
C GLU K 6 -72.98 -23.26 11.50
N ASP K 7 -72.71 -23.92 12.62
CA ASP K 7 -73.74 -24.20 13.62
C ASP K 7 -74.38 -22.94 14.18
N ILE K 8 -73.54 -21.92 14.40
CA ILE K 8 -74.03 -20.65 14.94
C ILE K 8 -74.71 -19.80 13.88
N THR K 9 -74.42 -20.08 12.61
CA THR K 9 -75.00 -19.34 11.50
C THR K 9 -76.14 -20.13 10.84
N LYS K 10 -76.89 -20.87 11.65
CA LYS K 10 -78.01 -21.66 11.14
C LYS K 10 -79.34 -21.07 11.57
N GLU K 11 -79.36 -19.77 11.83
CA GLU K 11 -80.58 -19.09 12.25
C GLU K 11 -80.99 -18.01 11.26
N GLN K 12 -80.00 -17.33 10.70
CA GLN K 12 -80.25 -16.27 9.73
C GLN K 12 -80.25 -16.80 8.30
N LEU K 13 -79.68 -17.99 8.13
CA LEU K 13 -79.61 -18.61 6.80
C LEU K 13 -81.00 -18.71 6.17
N ARG K 14 -81.15 -18.07 5.01
CA ARG K 14 -82.42 -18.08 4.30
C ARG K 14 -82.56 -19.31 3.40
N THR K 15 -83.77 -19.87 3.36
CA THR K 15 -84.05 -21.04 2.55
C THR K 15 -85.03 -20.77 1.44
N ASP K 16 -85.72 -19.62 1.46
CA ASP K 16 -86.78 -19.31 0.51
C ASP K 16 -86.28 -18.93 -0.87
N LEU K 17 -84.97 -18.83 -1.06
CA LEU K 17 -84.45 -18.44 -2.36
C LEU K 17 -84.49 -19.60 -3.34
N PRO K 18 -84.88 -19.36 -4.58
CA PRO K 18 -84.68 -20.37 -5.62
C PRO K 18 -83.21 -20.49 -6.02
N ALA K 19 -82.88 -21.47 -6.85
CA ALA K 19 -81.52 -21.63 -7.35
C ALA K 19 -81.47 -21.27 -8.82
N PHE K 20 -80.43 -20.55 -9.22
CA PHE K 20 -80.30 -20.14 -10.61
C PHE K 20 -78.84 -20.14 -11.02
N ARG K 21 -78.60 -20.41 -12.29
CA ARG K 21 -77.28 -20.32 -12.85
C ARG K 21 -76.82 -18.86 -12.91
N PRO K 22 -75.50 -18.63 -12.98
CA PRO K 22 -74.97 -17.27 -13.16
C PRO K 22 -75.51 -16.50 -14.35
N GLY K 23 -75.92 -17.16 -15.42
CA GLY K 23 -76.52 -16.39 -16.48
C GLY K 23 -78.00 -16.64 -16.64
N ASP K 24 -78.81 -15.70 -16.16
CA ASP K 24 -80.26 -15.66 -16.40
C ASP K 24 -80.73 -14.26 -16.00
N THR K 25 -82.04 -14.07 -16.02
CA THR K 25 -82.65 -12.78 -15.77
C THR K 25 -83.65 -12.91 -14.63
N LEU K 26 -83.45 -12.14 -13.57
CA LEU K 26 -84.32 -12.18 -12.41
C LEU K 26 -84.87 -10.79 -12.12
N ARG K 27 -85.56 -10.68 -10.99
CA ARG K 27 -86.23 -9.44 -10.61
C ARG K 27 -86.34 -9.43 -9.09
N VAL K 28 -85.47 -8.67 -8.43
CA VAL K 28 -85.44 -8.64 -6.97
C VAL K 28 -86.51 -7.69 -6.45
N HIS K 29 -87.17 -8.09 -5.37
CA HIS K 29 -88.02 -7.20 -4.60
C HIS K 29 -87.21 -6.75 -3.38
N VAL K 30 -86.69 -5.52 -3.43
CA VAL K 30 -85.92 -4.97 -2.33
C VAL K 30 -86.77 -3.89 -1.65
N LYS K 31 -86.58 -3.75 -0.34
CA LYS K 31 -87.33 -2.79 0.45
C LYS K 31 -86.49 -1.54 0.66
N VAL K 32 -87.12 -0.38 0.46
CA VAL K 32 -86.42 0.89 0.63
C VAL K 32 -87.00 1.72 1.77
N VAL K 33 -86.16 2.57 2.36
CA VAL K 33 -86.57 3.43 3.47
C VAL K 33 -86.04 4.84 3.27
N GLU K 34 -86.70 5.61 2.41
CA GLU K 34 -86.29 6.99 2.14
C GLU K 34 -86.66 7.91 3.30
N GLY K 35 -87.70 7.53 4.04
CA GLY K 35 -88.17 8.32 5.16
C GLY K 35 -88.91 7.48 6.17
N ASN K 36 -90.24 7.52 6.11
CA ASN K 36 -91.08 6.65 6.94
C ASN K 36 -91.83 5.62 6.10
N ARG K 37 -92.19 6.00 4.88
CA ARG K 37 -92.92 5.12 3.98
C ARG K 37 -91.99 4.05 3.42
N GLU K 38 -92.21 2.80 3.83
CA GLU K 38 -91.39 1.69 3.37
C GLU K 38 -91.79 1.24 1.96
N ARG K 39 -91.42 2.03 0.96
CA ARG K 39 -91.74 1.72 -0.41
C ARG K 39 -90.82 0.61 -0.92
N ILE K 40 -91.36 -0.25 -1.78
CA ILE K 40 -90.59 -1.30 -2.43
C ILE K 40 -90.38 -0.93 -3.89
N GLN K 41 -89.12 -0.84 -4.30
CA GLN K 41 -88.77 -0.79 -5.71
C GLN K 41 -88.38 -2.18 -6.14
N ILE K 42 -88.80 -2.58 -7.34
CA ILE K 42 -88.56 -3.92 -7.83
C ILE K 42 -87.50 -3.84 -8.93
N PHE K 43 -86.33 -4.38 -8.65
CA PHE K 43 -85.16 -4.19 -9.49
C PHE K 43 -84.90 -5.44 -10.29
N GLU K 44 -84.62 -5.27 -11.59
CA GLU K 44 -84.51 -6.36 -12.56
C GLU K 44 -83.16 -6.30 -13.24
N GLY K 45 -82.87 -7.29 -14.08
CA GLY K 45 -81.65 -7.24 -14.84
C GLY K 45 -81.08 -8.64 -15.02
N VAL K 46 -79.76 -8.69 -15.22
CA VAL K 46 -79.06 -9.91 -15.59
C VAL K 46 -78.02 -10.22 -14.52
N VAL K 47 -77.98 -11.48 -14.08
CA VAL K 47 -76.98 -11.90 -13.10
C VAL K 47 -75.61 -11.96 -13.75
N ILE K 48 -74.57 -11.80 -12.94
CA ILE K 48 -73.21 -12.00 -13.42
C ILE K 48 -72.45 -12.96 -12.52
N LYS K 49 -72.40 -12.69 -11.22
CA LYS K 49 -71.55 -13.48 -10.34
C LYS K 49 -72.37 -14.28 -9.36
N ARG K 50 -71.73 -15.28 -8.78
CA ARG K 50 -72.26 -16.02 -7.64
C ARG K 50 -71.15 -16.34 -6.65
N ARG K 51 -70.34 -15.34 -6.30
CA ARG K 51 -69.33 -15.49 -5.27
C ARG K 51 -69.98 -15.88 -3.95
N GLY K 52 -69.54 -17.02 -3.41
CA GLY K 52 -70.27 -17.63 -2.31
C GLY K 52 -69.48 -18.10 -1.11
N GLY K 53 -70.01 -19.08 -0.38
CA GLY K 53 -69.43 -19.48 0.88
C GLY K 53 -70.39 -19.59 2.04
N GLY K 54 -71.69 -19.74 1.75
CA GLY K 54 -72.65 -19.92 2.82
C GLY K 54 -73.34 -18.64 3.26
N ILE K 55 -72.81 -18.02 4.31
CA ILE K 55 -73.35 -16.74 4.78
C ILE K 55 -73.18 -15.67 3.70
N SER K 56 -72.00 -15.63 3.10
CA SER K 56 -71.58 -14.54 2.22
C SER K 56 -71.82 -14.85 0.75
N GLU K 57 -72.90 -15.53 0.42
CA GLU K 57 -73.25 -15.72 -0.99
C GLU K 57 -73.70 -14.37 -1.56
N THR K 58 -73.09 -13.97 -2.66
CA THR K 58 -73.31 -12.65 -3.26
C THR K 58 -73.62 -12.78 -4.73
N PHE K 59 -74.71 -12.20 -5.17
CA PHE K 59 -75.06 -12.14 -6.58
C PHE K 59 -75.03 -10.69 -7.03
N THR K 60 -74.59 -10.46 -8.27
CA THR K 60 -74.33 -9.12 -8.81
C THR K 60 -75.15 -8.92 -10.07
N VAL K 61 -76.25 -8.20 -9.98
CA VAL K 61 -77.09 -7.96 -11.16
C VAL K 61 -76.58 -6.73 -11.89
N ARG K 62 -76.61 -6.77 -13.22
CA ARG K 62 -76.23 -5.63 -14.05
C ARG K 62 -77.42 -5.27 -14.93
N LYS K 63 -77.93 -4.06 -14.75
CA LYS K 63 -79.08 -3.56 -15.49
C LYS K 63 -78.68 -2.32 -16.25
N ILE K 64 -79.05 -2.24 -17.52
CA ILE K 64 -78.74 -1.09 -18.36
C ILE K 64 -80.02 -0.31 -18.58
N SER K 65 -79.99 0.98 -18.25
CA SER K 65 -81.15 1.83 -18.46
C SER K 65 -80.69 3.25 -18.75
N TYR K 66 -81.35 3.89 -19.72
CA TYR K 66 -81.01 5.22 -20.24
C TYR K 66 -79.56 5.28 -20.72
N GLY K 67 -79.10 4.19 -21.34
CA GLY K 67 -77.72 4.11 -21.77
C GLY K 67 -76.69 4.00 -20.67
N VAL K 68 -77.13 3.77 -19.44
CA VAL K 68 -76.24 3.70 -18.28
C VAL K 68 -76.42 2.34 -17.61
N GLY K 69 -75.32 1.64 -17.39
CA GLY K 69 -75.34 0.33 -16.78
C GLY K 69 -74.93 0.38 -15.33
N VAL K 70 -75.80 -0.13 -14.46
CA VAL K 70 -75.56 -0.15 -13.03
C VAL K 70 -75.30 -1.59 -12.60
N GLU K 71 -74.22 -1.79 -11.85
CA GLU K 71 -73.86 -3.14 -11.39
C GLU K 71 -74.29 -3.29 -9.93
N ARG K 72 -75.60 -3.28 -9.73
CA ARG K 72 -76.18 -3.31 -8.40
C ARG K 72 -76.09 -4.72 -7.83
N THR K 73 -75.37 -4.87 -6.72
CA THR K 73 -75.10 -6.18 -6.13
C THR K 73 -75.60 -6.28 -4.70
N PHE K 74 -75.85 -7.50 -4.26
CA PHE K 74 -76.43 -7.77 -2.95
C PHE K 74 -75.79 -9.00 -2.33
N PRO K 75 -76.00 -9.26 -1.04
CA PRO K 75 -75.91 -10.63 -0.54
C PRO K 75 -77.29 -11.28 -0.54
N VAL K 76 -77.29 -12.61 -0.68
CA VAL K 76 -78.56 -13.29 -0.96
C VAL K 76 -79.41 -13.50 0.28
N HIS K 77 -78.87 -13.24 1.46
CA HIS K 77 -79.53 -13.63 2.69
C HIS K 77 -80.03 -12.45 3.50
N THR K 78 -79.92 -11.23 2.97
CA THR K 78 -80.30 -10.07 3.75
C THR K 78 -81.81 -10.00 3.89
N PRO K 79 -82.31 -9.56 5.05
CA PRO K 79 -83.76 -9.37 5.21
C PRO K 79 -84.32 -8.17 4.47
N LYS K 80 -83.47 -7.36 3.84
CA LYS K 80 -83.94 -6.33 2.94
C LYS K 80 -84.37 -6.90 1.60
N ILE K 81 -84.05 -8.15 1.31
CA ILE K 81 -84.50 -8.83 0.11
C ILE K 81 -85.80 -9.55 0.44
N ALA K 82 -86.85 -9.25 -0.28
CA ALA K 82 -88.17 -9.82 0.00
C ALA K 82 -88.44 -11.05 -0.85
N LYS K 83 -88.42 -10.90 -2.16
CA LYS K 83 -88.84 -11.96 -3.07
C LYS K 83 -87.94 -11.97 -4.29
N ILE K 84 -87.34 -13.12 -4.58
CA ILE K 84 -86.55 -13.32 -5.80
C ILE K 84 -87.39 -14.12 -6.77
N GLU K 85 -87.72 -13.52 -7.91
CA GLU K 85 -88.41 -14.21 -8.99
C GLU K 85 -87.52 -14.24 -10.21
N VAL K 86 -87.27 -15.44 -10.74
CA VAL K 86 -86.54 -15.59 -11.99
C VAL K 86 -87.54 -15.67 -13.13
N VAL K 87 -87.44 -14.74 -14.07
CA VAL K 87 -88.39 -14.71 -15.16
C VAL K 87 -87.95 -15.62 -16.30
N ARG K 88 -86.65 -15.60 -16.60
CA ARG K 88 -86.15 -16.14 -17.85
C ARG K 88 -84.81 -16.82 -17.62
N TYR K 89 -84.74 -18.11 -17.91
CA TYR K 89 -83.48 -18.82 -17.82
C TYR K 89 -82.62 -18.52 -19.04
N GLY K 90 -81.40 -19.04 -19.03
CA GLY K 90 -80.51 -18.78 -20.14
C GLY K 90 -79.39 -19.77 -20.31
N LYS K 91 -79.22 -20.28 -21.53
CA LYS K 91 -78.05 -21.10 -21.85
C LYS K 91 -76.82 -20.20 -21.92
N VAL K 92 -75.78 -20.57 -21.17
CA VAL K 92 -74.52 -19.85 -21.21
C VAL K 92 -73.44 -20.86 -20.86
N ARG K 93 -72.20 -20.50 -21.15
CA ARG K 93 -71.12 -21.47 -21.07
C ARG K 93 -70.22 -21.24 -19.86
N ARG K 94 -70.04 -20.03 -19.41
CA ARG K 94 -69.19 -19.77 -18.28
C ARG K 94 -70.03 -19.29 -17.10
N ALA K 95 -69.35 -18.99 -16.00
CA ALA K 95 -70.02 -18.66 -14.76
C ALA K 95 -69.75 -17.25 -14.28
N LYS K 96 -68.98 -16.46 -15.02
CA LYS K 96 -68.64 -15.09 -14.64
C LYS K 96 -68.76 -14.26 -15.92
N LEU K 97 -69.93 -13.69 -16.17
CA LEU K 97 -70.22 -13.05 -17.45
C LEU K 97 -69.71 -11.62 -17.48
N TYR K 98 -68.38 -11.49 -17.36
CA TYR K 98 -67.74 -10.18 -17.38
C TYR K 98 -67.57 -9.68 -18.82
N TYR K 99 -67.99 -10.50 -19.77
CA TYR K 99 -67.87 -10.15 -21.18
C TYR K 99 -69.09 -9.36 -21.65
N LEU K 100 -70.11 -9.28 -20.81
CA LEU K 100 -71.33 -8.55 -21.13
C LEU K 100 -71.29 -7.12 -20.61
N ARG K 101 -70.14 -6.74 -20.04
CA ARG K 101 -69.97 -5.39 -19.50
C ARG K 101 -69.26 -4.49 -20.50
N GLU K 102 -69.08 -4.98 -21.72
CA GLU K 102 -68.42 -4.20 -22.76
C GLU K 102 -69.26 -4.16 -24.03
N LEU K 103 -70.06 -5.20 -24.25
CA LEU K 103 -70.92 -5.28 -25.43
C LEU K 103 -72.26 -4.60 -25.18
N ARG K 104 -72.41 -3.39 -25.71
CA ARG K 104 -73.64 -2.62 -25.55
C ARG K 104 -74.43 -2.57 -26.85
N PRO L 1 37.94 -4.89 0.60
CA PRO L 1 37.20 -6.12 0.85
C PRO L 1 35.74 -5.87 1.15
N ARG L 2 34.86 -6.73 0.66
CA ARG L 2 33.45 -6.61 0.96
C ARG L 2 33.18 -7.18 2.34
N VAL L 3 32.44 -6.43 3.14
CA VAL L 3 32.04 -6.86 4.48
C VAL L 3 30.54 -7.11 4.43
N LYS L 4 30.15 -8.38 4.57
CA LYS L 4 28.74 -8.75 4.57
C LYS L 4 28.02 -8.15 5.76
N GLY L 5 28.40 -8.58 6.96
CA GLY L 5 27.82 -8.05 8.18
C GLY L 5 26.36 -8.41 8.34
N GLY L 6 26.04 -9.69 8.27
CA GLY L 6 24.69 -10.11 8.54
C GLY L 6 24.54 -10.64 9.95
N THR L 7 25.67 -10.99 10.57
CA THR L 7 25.66 -11.62 11.88
C THR L 7 25.61 -10.64 13.02
N VAL L 8 25.82 -9.35 12.77
CA VAL L 8 25.82 -8.36 13.85
C VAL L 8 24.46 -7.73 14.02
N THR L 9 23.56 -7.92 13.08
CA THR L 9 22.21 -7.38 13.20
C THR L 9 21.27 -8.39 13.84
N ARG L 10 21.65 -9.66 13.89
CA ARG L 10 20.89 -10.62 14.67
C ARG L 10 20.99 -10.31 16.16
N LYS L 11 22.21 -10.06 16.63
CA LYS L 11 22.43 -9.89 18.07
C LYS L 11 21.90 -8.56 18.57
N ARG L 12 21.92 -7.52 17.74
CA ARG L 12 21.43 -6.23 18.21
C ARG L 12 19.91 -6.20 18.26
N ARG L 13 19.25 -6.86 17.31
CA ARG L 13 17.80 -6.86 17.33
C ARG L 13 17.22 -7.83 18.33
N LYS L 14 18.01 -8.81 18.80
CA LYS L 14 17.50 -9.69 19.84
C LYS L 14 17.46 -8.97 21.18
N LYS L 15 18.45 -8.12 21.44
CA LYS L 15 18.56 -7.49 22.75
C LYS L 15 17.46 -6.47 23.00
N VAL L 16 16.81 -5.97 21.96
CA VAL L 16 15.59 -5.19 22.17
C VAL L 16 14.43 -6.11 22.47
N LEU L 17 14.28 -7.18 21.68
CA LEU L 17 13.14 -8.08 21.82
C LEU L 17 13.22 -8.98 23.05
N LYS L 18 14.28 -8.91 23.84
CA LYS L 18 14.22 -9.48 25.18
C LYS L 18 13.64 -8.48 26.16
N LEU L 19 13.97 -7.19 25.98
CA LEU L 19 13.47 -6.17 26.89
C LEU L 19 11.99 -5.91 26.73
N ALA L 20 11.40 -6.34 25.62
CA ALA L 20 9.98 -6.17 25.38
C ALA L 20 9.19 -7.42 25.72
N LYS L 21 9.78 -8.34 26.47
CA LYS L 21 9.10 -9.58 26.81
C LYS L 21 8.00 -9.30 27.83
N GLY L 22 6.78 -9.70 27.51
CA GLY L 22 5.66 -9.46 28.38
C GLY L 22 4.69 -8.42 27.89
N TYR L 23 4.92 -7.82 26.73
CA TYR L 23 4.01 -6.79 26.26
C TYR L 23 2.84 -7.43 25.54
N PHE L 24 1.74 -6.71 25.48
CA PHE L 24 0.54 -7.25 24.86
C PHE L 24 0.69 -7.27 23.35
N GLY L 25 0.10 -8.29 22.73
CA GLY L 25 -0.15 -8.26 21.31
C GLY L 25 1.10 -8.43 20.48
N SER L 26 1.10 -7.77 19.32
CA SER L 26 2.21 -7.84 18.39
C SER L 26 3.42 -7.04 18.85
N LYS L 27 3.33 -6.34 19.97
CA LYS L 27 4.41 -5.50 20.45
C LYS L 27 5.51 -6.27 21.15
N HIS L 28 5.61 -7.58 20.97
CA HIS L 28 6.74 -8.30 21.53
C HIS L 28 7.33 -9.29 20.55
N THR L 29 7.01 -9.18 19.27
CA THR L 29 7.62 -9.98 18.22
C THR L 29 8.20 -9.13 17.11
N LEU L 30 7.62 -7.97 16.85
CA LEU L 30 8.01 -7.15 15.71
C LEU L 30 9.05 -6.13 16.15
N TYR L 31 10.13 -6.02 15.38
CA TYR L 31 11.17 -5.08 15.74
C TYR L 31 10.74 -3.65 15.49
N LYS L 32 9.87 -3.43 14.51
CA LYS L 32 9.46 -2.08 14.19
C LYS L 32 8.58 -1.48 15.27
N VAL L 33 7.86 -2.31 16.01
CA VAL L 33 6.93 -1.82 17.00
C VAL L 33 7.44 -1.96 18.43
N ALA L 34 8.24 -2.99 18.71
CA ALA L 34 8.83 -3.09 20.05
C ALA L 34 9.85 -2.00 20.28
N ASN L 35 10.54 -1.55 19.24
CA ASN L 35 11.51 -0.48 19.39
C ASN L 35 10.83 0.85 19.67
N GLN L 36 9.57 1.01 19.28
CA GLN L 36 8.84 2.18 19.71
C GLN L 36 8.36 2.08 21.15
N GLN L 37 8.44 0.91 21.77
CA GLN L 37 7.94 0.76 23.12
C GLN L 37 9.03 0.57 24.15
N VAL L 38 10.23 0.18 23.75
CA VAL L 38 11.33 0.26 24.70
C VAL L 38 11.76 1.71 24.86
N MET L 39 11.54 2.54 23.85
CA MET L 39 11.86 3.96 23.98
C MET L 39 10.89 4.66 24.90
N LYS L 40 9.59 4.44 24.72
CA LYS L 40 8.61 5.08 25.59
C LYS L 40 8.49 4.42 26.95
N SER L 41 9.23 3.32 27.15
CA SER L 41 9.21 2.62 28.43
C SER L 41 10.27 3.20 29.35
N GLY L 42 11.45 3.48 28.78
CA GLY L 42 12.54 4.06 29.54
C GLY L 42 12.26 5.52 29.84
N ASN L 43 11.53 6.17 28.94
CA ASN L 43 11.17 7.57 29.09
C ASN L 43 10.06 7.73 30.12
N TYR L 44 9.26 6.69 30.27
CA TYR L 44 8.16 6.70 31.24
C TYR L 44 8.67 6.28 32.60
N ALA L 45 9.76 5.52 32.62
CA ALA L 45 10.34 5.07 33.87
C ALA L 45 11.05 6.21 34.58
N PHE L 46 11.56 7.16 33.80
CA PHE L 46 12.26 8.31 34.35
C PHE L 46 11.27 9.24 35.04
N ARG L 47 10.05 9.31 34.52
CA ARG L 47 9.01 10.14 35.09
C ARG L 47 8.31 9.43 36.24
N ASP L 48 8.14 8.12 36.11
CA ASP L 48 7.49 7.32 37.14
C ASP L 48 8.28 7.38 38.45
N ARG L 49 9.60 7.25 38.34
CA ARG L 49 10.47 7.29 39.51
C ARG L 49 10.43 8.65 40.19
N ARG L 50 10.38 9.69 39.38
CA ARG L 50 10.34 11.06 39.90
C ARG L 50 8.99 11.36 40.55
N GLN L 51 7.94 10.76 40.00
CA GLN L 51 6.59 10.96 40.52
C GLN L 51 6.33 10.08 41.73
N LYS L 52 7.15 9.05 41.90
CA LYS L 52 7.00 8.11 43.02
C LYS L 52 7.50 8.73 44.32
N LYS L 53 8.40 9.70 44.21
CA LYS L 53 8.95 10.38 45.38
C LYS L 53 7.99 11.42 45.93
N ARG L 54 7.19 12.01 45.04
CA ARG L 54 6.23 13.03 45.42
C ARG L 54 4.86 12.42 45.74
N ASP L 55 4.71 11.13 45.45
CA ASP L 55 3.45 10.44 45.69
C ASP L 55 3.40 9.89 47.12
N PHE L 56 4.40 9.11 47.49
CA PHE L 56 4.48 8.53 48.82
C PHE L 56 4.43 9.59 49.90
N ARG L 57 4.96 10.78 49.62
CA ARG L 57 4.76 11.90 50.52
C ARG L 57 3.30 12.32 50.53
N LYS L 58 2.59 12.15 49.42
CA LYS L 58 1.15 12.41 49.42
C LYS L 58 0.40 11.33 50.18
N LEU L 59 0.98 10.15 50.33
CA LEU L 59 0.31 9.10 51.10
C LEU L 59 0.45 9.34 52.59
N TRP L 60 1.66 9.66 53.04
CA TRP L 60 1.95 9.82 54.46
C TRP L 60 1.20 10.98 55.09
N ILE L 61 0.72 11.93 54.29
CA ILE L 61 -0.08 13.01 54.85
C ILE L 61 -1.44 12.49 55.28
N THR L 62 -2.13 11.78 54.40
CA THR L 62 -3.49 11.35 54.66
C THR L 62 -3.61 10.25 55.71
N ARG L 63 -2.50 9.70 56.19
CA ARG L 63 -2.57 8.86 57.37
C ARG L 63 -2.28 9.65 58.63
N ILE L 64 -1.35 10.60 58.56
CA ILE L 64 -1.10 11.47 59.70
C ILE L 64 -2.30 12.37 59.94
N ASN L 65 -2.93 12.84 58.86
CA ASN L 65 -4.08 13.72 58.99
C ASN L 65 -5.31 13.00 59.53
N ALA L 66 -5.33 11.68 59.51
CA ALA L 66 -6.40 10.96 60.17
C ALA L 66 -6.01 10.53 61.57
N ALA L 67 -4.75 10.16 61.78
CA ALA L 67 -4.33 9.72 63.10
C ALA L 67 -4.26 10.87 64.08
N ALA L 68 -3.99 12.07 63.60
CA ALA L 68 -4.06 13.23 64.46
C ALA L 68 -5.48 13.71 64.65
N ARG L 69 -6.38 13.42 63.71
CA ARG L 69 -7.75 13.87 63.81
C ARG L 69 -8.54 13.09 64.87
N MET L 70 -7.98 12.01 65.40
CA MET L 70 -8.55 11.38 66.58
C MET L 70 -8.46 12.27 67.81
N ASN L 71 -7.53 13.21 67.84
CA ASN L 71 -7.29 14.06 69.00
C ASN L 71 -7.64 15.52 68.72
N GLY L 72 -8.47 15.78 67.72
CA GLY L 72 -8.90 17.13 67.44
C GLY L 72 -7.97 17.93 66.54
N LEU L 73 -6.67 17.65 66.62
CA LEU L 73 -5.71 18.36 65.80
C LEU L 73 -5.80 17.92 64.34
N SER L 74 -5.71 18.88 63.45
CA SER L 74 -5.59 18.57 62.04
C SER L 74 -4.12 18.36 61.69
N TYR L 75 -3.81 18.27 60.41
CA TYR L 75 -2.41 18.13 60.02
C TYR L 75 -1.65 19.45 60.17
N SER L 76 -2.32 20.57 59.91
CA SER L 76 -1.66 21.86 59.94
C SER L 76 -1.23 22.22 61.36
N ARG L 77 -2.14 22.07 62.31
CA ARG L 77 -1.84 22.39 63.70
C ARG L 77 -0.87 21.37 64.29
N LEU L 78 -0.57 20.33 63.53
CA LEU L 78 0.36 19.29 63.97
C LEU L 78 1.76 19.54 63.46
N MET L 79 1.90 19.63 62.14
CA MET L 79 3.20 19.87 61.52
C MET L 79 3.79 21.21 61.96
N HIS L 80 2.94 22.22 62.04
CA HIS L 80 3.38 23.55 62.46
C HIS L 80 3.71 23.59 63.95
N GLY L 81 3.03 22.75 64.72
CA GLY L 81 3.25 22.69 66.15
C GLY L 81 4.39 21.78 66.54
N LEU L 82 4.81 20.93 65.60
CA LEU L 82 5.90 20.00 65.85
C LEU L 82 7.24 20.57 65.40
N LYS L 83 7.20 21.77 64.82
CA LYS L 83 8.42 22.43 64.35
C LYS L 83 8.77 23.63 65.24
N LEU L 84 8.03 23.79 66.33
CA LEU L 84 8.27 24.88 67.25
C LEU L 84 8.27 24.40 68.70
N SER L 85 7.35 23.50 69.02
CA SER L 85 7.25 22.95 70.36
C SER L 85 8.54 22.27 70.80
N GLY L 86 9.08 21.43 69.91
CA GLY L 86 10.31 20.71 70.20
C GLY L 86 11.10 20.38 68.94
N ILE L 87 12.18 19.62 69.12
CA ILE L 87 13.03 19.23 68.00
C ILE L 87 12.80 17.77 67.60
N GLU L 88 11.84 17.56 66.70
CA GLU L 88 11.52 16.21 66.24
C GLU L 88 11.40 16.17 64.72
N VAL L 89 12.54 16.03 64.04
CA VAL L 89 12.57 15.98 62.58
C VAL L 89 12.04 14.65 62.06
N ASN L 90 11.03 14.11 62.73
CA ASN L 90 10.44 12.85 62.30
C ASN L 90 10.01 12.89 60.84
N ARG L 91 10.62 12.03 60.03
CA ARG L 91 10.30 11.97 58.61
C ARG L 91 8.86 11.55 58.36
N LYS L 92 8.27 12.09 57.29
CA LYS L 92 6.89 11.78 56.94
C LYS L 92 6.64 10.28 56.86
N MET L 93 7.52 9.56 56.17
CA MET L 93 7.39 8.12 56.03
C MET L 93 7.89 7.39 57.27
N LEU L 94 8.70 8.08 58.07
CA LEU L 94 9.26 7.50 59.28
C LEU L 94 8.30 7.66 60.46
N ALA L 95 7.48 8.71 60.41
CA ALA L 95 6.51 8.97 61.47
C ALA L 95 5.21 8.21 61.20
N ASP L 96 4.97 7.88 59.93
CA ASP L 96 3.78 7.15 59.55
C ASP L 96 3.89 5.70 59.98
N LEU L 97 5.11 5.22 60.13
CA LEU L 97 5.36 3.84 60.56
C LEU L 97 5.09 3.68 62.05
N ALA L 98 5.25 4.78 62.80
CA ALA L 98 5.01 4.76 64.23
C ALA L 98 3.63 5.30 64.56
N VAL L 99 2.85 5.60 63.53
CA VAL L 99 1.50 6.12 63.71
C VAL L 99 0.50 4.99 63.93
N ASN L 100 0.92 3.77 63.63
CA ASN L 100 0.06 2.61 63.78
C ASN L 100 -0.37 2.41 65.23
N ASP L 101 0.55 2.63 66.16
CA ASP L 101 0.25 2.49 67.58
C ASP L 101 -0.54 3.68 68.10
N LEU L 102 -1.20 3.49 69.24
CA LEU L 102 -1.99 4.54 69.85
C LEU L 102 -1.01 5.57 70.40
N THR L 103 -0.06 5.10 71.20
CA THR L 103 0.65 5.54 72.39
C THR L 103 1.91 6.34 72.04
N ALA L 104 2.67 5.83 71.08
CA ALA L 104 3.90 6.50 70.64
C ALA L 104 3.59 7.68 69.75
N PHE L 105 2.54 7.55 68.93
CA PHE L 105 2.14 8.62 68.02
C PHE L 105 1.42 9.73 68.76
N ASN L 106 0.67 9.37 69.79
CA ASN L 106 -0.07 10.34 70.58
C ASN L 106 0.83 11.11 71.54
N GLN L 107 2.00 10.56 71.82
CA GLN L 107 2.96 11.20 72.72
C GLN L 107 3.50 12.50 72.14
N LEU L 108 3.41 12.63 70.81
CA LEU L 108 3.89 13.81 70.12
C LEU L 108 2.78 14.86 70.04
N ALA L 109 1.55 14.38 69.89
CA ALA L 109 0.39 15.27 69.80
C ALA L 109 0.18 15.99 71.13
N ASP L 110 0.38 15.28 72.22
CA ASP L 110 0.21 15.86 73.55
C ASP L 110 1.28 16.92 73.80
N ALA L 111 2.48 16.67 73.32
CA ALA L 111 3.59 17.62 73.48
C ALA L 111 3.37 18.83 72.60
N ALA L 112 2.76 18.61 71.44
CA ALA L 112 2.48 19.69 70.51
C ALA L 112 1.28 20.51 70.98
N LYS L 113 0.38 19.85 71.70
CA LYS L 113 -0.80 20.53 72.22
C LYS L 113 -0.43 21.50 73.33
N ALA L 114 0.60 21.14 74.09
CA ALA L 114 1.07 21.99 75.19
C ALA L 114 1.79 23.22 74.64
N GLN L 115 2.42 23.06 73.48
CA GLN L 115 3.14 24.14 72.84
C GLN L 115 2.20 24.99 71.99
N LEU L 116 1.03 24.45 71.71
CA LEU L 116 0.03 25.14 70.90
C LEU L 116 -0.80 26.10 71.75
N ASN L 117 -0.78 25.88 73.06
CA ASN L 117 -1.54 26.73 73.98
C ASN L 117 -0.63 27.71 74.73
N TYR M 2 13.07 -0.45 70.03
CA TYR M 2 13.28 0.01 68.67
C TYR M 2 13.45 1.52 68.61
N ALA M 3 14.33 1.98 67.72
CA ALA M 3 14.68 3.39 67.66
C ALA M 3 14.63 3.87 66.23
N ILE M 4 14.69 5.18 66.05
CA ILE M 4 14.66 5.79 64.73
C ILE M 4 15.96 6.53 64.44
N ILE M 5 17.03 5.77 64.20
CA ILE M 5 18.34 6.35 63.90
C ILE M 5 18.29 7.21 62.64
N LYS M 6 19.02 8.33 62.67
CA LYS M 6 19.06 9.24 61.53
C LYS M 6 20.44 9.27 60.90
N THR M 7 20.65 8.42 59.90
CA THR M 7 21.94 8.36 59.21
C THR M 7 21.76 8.37 57.70
N GLY M 8 22.44 9.31 57.04
CA GLY M 8 22.35 9.44 55.59
C GLY M 8 21.29 10.43 55.16
N GLY M 9 20.87 11.29 56.07
CA GLY M 9 19.86 12.28 55.79
C GLY M 9 18.49 11.68 55.54
N LYS M 10 18.22 10.57 56.21
CA LYS M 10 16.94 9.89 56.06
C LYS M 10 16.60 9.06 57.31
N GLN M 11 15.34 9.08 57.70
CA GLN M 11 14.89 8.34 58.88
C GLN M 11 14.44 6.93 58.52
N ILE M 12 14.81 5.97 59.34
CA ILE M 12 14.44 4.58 59.12
C ILE M 12 14.37 3.80 60.43
N LYS M 13 13.18 3.27 60.72
CA LYS M 13 12.98 2.50 61.95
C LYS M 13 13.94 1.32 62.04
N VAL M 14 14.48 1.09 63.23
CA VAL M 14 15.42 0.00 63.45
C VAL M 14 15.01 -0.75 64.70
N GLU M 15 14.71 -2.03 64.55
CA GLU M 15 14.57 -2.96 65.65
C GLU M 15 15.77 -3.91 65.63
N GLU M 16 16.20 -4.34 66.81
CA GLU M 16 17.35 -5.22 66.91
C GLU M 16 17.07 -6.57 66.29
N GLY M 17 18.07 -7.12 65.61
CA GLY M 17 17.91 -8.34 64.85
C GLY M 17 17.65 -8.14 63.38
N GLN M 18 17.38 -6.91 62.95
CA GLN M 18 17.15 -6.61 61.55
C GLN M 18 18.48 -6.34 60.84
N THR M 19 18.48 -6.52 59.53
CA THR M 19 19.67 -6.31 58.73
C THR M 19 19.36 -5.43 57.51
N VAL M 20 19.44 -4.12 57.68
CA VAL M 20 19.18 -3.19 56.61
C VAL M 20 20.47 -2.60 56.05
N TYR M 21 20.34 -1.75 55.03
CA TYR M 21 21.50 -1.11 54.42
C TYR M 21 21.28 0.38 54.24
N ILE M 22 22.38 1.14 54.24
CA ILE M 22 22.31 2.59 54.09
C ILE M 22 23.56 2.73 53.22
N GLU M 23 23.89 3.97 52.88
CA GLU M 23 24.59 4.50 51.71
C GLU M 23 26.01 4.95 52.05
N LYS M 24 26.99 4.19 51.56
CA LYS M 24 28.40 4.50 51.79
C LYS M 24 28.72 4.76 53.25
N LEU M 25 28.57 3.74 54.10
CA LEU M 25 28.86 3.89 55.52
C LEU M 25 30.09 3.08 55.91
N GLU M 31 33.58 -5.02 60.12
CA GLU M 31 33.78 -4.45 61.44
C GLU M 31 32.46 -3.98 62.04
N THR M 32 32.55 -3.18 63.09
CA THR M 32 31.37 -2.69 63.78
C THR M 32 31.34 -1.16 63.78
N VAL M 33 30.35 -0.59 63.10
CA VAL M 33 30.18 0.85 63.05
C VAL M 33 29.12 1.21 64.10
N THR M 34 29.03 2.50 64.41
CA THR M 34 27.97 2.99 65.29
C THR M 34 27.35 4.24 64.69
N PHE M 35 26.12 4.53 65.11
CA PHE M 35 25.42 5.74 64.71
C PHE M 35 25.11 6.54 65.95
N GLU M 36 25.30 7.85 65.88
CA GLU M 36 25.19 8.72 67.04
C GLU M 36 24.15 9.82 66.85
N ASP M 37 23.03 9.49 66.22
CA ASP M 37 21.92 10.44 66.09
C ASP M 37 20.61 9.73 66.39
N VAL M 38 20.57 9.02 67.51
CA VAL M 38 19.42 8.22 67.86
C VAL M 38 18.26 9.13 68.26
N LEU M 39 17.13 8.96 67.58
CA LEU M 39 15.88 9.58 67.98
C LEU M 39 14.88 8.50 68.34
N PHE M 40 14.03 8.80 69.32
CA PHE M 40 12.83 8.03 69.66
C PHE M 40 13.18 6.59 70.05
N VAL M 41 13.82 6.47 71.21
CA VAL M 41 14.39 5.19 71.63
C VAL M 41 13.32 4.13 71.90
N GLY M 42 12.05 4.50 72.03
CA GLY M 42 10.94 3.57 71.91
C GLY M 42 10.79 2.55 73.02
N GLY M 43 9.71 1.76 72.96
CA GLY M 43 9.48 0.74 73.95
C GLY M 43 8.93 1.29 75.26
N ASP M 44 9.78 1.99 76.01
CA ASP M 44 9.36 2.71 77.21
C ASP M 44 8.98 4.15 76.93
N ASN M 45 8.91 4.54 75.65
CA ASN M 45 8.26 5.75 75.15
C ASN M 45 8.96 7.02 75.62
N VAL M 46 10.29 7.04 75.57
CA VAL M 46 11.04 8.26 75.84
C VAL M 46 11.02 9.08 74.55
N LYS M 47 10.17 10.10 74.50
CA LYS M 47 10.01 10.88 73.29
C LYS M 47 11.19 11.81 73.06
N VAL M 48 11.10 12.57 71.98
CA VAL M 48 12.17 13.51 71.67
C VAL M 48 11.69 14.93 71.83
N GLY M 49 12.26 15.65 72.80
CA GLY M 49 12.34 17.08 72.73
C GLY M 49 13.82 17.38 72.63
N ASN M 50 14.20 18.45 71.89
CA ASN M 50 15.59 18.83 71.62
C ASN M 50 16.31 17.66 70.94
N PRO M 51 16.10 17.49 69.60
CA PRO M 51 16.60 16.31 68.85
C PRO M 51 18.02 15.84 69.08
N THR M 52 18.25 14.55 68.79
CA THR M 52 19.35 13.69 69.25
C THR M 52 19.25 13.56 70.77
N VAL M 53 18.28 12.76 71.22
CA VAL M 53 18.19 12.31 72.61
C VAL M 53 19.52 11.69 73.01
N GLU M 54 20.16 12.28 74.01
CA GLU M 54 21.52 11.93 74.37
C GLU M 54 21.56 10.64 75.17
N GLY M 55 22.76 10.06 75.25
CA GLY M 55 22.97 8.80 75.92
C GLY M 55 22.66 7.57 75.11
N ALA M 56 21.75 7.66 74.15
CA ALA M 56 21.32 6.54 73.34
C ALA M 56 22.25 6.41 72.15
N THR M 57 22.81 5.22 71.96
CA THR M 57 23.63 4.91 70.81
C THR M 57 23.30 3.53 70.28
N VAL M 58 23.60 3.32 69.01
CA VAL M 58 23.29 2.07 68.33
C VAL M 58 24.57 1.53 67.71
N THR M 59 25.05 0.40 68.24
CA THR M 59 26.12 -0.31 67.58
C THR M 59 25.56 -1.06 66.38
N ALA M 60 26.44 -1.37 65.43
CA ALA M 60 25.98 -1.92 64.16
C ALA M 60 27.11 -2.68 63.49
N LYS M 61 26.96 -3.99 63.36
CA LYS M 61 27.91 -4.78 62.60
C LYS M 61 27.59 -4.63 61.13
N VAL M 62 28.58 -4.20 60.35
CA VAL M 62 28.37 -3.93 58.94
C VAL M 62 28.79 -5.17 58.15
N GLU M 63 27.84 -5.72 57.39
CA GLU M 63 27.99 -7.06 56.86
C GLU M 63 28.64 -7.07 55.48
N LYS M 64 28.08 -6.32 54.54
CA LYS M 64 28.54 -6.41 53.16
C LYS M 64 28.39 -5.06 52.49
N GLN M 65 29.36 -4.75 51.63
CA GLN M 65 29.26 -3.62 50.71
C GLN M 65 29.05 -4.14 49.30
N GLY M 66 28.37 -3.35 48.48
CA GLY M 66 28.15 -3.78 47.11
C GLY M 66 27.42 -2.79 46.22
N ARG M 67 26.62 -3.32 45.30
CA ARG M 67 25.94 -2.52 44.29
C ARG M 67 24.46 -2.90 44.29
N ALA M 68 23.68 -2.18 43.52
CA ALA M 68 22.26 -2.49 43.40
C ALA M 68 21.99 -3.20 42.08
N LYS M 69 20.71 -3.42 41.78
CA LYS M 69 20.32 -3.92 40.48
C LYS M 69 20.37 -2.79 39.47
N LYS M 70 20.81 -3.10 38.26
CA LYS M 70 21.12 -2.06 37.29
C LYS M 70 19.87 -1.37 36.79
N ILE M 71 19.80 -0.05 36.97
CA ILE M 71 18.68 0.76 36.55
C ILE M 71 19.10 1.52 35.30
N THR M 72 18.81 0.97 34.13
CA THR M 72 19.22 1.61 32.90
C THR M 72 18.35 2.82 32.61
N VAL M 73 18.97 3.91 32.20
CA VAL M 73 18.30 5.19 32.07
C VAL M 73 18.28 5.56 30.60
N PHE M 74 17.13 5.41 29.97
CA PHE M 74 16.94 5.83 28.59
C PHE M 74 16.10 7.09 28.63
N ARG M 75 16.54 8.12 27.91
CA ARG M 75 15.78 9.35 27.79
C ARG M 75 15.86 9.80 26.36
N TYR M 76 14.74 10.22 25.79
CA TYR M 76 14.75 10.68 24.43
C TYR M 76 13.73 11.80 24.27
N LYS M 77 14.05 12.75 23.42
CA LYS M 77 13.08 13.78 23.13
C LYS M 77 12.21 13.33 21.97
N PRO M 78 10.92 13.56 21.98
CA PRO M 78 10.05 12.86 21.04
C PRO M 78 9.95 13.51 19.68
N LYS M 79 11.07 14.00 19.17
CA LYS M 79 11.30 14.44 17.81
C LYS M 79 12.80 14.69 17.80
N LYS M 80 13.32 15.43 16.83
CA LYS M 80 14.55 16.22 16.94
C LYS M 80 15.82 15.39 17.03
N ASN M 81 15.74 14.06 17.07
CA ASN M 81 16.87 13.13 17.08
C ASN M 81 17.81 13.38 18.27
N VAL M 82 17.25 13.17 19.46
CA VAL M 82 17.99 13.25 20.71
C VAL M 82 17.92 11.88 21.39
N HIS M 83 19.01 11.43 21.96
CA HIS M 83 19.02 10.19 22.72
C HIS M 83 19.91 10.35 23.93
N LYS M 84 19.75 9.45 24.89
CA LYS M 84 20.59 9.42 26.07
C LYS M 84 20.48 8.03 26.69
N LYS M 85 21.62 7.49 27.11
CA LYS M 85 21.65 6.15 27.67
C LYS M 85 22.72 6.08 28.74
N GLN M 86 22.39 5.53 29.90
CA GLN M 86 23.31 5.54 31.02
C GLN M 86 22.89 4.47 32.01
N GLY M 87 23.84 3.66 32.45
CA GLY M 87 23.59 2.65 33.46
C GLY M 87 24.02 3.15 34.82
N HIS M 88 23.40 2.62 35.87
CA HIS M 88 23.65 3.15 37.21
C HIS M 88 23.52 2.03 38.23
N ARG M 89 24.65 1.41 38.59
CA ARG M 89 24.69 0.47 39.69
C ARG M 89 24.93 1.28 40.96
N GLN M 90 23.86 1.58 41.68
CA GLN M 90 23.97 2.41 42.87
C GLN M 90 24.61 1.61 44.00
N PRO M 91 25.60 2.15 44.69
CA PRO M 91 26.23 1.42 45.79
C PRO M 91 25.35 1.42 47.03
N TYR M 92 25.61 0.44 47.88
CA TYR M 92 24.80 0.24 49.08
C TYR M 92 25.67 -0.44 50.12
N THR M 93 25.16 -0.53 51.34
CA THR M 93 25.91 -1.10 52.45
C THR M 93 24.95 -1.84 53.36
N LYS M 94 25.19 -3.14 53.54
CA LYS M 94 24.31 -3.98 54.33
C LYS M 94 24.84 -4.10 55.75
N VAL M 95 24.00 -3.79 56.71
CA VAL M 95 24.40 -3.59 58.10
C VAL M 95 23.46 -4.38 58.99
N THR M 96 24.02 -5.22 59.85
CA THR M 96 23.19 -5.88 60.86
C THR M 96 23.16 -5.02 62.12
N ILE M 97 22.16 -5.26 62.96
CA ILE M 97 21.89 -4.41 64.11
C ILE M 97 21.94 -5.25 65.38
N GLU M 98 22.76 -4.82 66.33
CA GLU M 98 22.83 -5.43 67.64
C GLU M 98 23.08 -4.35 68.67
N LYS M 99 22.62 -4.60 69.90
CA LYS M 99 22.88 -3.78 71.09
C LYS M 99 22.37 -2.34 70.91
N ILE M 100 21.05 -2.23 70.84
CA ILE M 100 20.43 -0.92 70.98
C ILE M 100 20.59 -0.48 72.43
N ASN M 101 20.93 0.80 72.63
CA ASN M 101 21.13 1.34 73.95
C ASN M 101 20.29 2.58 74.15
N ALA M 102 19.73 2.73 75.34
CA ALA M 102 18.95 3.92 75.67
C ALA M 102 19.85 4.98 76.28
N GLN N 2 3.68 -45.59 23.09
CA GLN N 2 2.67 -44.79 22.41
C GLN N 2 2.89 -44.78 20.90
N ALA N 3 1.79 -44.82 20.15
CA ALA N 3 1.83 -44.94 18.71
C ALA N 3 2.00 -43.56 18.07
N LYS N 4 2.18 -43.58 16.75
CA LYS N 4 2.36 -42.36 15.99
C LYS N 4 2.04 -42.64 14.53
N ALA N 5 1.36 -41.71 13.87
CA ALA N 5 0.98 -41.88 12.48
C ALA N 5 0.80 -40.51 11.86
N VAL N 6 1.60 -40.20 10.84
CA VAL N 6 1.59 -38.88 10.24
C VAL N 6 1.13 -39.00 8.80
N ALA N 7 0.82 -37.85 8.20
CA ALA N 7 0.29 -37.81 6.85
C ALA N 7 1.26 -37.21 5.83
N ARG N 8 1.85 -36.05 6.13
CA ARG N 8 2.89 -35.43 5.31
C ARG N 8 2.49 -35.13 3.88
N THR N 9 1.77 -34.03 3.68
CA THR N 9 1.33 -33.41 2.42
C THR N 9 0.23 -34.19 1.73
N VAL N 10 -0.78 -34.59 2.49
CA VAL N 10 -2.08 -34.82 1.89
C VAL N 10 -2.67 -33.48 1.46
N ARG N 11 -3.48 -33.48 0.42
CA ARG N 11 -3.99 -32.22 -0.10
C ARG N 11 -5.32 -31.90 0.56
N ILE N 12 -5.29 -30.96 1.50
CA ILE N 12 -6.46 -30.35 2.11
C ILE N 12 -5.97 -29.06 2.77
N ALA N 13 -6.79 -28.02 2.68
CA ALA N 13 -6.44 -26.76 3.34
C ALA N 13 -6.45 -26.94 4.85
N PRO N 14 -5.44 -26.46 5.57
CA PRO N 14 -5.31 -26.83 6.98
C PRO N 14 -6.31 -26.14 7.88
N ARG N 15 -6.93 -25.05 7.45
CA ARG N 15 -7.97 -24.46 8.27
C ARG N 15 -9.27 -25.25 8.18
N LYS N 16 -9.53 -25.88 7.04
CA LYS N 16 -10.70 -26.73 6.92
C LYS N 16 -10.48 -28.11 7.51
N ALA N 17 -9.23 -28.56 7.62
CA ALA N 17 -8.92 -29.82 8.26
C ALA N 17 -8.59 -29.65 9.74
N ARG N 18 -8.98 -28.53 10.34
CA ARG N 18 -8.90 -28.37 11.77
C ARG N 18 -10.27 -28.31 12.41
N LEU N 19 -11.32 -28.17 11.62
CA LEU N 19 -12.66 -28.18 12.18
C LEU N 19 -13.08 -29.59 12.55
N VAL N 20 -12.51 -30.60 11.89
CA VAL N 20 -12.83 -31.98 12.24
C VAL N 20 -12.13 -32.37 13.53
N MET N 21 -10.90 -31.90 13.72
CA MET N 21 -10.03 -32.45 14.75
C MET N 21 -10.42 -32.06 16.17
N ASP N 22 -11.34 -31.11 16.34
CA ASP N 22 -11.77 -30.80 17.69
C ASP N 22 -12.78 -31.80 18.22
N LEU N 23 -13.45 -32.53 17.34
CA LEU N 23 -14.36 -33.60 17.74
C LEU N 23 -13.64 -34.90 18.02
N ILE N 24 -12.33 -34.89 18.14
CA ILE N 24 -11.53 -36.10 18.08
C ILE N 24 -10.68 -36.30 19.32
N ARG N 25 -9.91 -35.29 19.71
CA ARG N 25 -8.91 -35.51 20.73
C ARG N 25 -9.55 -35.62 22.12
N GLY N 26 -8.93 -36.43 22.97
CA GLY N 26 -9.47 -36.79 24.25
C GLY N 26 -10.37 -38.01 24.24
N LYS N 27 -11.03 -38.28 23.12
CA LYS N 27 -12.04 -39.32 23.06
C LYS N 27 -11.41 -40.70 23.01
N GLN N 28 -12.26 -41.71 23.18
CA GLN N 28 -11.85 -43.09 22.98
C GLN N 28 -11.65 -43.38 21.50
N VAL N 29 -11.00 -44.50 21.21
CA VAL N 29 -10.73 -44.86 19.83
C VAL N 29 -12.00 -45.38 19.16
N GLY N 30 -12.74 -46.25 19.85
CA GLY N 30 -13.93 -46.85 19.27
C GLY N 30 -15.05 -45.87 19.01
N GLU N 31 -15.11 -44.82 19.81
CA GLU N 31 -16.15 -43.80 19.66
C GLU N 31 -15.68 -42.65 18.78
N ALA N 32 -14.49 -42.79 18.20
CA ALA N 32 -13.93 -41.77 17.33
C ALA N 32 -13.98 -42.20 15.87
N VAL N 33 -13.76 -43.49 15.63
CA VAL N 33 -13.78 -44.03 14.27
C VAL N 33 -15.15 -43.88 13.63
N SER N 34 -16.19 -44.10 14.42
CA SER N 34 -17.56 -43.99 13.94
C SER N 34 -17.95 -42.54 13.71
N ILE N 35 -17.29 -41.64 14.45
CA ILE N 35 -17.56 -40.21 14.32
C ILE N 35 -16.98 -39.65 13.04
N LEU N 36 -15.89 -40.25 12.57
CA LEU N 36 -15.23 -39.83 11.34
C LEU N 36 -15.91 -40.43 10.11
N ASN N 37 -16.72 -41.45 10.34
CA ASN N 37 -17.44 -42.12 9.26
C ASN N 37 -18.90 -41.67 9.17
N LEU N 38 -19.35 -40.93 10.18
CA LEU N 38 -20.71 -40.44 10.22
C LEU N 38 -20.77 -38.94 9.95
N THR N 39 -19.64 -38.37 9.55
CA THR N 39 -19.55 -36.94 9.27
C THR N 39 -19.64 -36.67 7.76
N PRO N 40 -20.23 -35.53 7.40
CA PRO N 40 -20.40 -35.12 6.00
C PRO N 40 -19.18 -34.37 5.47
N ARG N 41 -18.19 -34.15 6.33
CA ARG N 41 -16.99 -33.44 5.93
C ARG N 41 -16.24 -34.18 4.81
N ALA N 42 -15.66 -33.41 3.90
CA ALA N 42 -14.92 -33.98 2.78
C ALA N 42 -13.50 -34.34 3.18
N ALA N 43 -13.06 -33.80 4.31
CA ALA N 43 -11.71 -34.05 4.80
C ALA N 43 -11.74 -35.04 5.96
N SER N 44 -12.90 -35.65 6.19
CA SER N 44 -13.06 -36.62 7.27
C SER N 44 -12.53 -37.99 6.86
N PRO N 45 -12.78 -38.39 5.60
CA PRO N 45 -12.33 -39.68 5.08
C PRO N 45 -10.80 -39.80 5.09
N ILE N 46 -10.12 -38.71 4.79
CA ILE N 46 -8.66 -38.70 4.76
C ILE N 46 -8.09 -38.90 6.17
N ILE N 47 -8.75 -38.28 7.15
CA ILE N 47 -8.32 -38.40 8.54
C ILE N 47 -8.50 -39.81 9.07
N GLU N 48 -9.62 -40.43 8.71
CA GLU N 48 -9.92 -41.79 9.15
C GLU N 48 -8.82 -42.75 8.74
N LYS N 49 -8.26 -42.55 7.55
CA LYS N 49 -7.19 -43.42 7.09
C LYS N 49 -5.88 -43.18 7.82
N VAL N 50 -5.77 -42.15 8.63
CA VAL N 50 -4.60 -41.97 9.48
C VAL N 50 -4.84 -42.58 10.86
N LEU N 51 -6.01 -42.31 11.42
CA LEU N 51 -6.37 -42.85 12.74
C LEU N 51 -6.49 -44.37 12.70
N LYS N 52 -7.04 -44.91 11.61
CA LYS N 52 -7.12 -46.36 11.47
C LYS N 52 -5.74 -46.96 11.28
N SER N 53 -4.81 -46.23 10.68
CA SER N 53 -3.43 -46.68 10.62
C SER N 53 -2.69 -46.49 11.93
N ALA N 54 -3.18 -45.60 12.79
CA ALA N 54 -2.50 -45.39 14.06
C ALA N 54 -2.74 -46.54 15.02
N ILE N 55 -3.92 -47.15 14.97
CA ILE N 55 -4.20 -48.30 15.80
C ILE N 55 -3.35 -49.48 15.39
N ALA N 56 -3.22 -49.73 14.08
CA ALA N 56 -2.49 -50.88 13.59
C ALA N 56 -1.00 -50.77 13.82
N ASN N 57 -0.46 -49.57 13.98
CA ASN N 57 0.93 -49.46 14.40
C ASN N 57 1.09 -49.81 15.87
N ALA N 58 0.08 -49.54 16.68
CA ALA N 58 0.17 -49.86 18.09
C ALA N 58 -0.02 -51.34 18.35
N GLU N 59 -0.85 -52.01 17.56
CA GLU N 59 -1.16 -53.41 17.84
C GLU N 59 -0.09 -54.35 17.33
N HIS N 60 0.62 -53.98 16.27
CA HIS N 60 1.60 -54.90 15.70
C HIS N 60 3.00 -54.66 16.22
N ASN N 61 3.34 -53.42 16.58
CA ASN N 61 4.71 -53.11 16.96
C ASN N 61 4.92 -53.04 18.46
N TYR N 62 3.84 -52.91 19.22
CA TYR N 62 3.94 -52.82 20.68
C TYR N 62 2.96 -53.78 21.35
N GLU N 63 2.04 -54.33 20.54
CA GLU N 63 1.04 -55.27 21.03
C GLU N 63 0.30 -54.75 22.27
N MET N 64 -0.19 -53.52 22.19
CA MET N 64 -0.91 -52.90 23.30
C MET N 64 -2.40 -53.15 23.19
N ASP N 65 -3.15 -52.77 24.23
CA ASP N 65 -4.59 -52.94 24.25
C ASP N 65 -5.27 -51.98 23.29
N ALA N 66 -5.78 -52.52 22.18
CA ALA N 66 -6.46 -51.70 21.18
C ALA N 66 -7.73 -51.09 21.75
N ASN N 67 -8.51 -51.91 22.45
CA ASN N 67 -9.76 -51.44 23.04
C ASN N 67 -9.52 -50.52 24.24
N ASN N 68 -8.24 -50.32 24.57
CA ASN N 68 -7.87 -49.47 25.68
C ASN N 68 -7.15 -48.21 25.25
N LEU N 69 -7.18 -47.86 23.98
CA LEU N 69 -6.39 -46.75 23.47
C LEU N 69 -7.17 -45.44 23.51
N VAL N 70 -6.42 -44.35 23.69
CA VAL N 70 -6.99 -43.01 23.78
C VAL N 70 -6.11 -42.08 22.96
N ILE N 71 -6.71 -40.98 22.52
CA ILE N 71 -6.07 -40.05 21.60
C ILE N 71 -5.44 -38.92 22.40
N SER N 72 -4.13 -38.76 22.28
CA SER N 72 -3.41 -37.77 23.07
C SER N 72 -3.24 -36.45 22.32
N GLN N 73 -2.55 -36.48 21.18
CA GLN N 73 -2.30 -35.29 20.38
C GLN N 73 -2.88 -35.49 18.98
N ALA N 74 -3.47 -34.43 18.44
CA ALA N 74 -4.07 -34.48 17.12
C ALA N 74 -3.81 -33.20 16.35
N PHE N 75 -2.58 -32.73 16.33
CA PHE N 75 -2.32 -31.42 15.74
C PHE N 75 -2.18 -31.52 14.23
N VAL N 76 -2.63 -30.47 13.54
CA VAL N 76 -2.65 -30.38 12.08
C VAL N 76 -1.74 -29.25 11.66
N ASP N 77 -0.62 -29.58 11.05
CA ASP N 77 0.37 -28.58 10.66
C ASP N 77 0.24 -28.27 9.18
N GLU N 78 0.45 -27.02 8.82
CA GLU N 78 0.45 -26.69 7.41
C GLU N 78 1.79 -27.08 6.79
N GLY N 79 1.79 -27.22 5.47
CA GLY N 79 2.93 -27.74 4.76
C GLY N 79 3.25 -26.94 3.52
N PRO N 80 4.08 -27.50 2.65
CA PRO N 80 4.54 -26.74 1.48
C PRO N 80 3.43 -26.53 0.47
N THR N 81 3.25 -25.29 0.05
CA THR N 81 2.16 -24.93 -0.83
C THR N 81 2.63 -24.76 -2.26
N LEU N 82 1.69 -24.81 -3.18
CA LEU N 82 1.96 -24.62 -4.60
C LEU N 82 1.15 -23.42 -5.08
N LYS N 83 1.64 -22.75 -6.11
CA LYS N 83 1.09 -21.47 -6.54
C LYS N 83 0.66 -21.53 -7.99
N ARG N 84 -0.57 -21.08 -8.26
CA ARG N 84 -1.13 -20.99 -9.60
C ARG N 84 -1.58 -19.56 -9.85
N PHE N 85 -1.90 -19.25 -11.10
CA PHE N 85 -2.25 -17.89 -11.50
C PHE N 85 -3.54 -17.88 -12.30
N ARG N 86 -4.67 -17.75 -11.60
CA ARG N 86 -5.97 -17.67 -12.26
C ARG N 86 -6.16 -16.26 -12.81
N PRO N 87 -6.27 -16.09 -14.12
CA PRO N 87 -6.32 -14.74 -14.70
C PRO N 87 -7.67 -14.08 -14.47
N ARG N 88 -7.65 -12.76 -14.42
CA ARG N 88 -8.81 -11.94 -14.10
C ARG N 88 -9.13 -11.01 -15.27
N ALA N 89 -10.12 -10.14 -15.04
CA ALA N 89 -10.49 -9.16 -16.04
C ALA N 89 -9.49 -8.03 -16.07
N MET N 90 -9.38 -7.40 -17.25
CA MET N 90 -8.51 -6.24 -17.51
C MET N 90 -7.03 -6.52 -17.25
N GLY N 91 -6.62 -7.79 -17.35
CA GLY N 91 -5.23 -8.17 -17.25
C GLY N 91 -4.58 -7.92 -15.90
N ARG N 92 -4.99 -8.66 -14.88
CA ARG N 92 -4.54 -8.40 -13.52
C ARG N 92 -3.71 -9.51 -12.89
N ALA N 93 -3.86 -10.76 -13.35
CA ALA N 93 -2.98 -11.89 -13.01
C ALA N 93 -2.97 -12.18 -11.51
N SER N 94 -4.11 -12.61 -11.01
CA SER N 94 -4.24 -12.94 -9.60
C SER N 94 -3.44 -14.20 -9.25
N GLN N 95 -3.33 -14.46 -7.96
CA GLN N 95 -2.47 -15.51 -7.43
C GLN N 95 -3.32 -16.49 -6.61
N ILE N 96 -3.16 -17.78 -6.88
CA ILE N 96 -3.93 -18.83 -6.22
C ILE N 96 -2.97 -19.70 -5.42
N ASN N 97 -3.25 -19.84 -4.13
CA ASN N 97 -2.47 -20.72 -3.27
C ASN N 97 -3.19 -22.05 -3.16
N LYS N 98 -2.52 -23.12 -3.57
CA LYS N 98 -2.99 -24.47 -3.30
C LYS N 98 -2.27 -24.97 -2.07
N ARG N 99 -3.03 -25.29 -1.03
CA ARG N 99 -2.43 -25.59 0.25
C ARG N 99 -2.17 -27.08 0.40
N THR N 100 -1.51 -27.45 1.48
CA THR N 100 -1.36 -28.84 1.89
C THR N 100 -1.60 -28.92 3.39
N SER N 101 -1.30 -30.07 3.99
CA SER N 101 -1.50 -30.27 5.41
C SER N 101 -0.60 -31.41 5.86
N HIS N 102 -0.31 -31.44 7.16
CA HIS N 102 0.51 -32.49 7.76
C HIS N 102 -0.26 -33.03 8.94
N ILE N 103 -1.18 -33.96 8.72
CA ILE N 103 -1.98 -34.47 9.81
C ILE N 103 -1.19 -35.49 10.59
N THR N 104 -1.11 -35.30 11.90
CA THR N 104 -0.48 -36.27 12.79
C THR N 104 -1.48 -36.68 13.85
N ILE N 105 -1.39 -37.94 14.28
CA ILE N 105 -2.18 -38.44 15.40
C ILE N 105 -1.27 -39.33 16.22
N VAL N 106 -1.11 -39.01 17.50
CA VAL N 106 -0.38 -39.85 18.44
C VAL N 106 -1.41 -40.50 19.34
N VAL N 107 -1.44 -41.83 19.33
CA VAL N 107 -2.39 -42.61 20.11
C VAL N 107 -1.64 -43.18 21.29
N SER N 108 -2.14 -42.91 22.50
CA SER N 108 -1.49 -43.33 23.72
C SER N 108 -2.33 -44.37 24.44
N GLU N 109 -1.66 -45.22 25.21
CA GLU N 109 -2.33 -46.25 25.97
C GLU N 109 -2.89 -45.65 27.26
N LYS N 110 -4.15 -45.94 27.55
CA LYS N 110 -4.80 -45.41 28.73
C LYS N 110 -4.66 -46.36 29.91
N ASP O 3 24.20 -46.37 -54.58
CA ASP O 3 23.93 -47.80 -54.62
C ASP O 3 22.53 -48.10 -54.09
N PRO O 4 22.00 -49.29 -54.42
CA PRO O 4 20.67 -49.72 -53.98
C PRO O 4 20.68 -50.16 -52.52
N ARG O 5 21.85 -50.53 -52.01
CA ARG O 5 21.98 -50.97 -50.64
C ARG O 5 21.85 -49.81 -49.65
N ASP O 6 22.22 -48.62 -50.11
CA ASP O 6 22.15 -47.42 -49.28
C ASP O 6 20.71 -46.91 -49.18
N VAL O 7 19.89 -47.26 -50.15
CA VAL O 7 18.50 -46.85 -50.17
C VAL O 7 17.73 -47.40 -48.97
N LEU O 8 17.60 -48.72 -48.92
CA LEU O 8 16.91 -49.38 -47.82
C LEU O 8 17.57 -49.05 -46.48
N LYS O 9 16.76 -48.84 -45.46
CA LYS O 9 17.27 -48.52 -44.13
C LYS O 9 16.92 -49.60 -43.12
N ARG O 10 15.69 -50.10 -43.18
CA ARG O 10 15.24 -51.14 -42.26
C ARG O 10 13.80 -51.48 -42.59
N PRO O 11 13.36 -52.69 -42.32
CA PRO O 11 11.95 -53.02 -42.54
C PRO O 11 11.10 -52.52 -41.39
N VAL O 12 9.79 -52.67 -41.55
CA VAL O 12 8.81 -52.21 -40.57
C VAL O 12 7.96 -53.40 -40.17
N ILE O 13 7.87 -53.66 -38.86
CA ILE O 13 7.16 -54.81 -38.33
C ILE O 13 6.11 -54.30 -37.35
N THR O 14 4.85 -54.39 -37.71
CA THR O 14 3.74 -54.01 -36.84
C THR O 14 2.51 -54.80 -37.23
N GLU O 15 1.37 -54.42 -36.66
CA GLU O 15 0.14 -55.14 -36.96
C GLU O 15 -0.35 -54.82 -38.36
N ARG O 16 -0.14 -53.59 -38.84
CA ARG O 16 -0.52 -53.28 -40.21
C ARG O 16 0.45 -53.89 -41.20
N SER O 17 1.72 -54.01 -40.83
CA SER O 17 2.72 -54.58 -41.73
C SER O 17 2.51 -56.08 -41.90
N ALA O 18 2.35 -56.79 -40.78
CA ALA O 18 2.14 -58.23 -40.84
C ALA O 18 0.79 -58.59 -41.44
N ASP O 19 -0.18 -57.68 -41.42
CA ASP O 19 -1.39 -57.87 -42.20
C ASP O 19 -1.11 -57.70 -43.68
N LEU O 20 -0.42 -56.62 -44.04
CA LEU O 20 -0.17 -56.34 -45.45
C LEU O 20 0.90 -57.25 -46.04
N MET O 21 1.69 -57.93 -45.21
CA MET O 21 2.68 -58.86 -45.74
C MET O 21 2.03 -60.07 -46.39
N THR O 22 0.82 -60.42 -45.96
CA THR O 22 0.09 -61.52 -46.55
C THR O 22 -0.69 -61.13 -47.80
N GLU O 23 -0.56 -59.88 -48.25
CA GLU O 23 -1.16 -59.44 -49.50
C GLU O 23 -0.10 -59.06 -50.52
N LYS O 24 1.14 -59.49 -50.28
CA LYS O 24 2.32 -59.22 -51.10
C LYS O 24 2.54 -57.72 -51.29
N LYS O 25 2.74 -57.04 -50.16
CA LYS O 25 3.24 -55.68 -50.15
C LYS O 25 3.99 -55.47 -48.86
N TYR O 26 5.15 -54.85 -48.95
CA TYR O 26 6.16 -54.90 -47.90
C TYR O 26 6.70 -53.50 -47.64
N THR O 27 6.30 -52.91 -46.52
CA THR O 27 6.67 -51.55 -46.22
C THR O 27 8.07 -51.49 -45.65
N PHE O 28 8.94 -50.73 -46.30
CA PHE O 28 10.31 -50.51 -45.85
C PHE O 28 10.46 -49.09 -45.36
N GLU O 29 11.65 -48.79 -44.84
CA GLU O 29 12.06 -47.42 -44.56
C GLU O 29 13.22 -47.07 -45.47
N VAL O 30 13.11 -45.94 -46.15
CA VAL O 30 14.07 -45.56 -47.17
C VAL O 30 14.85 -44.35 -46.70
N ASP O 31 15.85 -43.97 -47.48
CA ASP O 31 16.56 -42.73 -47.25
C ASP O 31 15.64 -41.56 -47.59
N VAL O 32 15.95 -40.40 -47.01
CA VAL O 32 15.06 -39.25 -47.13
C VAL O 32 15.16 -38.58 -48.49
N ARG O 33 16.18 -38.91 -49.28
CA ARG O 33 16.39 -38.32 -50.59
C ARG O 33 16.21 -39.36 -51.70
N ALA O 34 15.18 -40.18 -51.62
CA ALA O 34 14.96 -41.25 -52.57
C ALA O 34 13.68 -41.01 -53.37
N ASN O 35 13.76 -41.24 -54.67
CA ASN O 35 12.58 -41.18 -55.52
C ASN O 35 11.73 -42.42 -55.33
N LYS O 36 10.60 -42.46 -56.04
CA LYS O 36 9.91 -43.73 -56.20
C LYS O 36 10.70 -44.68 -57.09
N THR O 37 11.22 -44.16 -58.21
CA THR O 37 11.82 -45.02 -59.21
C THR O 37 13.18 -45.55 -58.79
N GLU O 38 13.82 -44.96 -57.77
CA GLU O 38 15.03 -45.59 -57.27
C GLU O 38 14.69 -46.84 -56.46
N VAL O 39 13.56 -46.84 -55.78
CA VAL O 39 13.17 -48.00 -55.00
C VAL O 39 12.78 -49.16 -55.91
N LYS O 40 12.15 -48.87 -57.06
CA LYS O 40 11.86 -49.92 -58.01
C LYS O 40 13.11 -50.47 -58.67
N ASP O 41 14.23 -49.77 -58.59
CA ASP O 41 15.48 -50.31 -59.06
C ASP O 41 16.34 -50.85 -57.93
N ALA O 42 15.93 -50.64 -56.69
CA ALA O 42 16.71 -51.10 -55.55
C ALA O 42 16.30 -52.47 -55.04
N VAL O 43 15.00 -52.77 -55.02
CA VAL O 43 14.59 -54.06 -54.51
C VAL O 43 14.87 -55.17 -55.53
N GLU O 44 14.73 -54.87 -56.81
CA GLU O 44 15.00 -55.88 -57.82
C GLU O 44 16.49 -56.14 -57.98
N SER O 45 17.33 -55.18 -57.58
CA SER O 45 18.76 -55.45 -57.52
C SER O 45 19.13 -56.29 -56.31
N ILE O 46 18.24 -56.36 -55.32
CA ILE O 46 18.52 -57.13 -54.12
C ILE O 46 17.70 -58.41 -54.12
N PHE O 47 16.39 -58.27 -54.21
CA PHE O 47 15.50 -59.41 -54.05
C PHE O 47 15.28 -60.19 -55.34
N GLY O 48 15.49 -59.57 -56.50
CA GLY O 48 15.27 -60.23 -57.76
C GLY O 48 13.81 -60.50 -58.04
N VAL O 49 12.94 -59.54 -57.71
CA VAL O 49 11.49 -59.71 -57.73
C VAL O 49 10.89 -58.60 -58.56
N LYS O 50 10.01 -58.96 -59.50
CA LYS O 50 9.30 -57.94 -60.27
C LYS O 50 8.33 -57.19 -59.37
N VAL O 51 8.21 -55.88 -59.59
CA VAL O 51 7.51 -54.97 -58.69
C VAL O 51 6.47 -54.20 -59.49
N ASP O 52 5.23 -54.19 -59.00
CA ASP O 52 4.13 -53.58 -59.74
C ASP O 52 4.00 -52.09 -59.46
N LYS O 53 3.74 -51.73 -58.20
CA LYS O 53 3.69 -50.33 -57.80
C LYS O 53 4.60 -50.11 -56.61
N VAL O 54 4.97 -48.85 -56.41
CA VAL O 54 5.63 -48.41 -55.18
C VAL O 54 4.93 -47.14 -54.74
N ASN O 55 4.39 -47.14 -53.54
CA ASN O 55 3.75 -45.96 -52.98
C ASN O 55 4.56 -45.50 -51.78
N ILE O 56 4.81 -44.20 -51.69
CA ILE O 56 5.74 -43.66 -50.73
C ILE O 56 5.05 -42.56 -49.94
N MET O 57 5.53 -42.32 -48.72
CA MET O 57 5.01 -41.30 -47.84
C MET O 57 6.08 -40.98 -46.83
N ASN O 58 5.93 -39.84 -46.16
CA ASN O 58 6.92 -39.43 -45.16
C ASN O 58 6.24 -38.77 -43.98
N TYR O 59 6.62 -39.20 -42.78
CA TYR O 59 6.10 -38.61 -41.56
C TYR O 59 6.95 -37.41 -41.16
N LYS O 60 6.33 -36.51 -40.41
CA LYS O 60 7.09 -35.47 -39.73
C LYS O 60 7.69 -36.06 -38.45
N GLY O 61 8.46 -35.24 -37.76
CA GLY O 61 9.05 -35.69 -36.51
C GLY O 61 8.08 -35.56 -35.36
N LYS O 62 7.95 -36.64 -34.59
CA LYS O 62 7.17 -36.62 -33.37
C LYS O 62 7.97 -35.94 -32.27
N SER O 63 7.36 -34.96 -31.64
CA SER O 63 8.01 -34.28 -30.52
C SER O 63 7.95 -35.18 -29.29
N LYS O 64 9.09 -35.30 -28.61
CA LYS O 64 9.18 -36.12 -27.40
C LYS O 64 10.09 -35.44 -26.38
N ARG O 65 9.68 -35.50 -25.11
CA ARG O 65 10.46 -34.90 -24.03
C ARG O 65 10.68 -35.86 -22.88
N VAL O 66 11.75 -35.63 -22.12
CA VAL O 66 12.08 -36.48 -20.98
C VAL O 66 12.66 -35.66 -19.84
N GLY O 67 11.83 -35.36 -18.85
CA GLY O 67 12.26 -34.59 -17.70
C GLY O 67 12.05 -33.10 -17.90
N ARG O 68 13.14 -32.39 -18.17
CA ARG O 68 13.09 -30.94 -18.38
C ARG O 68 13.68 -30.57 -19.73
N TYR O 69 14.00 -31.58 -20.53
CA TYR O 69 14.58 -31.35 -21.85
C TYR O 69 13.66 -31.85 -22.96
N THR O 70 13.46 -31.01 -23.97
CA THR O 70 12.60 -31.37 -25.10
C THR O 70 13.43 -31.63 -26.35
N GLY O 71 12.76 -31.75 -27.49
CA GLY O 71 13.45 -32.00 -28.73
C GLY O 71 12.75 -33.03 -29.59
N MET O 72 12.50 -32.69 -30.85
CA MET O 72 11.75 -33.56 -31.73
C MET O 72 12.58 -34.77 -32.14
N THR O 73 11.90 -35.80 -32.62
CA THR O 73 12.57 -37.02 -33.07
C THR O 73 12.98 -36.91 -34.53
N SER O 74 13.64 -37.94 -35.04
CA SER O 74 14.09 -37.96 -36.43
C SER O 74 12.93 -38.24 -37.38
N ARG O 75 12.93 -37.56 -38.52
CA ARG O 75 11.88 -37.74 -39.52
C ARG O 75 12.04 -39.07 -40.24
N ARG O 76 10.92 -39.63 -40.69
CA ARG O 76 10.92 -40.91 -41.39
C ARG O 76 10.24 -40.82 -42.75
N ARG O 77 10.53 -41.78 -43.62
CA ARG O 77 9.94 -41.82 -44.95
C ARG O 77 9.79 -43.27 -45.40
N LYS O 78 8.62 -43.85 -45.14
CA LYS O 78 8.35 -45.23 -45.51
C LYS O 78 7.84 -45.37 -46.95
N ALA O 79 7.95 -46.57 -47.48
CA ALA O 79 7.52 -46.86 -48.84
C ALA O 79 6.92 -48.25 -48.90
N ILE O 80 5.77 -48.38 -49.55
CA ILE O 80 5.03 -49.63 -49.62
C ILE O 80 5.22 -50.24 -51.00
N VAL O 81 6.00 -51.31 -51.08
CA VAL O 81 6.38 -51.92 -52.34
C VAL O 81 5.43 -53.08 -52.59
N LYS O 82 4.54 -52.92 -53.57
CA LYS O 82 3.61 -53.98 -53.91
C LYS O 82 4.25 -54.92 -54.91
N LEU O 83 4.33 -56.21 -54.56
CA LEU O 83 4.95 -57.15 -55.47
C LEU O 83 4.00 -57.51 -56.59
N THR O 84 4.56 -58.13 -57.63
CA THR O 84 3.78 -58.53 -58.79
C THR O 84 3.10 -59.86 -58.54
N ALA O 85 2.35 -60.31 -59.54
CA ALA O 85 1.70 -61.61 -59.47
C ALA O 85 2.74 -62.72 -59.56
N ASP O 86 2.74 -63.61 -58.57
CA ASP O 86 3.68 -64.72 -58.54
C ASP O 86 5.11 -64.23 -58.29
N SER O 87 5.51 -64.22 -57.03
CA SER O 87 6.84 -63.78 -56.66
C SER O 87 7.28 -64.39 -55.33
N LYS O 88 8.54 -64.15 -54.96
CA LYS O 88 9.07 -64.68 -53.71
C LYS O 88 9.19 -63.60 -52.65
N GLU O 89 8.91 -63.95 -51.41
CA GLU O 89 8.97 -63.01 -50.30
C GLU O 89 10.24 -63.22 -49.48
N ILE O 90 10.95 -62.11 -49.20
CA ILE O 90 12.18 -62.17 -48.43
C ILE O 90 11.97 -61.64 -47.01
N HIS P 2 49.07 -46.73 -9.09
CA HIS P 2 50.36 -47.36 -9.37
C HIS P 2 50.27 -48.88 -9.28
N VAL P 3 49.17 -49.36 -8.72
CA VAL P 3 48.95 -50.80 -8.57
C VAL P 3 48.30 -51.39 -9.82
N LYS P 4 48.82 -52.53 -10.26
CA LYS P 4 48.30 -53.20 -11.45
C LYS P 4 47.28 -54.27 -11.07
N LYS P 5 46.01 -53.91 -11.10
CA LYS P 5 44.92 -54.81 -10.77
C LYS P 5 45.14 -55.54 -9.44
N GLY P 6 44.90 -56.85 -9.45
CA GLY P 6 45.01 -57.64 -8.24
C GLY P 6 46.40 -58.20 -8.02
N ASP P 7 46.98 -57.87 -6.86
CA ASP P 7 48.31 -58.35 -6.52
C ASP P 7 48.56 -58.25 -5.02
N LYS P 8 49.66 -58.83 -4.56
CA LYS P 8 50.01 -58.81 -3.14
C LYS P 8 50.18 -57.38 -2.64
N VAL P 9 49.09 -56.81 -2.15
CA VAL P 9 49.12 -55.44 -1.63
C VAL P 9 48.46 -55.35 -0.25
N MET P 10 48.75 -54.28 0.47
CA MET P 10 48.19 -54.08 1.81
C MET P 10 47.29 -52.85 1.86
N VAL P 11 46.67 -52.63 3.01
CA VAL P 11 45.78 -51.48 3.19
C VAL P 11 46.21 -50.78 4.47
N ILE P 12 46.62 -49.52 4.35
CA ILE P 12 47.14 -48.82 5.51
C ILE P 12 46.01 -48.20 6.31
N SER P 13 45.28 -47.26 5.70
CA SER P 13 44.29 -46.50 6.45
C SER P 13 42.97 -47.25 6.56
N GLY P 14 41.93 -46.54 6.96
CA GLY P 14 40.59 -47.08 6.93
C GLY P 14 40.28 -47.99 8.09
N LYS P 15 39.09 -48.59 8.04
CA LYS P 15 38.62 -49.47 9.09
C LYS P 15 39.30 -50.82 9.09
N ASP P 16 40.20 -51.08 8.14
CA ASP P 16 40.82 -52.39 8.02
C ASP P 16 42.33 -52.25 8.01
N LYS P 17 42.85 -51.47 8.94
CA LYS P 17 44.29 -51.22 9.04
C LYS P 17 45.03 -52.49 9.38
N GLY P 18 46.02 -52.84 8.57
CA GLY P 18 46.79 -54.05 8.76
C GLY P 18 46.32 -55.23 7.94
N LYS P 19 45.13 -55.16 7.35
CA LYS P 19 44.65 -56.24 6.51
C LYS P 19 45.39 -56.25 5.19
N GLN P 20 45.48 -57.43 4.59
CA GLN P 20 46.12 -57.59 3.28
C GLN P 20 45.27 -58.52 2.43
N GLY P 21 45.55 -58.53 1.13
CA GLY P 21 44.79 -59.33 0.21
C GLY P 21 45.17 -59.01 -1.22
N THR P 22 44.32 -59.46 -2.14
CA THR P 22 44.53 -59.21 -3.56
C THR P 22 43.45 -58.28 -4.09
N ILE P 23 43.66 -57.82 -5.33
CA ILE P 23 42.81 -56.81 -5.94
C ILE P 23 41.94 -57.47 -6.99
N LEU P 24 40.62 -57.34 -6.83
CA LEU P 24 39.73 -57.89 -7.85
C LEU P 24 39.67 -56.99 -9.08
N ALA P 25 39.42 -55.70 -8.88
CA ALA P 25 39.23 -54.79 -9.99
C ALA P 25 39.89 -53.46 -9.68
N ALA P 26 40.24 -52.74 -10.74
CA ALA P 26 40.82 -51.41 -10.63
C ALA P 26 39.88 -50.40 -11.26
N PHE P 27 40.13 -49.12 -10.96
CA PHE P 27 39.37 -48.02 -11.54
C PHE P 27 40.29 -46.83 -11.62
N PRO P 28 41.06 -46.71 -12.71
CA PRO P 28 41.97 -45.58 -12.83
C PRO P 28 41.28 -44.27 -13.14
N LYS P 29 39.98 -44.28 -13.40
CA LYS P 29 39.27 -43.04 -13.67
C LYS P 29 39.10 -42.21 -12.40
N LYS P 30 38.43 -42.76 -11.40
CA LYS P 30 38.15 -42.05 -10.16
C LYS P 30 38.91 -42.62 -8.97
N ASP P 31 39.96 -43.39 -9.23
CA ASP P 31 40.97 -43.82 -8.25
C ASP P 31 40.38 -44.72 -7.16
N ARG P 32 39.67 -45.75 -7.59
CA ARG P 32 39.06 -46.70 -6.67
C ARG P 32 39.59 -48.10 -6.95
N VAL P 33 39.66 -48.93 -5.90
CA VAL P 33 40.19 -50.28 -5.99
C VAL P 33 39.36 -51.17 -5.09
N LEU P 34 38.85 -52.27 -5.64
CA LEU P 34 38.13 -53.28 -4.85
C LEU P 34 39.13 -54.32 -4.35
N VAL P 35 39.51 -54.22 -3.09
CA VAL P 35 40.45 -55.17 -2.49
C VAL P 35 39.66 -56.37 -1.99
N GLU P 36 40.08 -57.57 -2.39
CA GLU P 36 39.43 -58.78 -1.90
C GLU P 36 39.69 -58.96 -0.41
N GLY P 37 38.62 -59.18 0.35
CA GLY P 37 38.69 -59.48 1.75
C GLY P 37 38.15 -58.39 2.65
N VAL P 38 38.36 -57.13 2.28
CA VAL P 38 38.04 -56.02 3.14
C VAL P 38 36.86 -55.25 2.56
N ASN P 39 36.27 -54.39 3.41
CA ASN P 39 35.06 -53.60 3.11
C ASN P 39 33.92 -54.47 2.61
N MET P 40 33.67 -55.55 3.31
CA MET P 40 32.47 -56.33 3.09
C MET P 40 31.28 -55.50 3.53
N VAL P 41 30.50 -55.02 2.57
CA VAL P 41 29.47 -54.03 2.82
C VAL P 41 28.13 -54.62 2.42
N LYS P 42 27.21 -54.71 3.37
CA LYS P 42 25.89 -55.23 3.11
C LYS P 42 25.12 -54.30 2.19
N LYS P 43 24.14 -54.86 1.49
CA LYS P 43 23.44 -54.11 0.45
C LYS P 43 22.08 -54.73 0.24
N HIS P 44 21.03 -53.92 0.38
CA HIS P 44 19.67 -54.40 0.20
C HIS P 44 19.27 -54.43 -1.26
N SER P 45 18.56 -55.47 -1.67
CA SER P 45 18.13 -55.61 -3.06
C SER P 45 16.63 -55.90 -3.13
N LYS P 46 16.10 -55.91 -4.36
CA LYS P 46 14.68 -56.16 -4.57
C LYS P 46 14.47 -57.10 -5.76
N PRO P 47 13.20 -57.31 -6.14
CA PRO P 47 12.84 -58.18 -7.26
C PRO P 47 13.62 -57.82 -8.53
N THR P 48 14.79 -58.44 -8.70
CA THR P 48 15.62 -58.18 -9.87
C THR P 48 15.59 -59.37 -10.83
N GLN P 49 16.43 -59.30 -11.87
CA GLN P 49 16.50 -60.37 -12.85
C GLN P 49 17.62 -61.35 -12.53
N ALA P 50 18.43 -61.00 -11.54
CA ALA P 50 19.50 -61.87 -11.08
C ALA P 50 18.95 -63.08 -10.33
N ASN P 51 18.21 -62.81 -9.26
CA ASN P 51 17.57 -63.86 -8.48
C ASN P 51 16.40 -63.34 -7.66
N PRO P 52 15.24 -64.01 -7.75
CA PRO P 52 14.04 -63.62 -7.02
C PRO P 52 14.32 -63.40 -5.53
N GLN P 53 14.99 -64.37 -4.90
CA GLN P 53 15.31 -64.28 -3.49
C GLN P 53 16.04 -62.97 -3.17
N GLY P 54 17.21 -62.79 -3.77
CA GLY P 54 18.00 -61.59 -3.54
C GLY P 54 18.34 -61.38 -2.08
N GLY P 55 17.47 -60.68 -1.37
CA GLY P 55 17.68 -60.40 0.03
C GLY P 55 18.82 -59.43 0.28
N ILE P 56 19.74 -59.81 1.16
CA ILE P 56 20.88 -58.97 1.49
C ILE P 56 22.18 -59.60 0.98
N SER P 57 22.97 -58.81 0.27
CA SER P 57 24.23 -59.28 -0.28
C SER P 57 25.38 -58.82 0.62
N ASN P 58 26.58 -59.32 0.32
CA ASN P 58 27.77 -59.00 1.11
C ASN P 58 28.95 -58.71 0.19
N GLN P 59 28.73 -57.84 -0.80
CA GLN P 59 29.75 -57.52 -1.77
C GLN P 59 30.81 -56.59 -1.17
N GLU P 60 31.91 -56.44 -1.90
CA GLU P 60 32.97 -55.54 -1.49
C GLU P 60 32.64 -54.10 -1.85
N ALA P 61 33.53 -53.20 -1.47
CA ALA P 61 33.37 -51.78 -1.66
C ALA P 61 34.68 -51.18 -2.11
N PRO P 62 34.65 -50.07 -2.85
CA PRO P 62 35.89 -49.45 -3.34
C PRO P 62 36.72 -48.84 -2.22
N ILE P 63 37.99 -48.60 -2.54
CA ILE P 63 38.97 -48.00 -1.64
C ILE P 63 39.79 -47.02 -2.47
N HIS P 64 40.01 -45.82 -1.95
CA HIS P 64 40.90 -44.88 -2.62
C HIS P 64 42.33 -45.41 -2.65
N VAL P 65 43.05 -45.07 -3.71
CA VAL P 65 44.36 -45.64 -3.97
C VAL P 65 45.38 -45.22 -2.92
N SER P 66 45.20 -44.04 -2.32
CA SER P 66 46.14 -43.53 -1.33
C SER P 66 46.20 -44.36 -0.06
N ASN P 67 45.16 -45.15 0.22
CA ASN P 67 45.17 -46.05 1.37
C ASN P 67 45.94 -47.31 1.09
N VAL P 68 46.28 -47.57 -0.17
CA VAL P 68 46.70 -48.89 -0.63
C VAL P 68 48.18 -48.83 -0.96
N MET P 69 48.93 -49.85 -0.52
CA MET P 69 50.36 -49.89 -0.73
C MET P 69 50.83 -51.30 -1.08
N PRO P 70 51.66 -51.44 -2.11
CA PRO P 70 52.06 -52.78 -2.56
C PRO P 70 53.00 -53.45 -1.59
N LEU P 71 52.92 -54.76 -1.52
CA LEU P 71 53.73 -55.55 -0.61
C LEU P 71 55.08 -55.84 -1.26
N ASP P 72 55.85 -56.74 -0.67
CA ASP P 72 57.20 -57.00 -1.16
C ASP P 72 57.48 -58.49 -1.21
N PRO P 73 57.99 -58.99 -2.33
CA PRO P 73 58.52 -60.36 -2.34
C PRO P 73 59.83 -60.49 -1.59
N LYS P 74 60.47 -59.38 -1.24
CA LYS P 74 61.70 -59.45 -0.45
C LYS P 74 61.40 -59.71 1.02
N THR P 75 60.60 -58.84 1.65
CA THR P 75 60.42 -58.87 3.09
C THR P 75 58.98 -59.04 3.53
N GLY P 76 58.01 -58.97 2.62
CA GLY P 76 56.62 -58.97 3.04
C GLY P 76 56.20 -57.70 3.74
N GLU P 77 56.86 -56.59 3.47
CA GLU P 77 56.55 -55.31 4.09
C GLU P 77 56.13 -54.30 3.02
N VAL P 78 56.00 -53.06 3.44
CA VAL P 78 55.43 -51.99 2.64
C VAL P 78 56.57 -51.11 2.14
N THR P 79 56.57 -50.82 0.84
CA THR P 79 57.56 -49.96 0.25
C THR P 79 56.91 -49.04 -0.77
N ARG P 80 57.67 -48.06 -1.23
CA ARG P 80 57.27 -47.18 -2.31
C ARG P 80 57.80 -47.73 -3.62
N VAL P 81 57.28 -47.20 -4.72
CA VAL P 81 57.51 -47.79 -6.03
C VAL P 81 58.64 -47.04 -6.73
N GLY P 82 59.15 -47.65 -7.80
CA GLY P 82 60.20 -47.07 -8.60
C GLY P 82 60.10 -47.54 -10.04
N TYR P 83 61.03 -47.13 -10.89
CA TYR P 83 60.94 -47.43 -12.32
C TYR P 83 62.37 -47.57 -12.86
N LYS P 84 62.49 -47.47 -14.20
CA LYS P 84 63.72 -47.23 -14.96
C LYS P 84 64.78 -48.33 -14.73
N VAL P 85 64.29 -49.56 -14.76
CA VAL P 85 65.20 -50.71 -14.74
C VAL P 85 64.97 -51.57 -15.97
N GLU P 86 64.59 -50.92 -17.09
CA GLU P 86 63.82 -51.44 -18.22
C GLU P 86 64.11 -52.87 -18.66
N ASP P 87 65.33 -53.10 -19.14
CA ASP P 87 65.73 -54.33 -19.85
C ASP P 87 64.77 -54.60 -21.02
N GLY P 88 64.38 -53.53 -21.71
CA GLY P 88 63.43 -53.63 -22.80
C GLY P 88 62.05 -53.07 -22.50
N LYS P 89 61.55 -53.29 -21.29
CA LYS P 89 60.22 -52.84 -20.91
C LYS P 89 60.26 -52.34 -19.47
N LYS P 90 60.04 -51.04 -19.30
CA LYS P 90 60.06 -50.43 -17.97
C LYS P 90 59.05 -51.10 -17.04
N VAL P 91 59.55 -51.64 -15.93
CA VAL P 91 58.70 -52.31 -14.94
C VAL P 91 58.77 -51.61 -13.59
N ARG P 92 57.70 -51.74 -12.81
CA ARG P 92 57.64 -51.13 -11.50
C ARG P 92 58.66 -51.77 -10.56
N VAL P 93 59.59 -50.96 -10.07
CA VAL P 93 60.63 -51.46 -9.17
C VAL P 93 60.27 -51.20 -7.71
N ALA P 94 60.79 -52.04 -6.82
CA ALA P 94 60.54 -51.91 -5.40
C ALA P 94 61.70 -51.23 -4.68
N LYS P 95 61.40 -50.54 -3.60
CA LYS P 95 62.42 -49.84 -2.82
C LYS P 95 62.79 -50.63 -1.56
N GLY P 98 65.69 -54.03 -2.85
CA GLY P 98 64.40 -54.15 -3.52
C GLY P 98 64.48 -54.91 -4.82
N GLN P 99 63.39 -55.60 -5.16
CA GLN P 99 63.34 -56.38 -6.39
C GLN P 99 62.39 -55.74 -7.42
N VAL P 100 61.68 -56.57 -8.15
CA VAL P 100 60.74 -56.10 -9.16
C VAL P 100 59.31 -56.55 -8.86
N LEU P 101 58.34 -55.71 -9.21
CA LEU P 101 56.93 -56.02 -8.99
C LEU P 101 56.57 -56.13 -7.52
N ASN Q 20 4.19 59.10 -3.57
CA ASN Q 20 4.96 59.78 -2.53
C ASN Q 20 5.71 58.80 -1.63
N GLY Q 21 5.97 57.60 -2.15
CA GLY Q 21 6.66 56.58 -1.40
C GLY Q 21 8.17 56.68 -1.54
N ARG Q 22 8.61 57.49 -2.51
CA ARG Q 22 10.04 57.67 -2.74
C ARG Q 22 10.71 58.39 -1.58
N ASP Q 23 11.86 57.89 -1.16
CA ASP Q 23 12.60 58.47 -0.05
C ASP Q 23 14.10 58.45 -0.31
N SER Q 24 14.76 59.59 -0.11
CA SER Q 24 16.20 59.69 -0.33
C SER Q 24 16.98 59.16 0.86
N GLU Q 25 18.20 58.69 0.60
CA GLU Q 25 19.05 58.14 1.64
C GLU Q 25 19.41 59.21 2.68
N ALA Q 26 19.31 58.85 3.96
CA ALA Q 26 19.61 59.78 5.03
C ALA Q 26 21.12 59.88 5.26
N LYS Q 27 21.70 61.00 4.85
CA LYS Q 27 23.14 61.23 5.00
C LYS Q 27 23.56 61.10 6.47
N ARG Q 28 24.71 60.47 6.69
CA ARG Q 28 25.23 60.29 8.05
C ARG Q 28 25.54 61.63 8.70
N LEU Q 29 24.71 62.01 9.67
CA LEU Q 29 24.91 63.28 10.38
C LEU Q 29 24.67 63.10 11.88
N GLY Q 30 25.63 63.53 12.68
CA GLY Q 30 25.53 63.42 14.13
C GLY Q 30 26.85 63.71 14.82
N ALA Q 31 26.93 63.32 16.09
CA ALA Q 31 28.14 63.54 16.87
C ALA Q 31 29.20 62.49 16.55
N LYS Q 32 30.46 62.91 16.56
CA LYS Q 32 31.57 62.02 16.26
C LYS Q 32 32.42 61.75 17.49
N ARG Q 33 32.49 62.74 18.39
CA ARG Q 33 33.27 62.61 19.61
C ARG Q 33 32.50 63.09 20.83
N ALA Q 34 32.98 62.72 22.01
CA ALA Q 34 32.34 63.11 23.27
C ALA Q 34 33.20 64.10 24.03
N ASP Q 35 32.89 64.27 25.32
CA ASP Q 35 33.64 65.19 26.17
C ASP Q 35 34.87 64.52 26.78
N GLY Q 36 35.96 65.26 26.87
CA GLY Q 36 37.19 64.74 27.44
C GLY Q 36 37.63 63.45 26.77
N GLN Q 37 37.81 63.50 25.46
CA GLN Q 37 38.22 62.33 24.70
C GLN Q 37 39.47 62.62 23.87
N PHE Q 38 40.53 61.87 24.12
CA PHE Q 38 41.79 62.04 23.40
C PHE Q 38 41.56 61.95 21.89
N VAL Q 39 41.45 63.11 21.25
CA VAL Q 39 41.22 63.17 19.81
C VAL Q 39 42.46 63.56 19.00
N THR Q 40 42.86 62.68 18.09
CA THR Q 40 43.93 62.96 17.15
C THR Q 40 43.50 64.06 16.16
N GLY Q 41 44.45 64.89 15.75
CA GLY Q 41 44.15 66.01 14.88
C GLY Q 41 43.62 65.64 13.52
N GLY Q 42 42.64 66.41 13.04
CA GLY Q 42 42.04 66.17 11.74
C GLY Q 42 40.97 65.09 11.78
N SER Q 43 40.57 64.70 12.99
CA SER Q 43 39.56 63.67 13.15
C SER Q 43 38.16 64.27 13.11
N ILE Q 44 37.22 63.53 12.52
CA ILE Q 44 35.84 63.99 12.41
C ILE Q 44 35.25 64.27 13.79
N LEU Q 45 34.63 65.44 13.94
CA LEU Q 45 34.03 65.83 15.20
C LEU Q 45 32.51 65.97 15.08
N TYR Q 46 32.07 67.14 14.61
CA TYR Q 46 30.65 67.40 14.45
C TYR Q 46 30.33 67.93 13.05
N ARG Q 47 29.61 67.14 12.27
CA ARG Q 47 29.24 67.52 10.92
C ARG Q 47 27.74 67.75 10.80
N GLN Q 48 27.36 68.95 10.39
CA GLN Q 48 25.95 69.31 10.23
C GLN Q 48 25.75 70.32 9.11
N ARG Q 49 24.54 70.35 8.55
CA ARG Q 49 24.22 71.28 7.48
C ARG Q 49 24.01 72.69 8.03
N GLY Q 50 24.51 73.68 7.29
CA GLY Q 50 24.38 75.07 7.70
C GLY Q 50 25.43 75.45 8.72
N THR Q 51 24.97 75.94 9.88
CA THR Q 51 25.87 76.36 10.94
C THR Q 51 25.15 76.46 12.28
N LYS Q 52 24.81 75.30 12.85
CA LYS Q 52 24.12 75.26 14.13
C LYS Q 52 25.11 75.37 15.29
N ILE Q 53 26.24 74.68 15.16
CA ILE Q 53 27.27 74.71 16.19
C ILE Q 53 28.50 75.46 15.69
N TYR Q 54 28.79 76.60 16.33
CA TYR Q 54 29.93 77.42 15.95
C TYR Q 54 31.24 76.77 16.38
N PRO Q 55 32.31 77.01 15.62
CA PRO Q 55 33.64 76.46 15.92
C PRO Q 55 34.26 77.12 17.14
N GLY Q 56 35.16 76.39 17.81
CA GLY Q 56 35.81 76.90 19.00
C GLY Q 56 37.33 76.95 18.84
N GLU Q 57 38.04 76.74 19.94
CA GLU Q 57 39.49 76.75 19.92
C GLU Q 57 40.04 75.58 19.12
N ASN Q 58 41.06 75.86 18.30
CA ASN Q 58 41.70 74.85 17.47
C ASN Q 58 40.69 74.02 16.66
N VAL Q 59 39.77 74.72 16.00
CA VAL Q 59 38.74 74.06 15.19
C VAL Q 59 38.51 74.80 13.88
N GLY Q 60 38.60 74.08 12.77
CA GLY Q 60 38.40 74.67 11.46
C GLY Q 60 37.09 74.25 10.83
N ARG Q 61 36.90 74.62 9.57
CA ARG Q 61 35.67 74.28 8.84
C ARG Q 61 36.00 73.64 7.49
N GLY Q 62 35.06 72.84 6.99
CA GLY Q 62 35.25 72.16 5.72
C GLY Q 62 34.25 72.62 4.67
N GLY Q 63 34.17 71.87 3.57
CA GLY Q 63 33.25 72.19 2.49
C GLY Q 63 31.80 72.05 2.92
N ASP Q 64 31.51 71.03 3.70
CA ASP Q 64 30.15 70.78 4.18
C ASP Q 64 29.97 71.27 5.61
N ASP Q 65 30.68 72.34 5.96
CA ASP Q 65 30.62 72.92 7.30
C ASP Q 65 30.80 71.88 8.40
N THR Q 66 31.83 71.05 8.27
CA THR Q 66 32.11 70.02 9.26
C THR Q 66 33.19 70.46 10.23
N LEU Q 67 32.95 70.22 11.53
CA LEU Q 67 33.91 70.59 12.56
C LEU Q 67 34.94 69.49 12.79
N PHE Q 68 36.21 69.88 12.84
CA PHE Q 68 37.29 68.93 13.05
C PHE Q 68 38.36 69.51 13.97
N ALA Q 69 39.47 68.80 14.11
CA ALA Q 69 40.57 69.23 14.97
C ALA Q 69 41.85 69.44 14.18
N LYS Q 70 42.74 70.29 14.70
CA LYS Q 70 44.00 70.58 14.04
C LYS Q 70 45.17 69.98 14.81
N ILE Q 71 45.13 70.11 16.13
CA ILE Q 71 46.19 69.57 16.99
C ILE Q 71 45.66 68.51 17.94
N ASP Q 72 46.48 67.52 18.23
CA ASP Q 72 46.09 66.43 19.13
C ASP Q 72 45.89 66.93 20.55
N GLY Q 73 44.80 66.50 21.17
CA GLY Q 73 44.48 66.91 22.53
C GLY Q 73 43.07 66.53 22.93
N THR Q 74 42.65 66.97 24.11
CA THR Q 74 41.32 66.68 24.62
C THR Q 74 40.28 67.60 24.00
N VAL Q 75 39.01 67.24 24.13
CA VAL Q 75 37.92 68.03 23.59
C VAL Q 75 36.95 68.46 24.69
N LYS Q 76 36.40 69.66 24.55
CA LYS Q 76 35.47 70.19 25.54
C LYS Q 76 34.22 70.78 24.87
N PHE Q 77 33.22 71.08 25.69
CA PHE Q 77 31.97 71.66 25.19
C PHE Q 77 31.61 72.94 25.94
N GLU Q 78 31.10 73.92 25.21
CA GLU Q 78 30.72 75.19 25.80
C GLU Q 78 29.73 75.95 24.90
N ARG Q 79 29.41 77.18 25.28
CA ARG Q 79 28.47 77.99 24.51
C ARG Q 79 29.02 79.40 24.30
N PHE Q 80 28.26 80.23 23.59
CA PHE Q 80 28.66 81.60 23.31
C PHE Q 80 27.75 82.59 24.02
N GLY Q 81 26.65 82.97 23.35
CA GLY Q 81 25.71 83.92 23.91
C GLY Q 81 24.65 83.25 24.77
N ARG Q 82 23.39 83.41 24.38
CA ARG Q 82 22.28 82.84 25.12
C ARG Q 82 21.78 81.55 24.47
N ASP Q 83 22.03 81.41 23.17
CA ASP Q 83 21.61 80.22 22.44
C ASP Q 83 22.56 79.92 21.28
N ARG Q 84 23.80 79.59 21.61
CA ARG Q 84 24.81 79.27 20.60
C ARG Q 84 25.96 78.50 21.21
N LYS Q 85 26.03 77.21 20.92
CA LYS Q 85 27.10 76.35 21.45
C LYS Q 85 28.30 76.31 20.51
N LYS Q 86 29.45 75.94 21.05
CA LYS Q 86 30.68 75.86 20.27
C LYS Q 86 31.61 74.80 20.85
N VAL Q 87 32.45 74.23 19.99
CA VAL Q 87 33.40 73.20 20.42
C VAL Q 87 34.83 73.72 20.43
N SER Q 88 35.67 73.11 21.26
CA SER Q 88 37.07 73.50 21.38
C SER Q 88 37.94 72.31 21.74
N VAL Q 89 39.22 72.38 21.38
CA VAL Q 89 40.16 71.31 21.66
C VAL Q 89 41.43 71.84 22.32
N TYR Q 90 41.59 71.54 23.61
CA TYR Q 90 42.77 71.98 24.35
C TYR Q 90 43.91 70.97 24.22
N PRO Q 91 45.15 71.48 24.11
CA PRO Q 91 46.33 70.62 23.97
C PRO Q 91 46.58 69.79 25.23
N VAL Q 92 47.02 68.55 25.04
CA VAL Q 92 47.29 67.67 26.17
C VAL Q 92 48.67 67.94 26.77
N ALA R 2 31.09 47.96 56.60
CA ALA R 2 30.99 46.65 57.22
C ALA R 2 30.86 45.56 56.16
N LYS R 3 29.88 44.67 56.32
CA LYS R 3 29.61 43.61 55.36
C LYS R 3 28.13 43.63 55.01
N LEU R 4 27.79 42.96 53.92
CA LEU R 4 26.43 42.91 53.43
C LEU R 4 26.15 41.53 52.84
N GLU R 5 25.04 40.92 53.23
CA GLU R 5 24.65 39.62 52.73
C GLU R 5 23.52 39.77 51.72
N ILE R 6 23.62 39.03 50.63
CA ILE R 6 22.77 39.20 49.46
C ILE R 6 22.27 37.83 49.04
N THR R 7 20.95 37.70 48.91
CA THR R 7 20.34 36.43 48.56
C THR R 7 19.31 36.63 47.46
N LEU R 8 19.29 35.71 46.50
CA LEU R 8 18.24 35.71 45.50
C LEU R 8 16.93 35.20 46.09
N LYS R 9 15.84 35.76 45.59
CA LYS R 9 14.51 35.29 45.95
C LYS R 9 13.65 34.96 44.74
N ARG R 10 13.93 35.55 43.58
CA ARG R 10 13.37 35.10 42.33
C ARG R 10 14.52 34.61 41.45
N SER R 11 14.18 34.18 40.25
CA SER R 11 15.18 33.79 39.29
C SER R 11 15.25 34.79 38.15
N VAL R 12 16.34 34.68 37.38
CA VAL R 12 16.59 35.62 36.31
C VAL R 12 15.88 35.26 35.03
N ILE R 13 15.21 34.11 34.99
CA ILE R 13 14.56 33.64 33.78
C ILE R 13 13.27 34.42 33.58
N GLY R 14 13.17 35.10 32.45
CA GLY R 14 12.03 35.94 32.16
C GLY R 14 12.25 37.39 32.46
N ARG R 15 13.24 37.71 33.26
CA ARG R 15 13.61 39.08 33.54
C ARG R 15 14.38 39.66 32.36
N PRO R 16 14.31 40.98 32.14
CA PRO R 16 15.06 41.59 31.03
C PRO R 16 16.57 41.52 31.15
N GLU R 17 17.26 42.11 30.18
CA GLU R 17 18.61 41.68 29.82
C GLU R 17 19.66 42.06 30.85
N ASP R 18 19.77 43.36 31.17
CA ASP R 18 20.85 43.83 32.02
C ASP R 18 20.67 43.40 33.47
N GLN R 19 19.42 43.19 33.90
CA GLN R 19 19.17 42.68 35.24
C GLN R 19 19.68 41.26 35.42
N ARG R 20 19.87 40.51 34.33
CA ARG R 20 20.65 39.29 34.41
C ARG R 20 22.12 39.58 34.62
N VAL R 21 22.61 40.68 34.05
CA VAL R 21 24.06 40.90 34.04
C VAL R 21 24.51 41.48 35.37
N THR R 22 23.69 42.33 35.99
CA THR R 22 24.07 42.93 37.26
C THR R 22 24.10 41.89 38.37
N VAL R 23 23.12 40.99 38.38
CA VAL R 23 23.13 39.92 39.39
C VAL R 23 24.14 38.84 39.07
N ARG R 24 24.70 38.83 37.86
CA ARG R 24 25.82 37.94 37.60
C ARG R 24 27.10 38.54 38.13
N THR R 25 27.26 39.86 38.01
CA THR R 25 28.46 40.51 38.51
C THR R 25 28.48 40.61 40.02
N LEU R 26 27.35 40.43 40.69
CA LEU R 26 27.35 40.35 42.14
C LEU R 26 27.97 39.05 42.62
N GLY R 27 27.99 38.01 41.79
CA GLY R 27 28.49 36.71 42.17
C GLY R 27 27.43 35.63 42.27
N LEU R 28 26.15 35.99 42.14
CA LEU R 28 25.06 35.04 42.23
C LEU R 28 24.83 34.38 40.89
N LYS R 29 24.73 33.05 40.88
CA LYS R 29 24.30 32.36 39.69
C LYS R 29 23.32 31.22 39.97
N LYS R 30 23.01 30.94 41.22
CA LYS R 30 21.94 30.01 41.58
C LYS R 30 21.01 30.71 42.55
N THR R 31 19.73 30.38 42.48
CA THR R 31 18.78 30.94 43.43
C THR R 31 19.06 30.41 44.83
N ASN R 32 18.78 31.26 45.82
CA ASN R 32 19.08 31.04 47.23
C ASN R 32 20.57 30.76 47.46
N GLN R 33 21.41 31.46 46.72
CA GLN R 33 22.82 31.53 47.06
C GLN R 33 23.04 32.73 47.98
N THR R 34 24.23 32.80 48.59
CA THR R 34 24.54 33.86 49.53
C THR R 34 25.96 34.31 49.30
N VAL R 35 26.18 35.62 49.21
CA VAL R 35 27.51 36.18 49.04
C VAL R 35 27.65 37.34 50.01
N VAL R 36 28.89 37.64 50.40
CA VAL R 36 29.21 38.71 51.33
C VAL R 36 30.04 39.76 50.61
N HIS R 37 29.64 41.02 50.75
CA HIS R 37 30.34 42.13 50.15
C HIS R 37 30.37 43.31 51.11
N GLU R 38 31.47 44.04 51.09
CA GLU R 38 31.55 45.25 51.90
C GLU R 38 30.70 46.35 51.28
N ASP R 39 30.24 47.27 52.12
CA ASP R 39 29.33 48.31 51.67
C ASP R 39 30.05 49.33 50.81
N ASN R 40 29.27 50.06 50.03
CA ASN R 40 29.75 50.85 48.92
C ASN R 40 28.58 51.69 48.41
N ALA R 41 28.90 52.70 47.62
CA ALA R 41 27.88 53.39 46.85
C ALA R 41 27.60 52.70 45.53
N ALA R 42 28.60 52.00 44.99
CA ALA R 42 28.41 51.29 43.72
C ALA R 42 27.58 50.03 43.92
N ILE R 43 27.87 49.27 44.97
CA ILE R 43 27.13 48.05 45.27
C ILE R 43 25.70 48.38 45.64
N ARG R 44 25.50 49.42 46.45
CA ARG R 44 24.16 49.86 46.83
C ARG R 44 23.36 50.34 45.63
N GLY R 45 24.05 50.91 44.64
CA GLY R 45 23.35 51.31 43.42
C GLY R 45 22.84 50.13 42.61
N MET R 46 23.52 48.99 42.69
CA MET R 46 23.06 47.78 42.01
C MET R 46 21.75 47.28 42.62
N ILE R 47 21.63 47.39 43.94
CA ILE R 47 20.48 46.83 44.64
C ILE R 47 19.22 47.62 44.35
N ASN R 48 19.35 48.92 44.09
CA ASN R 48 18.19 49.67 43.64
C ASN R 48 17.80 49.33 42.21
N LYS R 49 18.69 48.74 41.43
CA LYS R 49 18.29 48.24 40.12
C LYS R 49 17.54 46.92 40.24
N VAL R 50 18.03 46.00 41.06
CA VAL R 50 17.38 44.71 41.28
C VAL R 50 17.01 44.61 42.75
N SER R 51 15.84 45.12 43.09
CA SER R 51 15.35 45.10 44.46
C SER R 51 14.20 44.13 44.66
N HIS R 52 13.34 44.01 43.65
CA HIS R 52 12.31 42.99 43.66
C HIS R 52 12.89 41.60 43.49
N LEU R 53 14.05 41.48 42.85
CA LEU R 53 14.72 40.18 42.73
C LEU R 53 15.42 39.82 44.03
N VAL R 54 16.37 40.64 44.45
CA VAL R 54 17.27 40.34 45.56
C VAL R 54 16.74 41.04 46.80
N SER R 55 16.58 40.29 47.88
CA SER R 55 16.37 40.87 49.19
C SER R 55 17.70 40.95 49.92
N VAL R 56 17.93 42.07 50.60
CA VAL R 56 19.23 42.39 51.19
C VAL R 56 19.20 42.02 52.67
N LYS R 57 20.31 41.47 53.14
CA LYS R 57 20.46 41.08 54.54
C LYS R 57 21.65 41.83 55.12
N GLU R 58 21.40 42.81 55.96
CA GLU R 58 22.45 43.49 56.70
C GLU R 58 22.63 42.80 58.04
N GLN R 59 23.86 42.46 58.37
CA GLN R 59 24.16 41.79 59.63
C GLN R 59 23.94 42.71 60.83
N ALA S 2 -15.61 0.45 1.94
CA ALA S 2 -15.63 -0.92 1.47
C ALA S 2 -14.27 -1.54 1.64
N VAL S 3 -13.25 -0.72 1.48
CA VAL S 3 -11.88 -1.15 1.75
C VAL S 3 -11.74 -1.29 3.25
N PRO S 4 -10.99 -2.26 3.75
CA PRO S 4 -10.74 -2.34 5.19
C PRO S 4 -9.84 -1.21 5.63
N PHE S 5 -10.27 -0.51 6.69
CA PHE S 5 -9.50 0.60 7.23
C PHE S 5 -8.15 0.13 7.75
N ARG S 6 -8.11 -1.03 8.40
CA ARG S 6 -6.88 -1.47 9.03
C ARG S 6 -6.91 -2.98 9.18
N ARG S 7 -5.73 -3.60 9.08
CA ARG S 7 -5.53 -5.01 9.37
C ARG S 7 -6.00 -5.37 10.77
N THR S 8 -6.86 -6.38 10.86
CA THR S 8 -7.29 -6.91 12.14
C THR S 8 -6.16 -7.70 12.78
N SER S 9 -6.14 -7.72 14.10
CA SER S 9 -5.03 -8.33 14.83
C SER S 9 -5.30 -9.82 15.00
N LYS S 10 -4.50 -10.47 15.84
CA LYS S 10 -4.72 -11.88 16.13
C LYS S 10 -5.75 -12.09 17.21
N MET S 11 -5.92 -11.12 18.12
CA MET S 11 -6.90 -11.29 19.19
C MET S 11 -8.31 -11.21 18.64
N LYS S 12 -8.59 -10.19 17.82
CA LYS S 12 -9.92 -10.06 17.24
C LYS S 12 -10.16 -11.03 16.10
N LYS S 13 -9.16 -11.82 15.70
CA LYS S 13 -9.39 -12.81 14.67
C LYS S 13 -9.84 -14.13 15.28
N ARG S 14 -9.20 -14.56 16.35
CA ARG S 14 -9.56 -15.82 16.98
C ARG S 14 -10.89 -15.76 17.71
N LEU S 15 -11.40 -14.57 18.00
CA LEU S 15 -12.71 -14.45 18.61
C LEU S 15 -13.84 -14.55 17.60
N ARG S 16 -13.54 -14.68 16.32
CA ARG S 16 -14.57 -14.94 15.32
C ARG S 16 -14.60 -16.39 14.89
N ARG S 17 -13.88 -17.26 15.59
CA ARG S 17 -13.89 -18.68 15.31
C ARG S 17 -14.53 -19.49 16.43
N THR S 18 -15.18 -18.84 17.38
CA THR S 18 -15.89 -19.58 18.41
C THR S 18 -17.15 -20.21 17.84
N HIS S 19 -17.83 -19.50 16.97
CA HIS S 19 -19.05 -19.99 16.33
C HIS S 19 -18.78 -20.46 14.91
N PHE S 20 -17.61 -21.04 14.66
CA PHE S 20 -17.30 -21.65 13.39
C PHE S 20 -17.12 -23.15 13.47
N LYS S 21 -16.87 -23.69 14.65
CA LYS S 21 -16.75 -25.13 14.82
C LYS S 21 -18.10 -25.81 14.58
N LEU S 22 -18.04 -27.10 14.28
CA LEU S 22 -19.23 -27.89 14.03
C LEU S 22 -19.40 -28.92 15.14
N ASN S 23 -20.60 -29.50 15.19
CA ASN S 23 -21.07 -30.25 16.33
C ASN S 23 -21.07 -31.74 16.07
N VAL S 24 -20.99 -32.51 17.15
CA VAL S 24 -21.00 -33.97 17.08
C VAL S 24 -22.37 -34.45 16.63
N PRO S 25 -22.47 -35.25 15.58
CA PRO S 25 -23.78 -35.74 15.15
C PRO S 25 -24.31 -36.80 16.10
N GLY S 26 -25.62 -37.01 16.04
CA GLY S 26 -26.27 -37.96 16.93
C GLY S 26 -25.90 -39.37 16.57
N MET S 27 -25.33 -40.10 17.52
CA MET S 27 -24.94 -41.49 17.29
C MET S 27 -25.64 -42.44 18.25
N THR S 28 -26.42 -43.35 17.70
CA THR S 28 -27.16 -44.32 18.50
C THR S 28 -26.65 -45.74 18.27
N GLU S 29 -26.78 -46.58 19.29
CA GLU S 29 -26.33 -47.97 19.20
C GLU S 29 -27.42 -48.86 18.60
N CYS S 30 -27.00 -49.82 17.78
CA CYS S 30 -27.94 -50.74 17.15
C CYS S 30 -28.36 -51.84 18.11
N PRO S 31 -29.65 -52.18 18.12
CA PRO S 31 -30.21 -53.22 19.00
C PRO S 31 -29.80 -54.62 18.54
N SER S 32 -29.61 -54.79 17.24
CA SER S 32 -29.21 -56.09 16.70
C SER S 32 -27.70 -56.29 16.77
N CYS S 33 -27.01 -55.97 15.68
CA CYS S 33 -25.55 -56.12 15.63
C CYS S 33 -24.88 -54.78 15.36
N GLY S 34 -23.91 -54.79 14.44
CA GLY S 34 -23.20 -53.58 14.08
C GLY S 34 -22.62 -52.86 15.29
N GLU S 35 -22.76 -51.54 15.32
CA GLU S 35 -22.25 -50.74 16.42
C GLU S 35 -23.07 -49.46 16.59
N MET S 36 -22.61 -48.38 15.97
CA MET S 36 -23.30 -47.09 16.06
C MET S 36 -23.61 -46.54 14.67
N LYS S 37 -24.66 -45.73 14.59
CA LYS S 37 -25.08 -45.13 13.33
C LYS S 37 -25.96 -43.92 13.56
N LEU S 38 -25.99 -43.01 12.59
CA LEU S 38 -26.79 -41.80 12.69
C LEU S 38 -28.25 -42.15 12.99
N SER S 39 -28.82 -41.50 13.99
CA SER S 39 -30.21 -41.74 14.37
C SER S 39 -31.18 -41.51 13.23
N HIS S 40 -32.28 -42.27 13.27
CA HIS S 40 -33.38 -42.23 12.31
C HIS S 40 -32.94 -42.48 10.87
N ARG S 41 -31.94 -43.33 10.69
CA ARG S 41 -31.40 -43.60 9.37
C ARG S 41 -31.01 -45.07 9.28
N VAL S 42 -30.59 -45.47 8.09
CA VAL S 42 -30.22 -46.86 7.83
C VAL S 42 -28.74 -47.03 8.11
N CYS S 43 -28.40 -48.01 8.96
CA CYS S 43 -27.00 -48.29 9.22
C CYS S 43 -26.35 -48.87 7.97
N LYS S 44 -25.12 -48.44 7.71
CA LYS S 44 -24.51 -48.70 6.40
C LYS S 44 -23.99 -50.13 6.30
N ALA S 45 -23.23 -50.57 7.30
CA ALA S 45 -22.55 -51.86 7.19
C ALA S 45 -23.51 -53.04 7.32
N CYS S 46 -24.72 -52.82 7.82
CA CYS S 46 -25.69 -53.90 7.97
C CYS S 46 -26.88 -53.76 7.05
N GLY S 47 -27.25 -52.52 6.72
CA GLY S 47 -28.38 -52.26 5.85
C GLY S 47 -29.67 -52.87 6.37
N SER S 48 -29.98 -52.60 7.64
CA SER S 48 -31.18 -53.13 8.25
C SER S 48 -31.86 -52.08 9.13
N TYR S 49 -33.09 -51.73 8.79
CA TYR S 49 -33.85 -50.73 9.53
C TYR S 49 -34.68 -51.41 10.63
N ASN S 50 -34.52 -50.91 11.86
CA ASN S 50 -35.24 -51.45 13.01
C ASN S 50 -35.17 -52.97 13.12
N GLY S 51 -36.11 -53.65 12.48
CA GLY S 51 -36.23 -55.10 12.61
C GLY S 51 -35.66 -55.86 11.43
N LYS S 52 -36.22 -55.64 10.25
CA LYS S 52 -35.76 -56.31 9.04
C LYS S 52 -34.63 -55.56 8.36
N ASP S 53 -34.30 -55.96 7.13
CA ASP S 53 -33.24 -55.33 6.37
C ASP S 53 -33.75 -54.90 4.99
N ILE S 54 -33.34 -53.71 4.56
CA ILE S 54 -33.76 -53.19 3.26
C ILE S 54 -32.67 -53.39 2.21
N ASN S 55 -32.79 -54.46 1.43
CA ASN S 55 -31.81 -54.76 0.39
C ASN S 55 -32.46 -55.45 -0.80
N MET T 1 45.05 -54.52 -39.30
CA MET T 1 44.35 -54.96 -40.49
C MET T 1 44.63 -54.00 -41.64
N LYS T 2 45.51 -53.02 -41.40
CA LYS T 2 45.80 -52.04 -42.43
C LYS T 2 46.61 -52.65 -43.56
N ALA T 3 47.61 -53.45 -43.23
CA ALA T 3 48.47 -54.06 -44.24
C ALA T 3 47.72 -55.08 -45.08
N ASN T 4 46.63 -55.64 -44.54
CA ASN T 4 45.84 -56.60 -45.28
C ASN T 4 44.95 -55.97 -46.34
N GLU T 5 44.91 -54.65 -46.42
CA GLU T 5 44.08 -53.98 -47.41
C GLU T 5 44.88 -53.06 -48.33
N ILE T 6 46.20 -53.02 -48.22
CA ILE T 6 46.99 -52.35 -49.25
C ILE T 6 47.40 -53.33 -50.33
N ARG T 7 47.65 -54.57 -49.95
CA ARG T 7 48.33 -55.52 -50.83
C ARG T 7 47.39 -56.26 -51.74
N ASP T 8 46.19 -55.75 -51.91
CA ASP T 8 45.20 -56.38 -52.79
C ASP T 8 44.88 -55.48 -53.97
N LEU T 9 44.56 -56.08 -55.11
CA LEU T 9 44.24 -55.32 -56.32
C LEU T 9 43.15 -54.29 -56.05
N THR T 10 43.35 -53.08 -56.56
CA THR T 10 42.39 -51.99 -56.39
C THR T 10 40.97 -52.39 -56.80
N THR T 11 40.85 -53.01 -57.97
CA THR T 11 39.56 -53.45 -58.48
C THR T 11 39.10 -54.74 -57.81
N ALA T 12 40.04 -55.47 -57.24
CA ALA T 12 39.72 -56.73 -56.57
C ALA T 12 39.50 -56.54 -55.07
N GLU T 13 39.50 -55.28 -54.63
CA GLU T 13 39.30 -54.96 -53.23
C GLU T 13 38.15 -53.96 -53.04
N ILE T 14 37.66 -53.45 -54.16
CA ILE T 14 36.56 -52.48 -54.12
C ILE T 14 35.25 -53.10 -54.61
N GLU T 15 35.37 -54.09 -55.49
CA GLU T 15 34.20 -54.77 -56.03
C GLU T 15 33.95 -56.08 -55.30
N GLN T 16 34.83 -56.41 -54.36
CA GLN T 16 34.70 -57.65 -53.59
C GLN T 16 34.40 -57.36 -52.12
N LYS T 17 35.44 -57.02 -51.37
CA LYS T 17 35.30 -56.73 -49.95
C LYS T 17 34.24 -55.66 -49.70
N VAL T 18 34.47 -54.47 -50.26
CA VAL T 18 33.55 -53.36 -50.10
C VAL T 18 32.12 -53.72 -50.49
N LYS T 19 31.97 -54.34 -51.65
CA LYS T 19 30.65 -54.74 -52.15
C LYS T 19 29.96 -55.74 -51.23
N SER T 20 30.73 -56.73 -50.74
CA SER T 20 30.18 -57.75 -49.87
C SER T 20 29.93 -57.21 -48.46
N LEU T 21 30.71 -56.23 -48.04
CA LEU T 21 30.56 -55.63 -46.71
C LEU T 21 29.28 -54.82 -46.58
N LYS T 22 28.87 -54.18 -47.67
CA LYS T 22 27.66 -53.35 -47.66
C LYS T 22 26.41 -54.21 -47.61
N GLU T 23 26.43 -55.38 -48.24
CA GLU T 23 25.27 -56.26 -48.15
C GLU T 23 25.22 -56.98 -46.81
N GLU T 24 26.38 -57.29 -46.24
CA GLU T 24 26.40 -57.98 -44.95
C GLU T 24 25.96 -57.04 -43.85
N LEU T 25 26.35 -55.77 -43.96
CA LEU T 25 25.78 -54.74 -43.09
C LEU T 25 24.31 -54.49 -43.40
N PHE T 26 23.86 -54.76 -44.62
CA PHE T 26 22.45 -54.67 -44.92
C PHE T 26 21.68 -55.85 -44.34
N ASN T 27 22.33 -57.01 -44.24
CA ASN T 27 21.67 -58.15 -43.62
C ASN T 27 21.57 -57.98 -42.11
N LEU T 28 22.62 -57.45 -41.50
CA LEU T 28 22.63 -57.29 -40.05
C LEU T 28 21.67 -56.21 -39.57
N ARG T 29 21.28 -55.29 -40.44
CA ARG T 29 20.25 -54.31 -40.10
C ARG T 29 18.86 -54.84 -40.36
N PHE T 30 18.71 -56.12 -40.65
CA PHE T 30 17.41 -56.75 -40.75
C PHE T 30 17.16 -57.77 -39.66
N GLN T 31 18.20 -58.45 -39.19
CA GLN T 31 18.05 -59.28 -38.00
C GLN T 31 17.97 -58.42 -36.75
N LEU T 32 18.37 -57.16 -36.83
CA LEU T 32 18.31 -56.25 -35.70
C LEU T 32 16.94 -55.59 -35.56
N ALA T 33 16.38 -55.09 -36.66
CA ALA T 33 15.13 -54.37 -36.60
C ALA T 33 13.94 -55.27 -36.33
N THR T 34 14.07 -56.56 -36.60
CA THR T 34 13.06 -57.52 -36.20
C THR T 34 13.32 -58.06 -34.80
N GLY T 35 14.58 -58.10 -34.38
CA GLY T 35 14.94 -58.63 -33.09
C GLY T 35 15.24 -60.11 -33.09
N GLN T 36 15.69 -60.64 -34.22
CA GLN T 36 15.97 -62.08 -34.33
C GLN T 36 17.37 -62.41 -33.82
N LEU T 37 18.39 -61.84 -34.45
CA LEU T 37 19.78 -62.11 -34.10
C LEU T 37 20.35 -60.81 -33.58
N GLU T 38 20.52 -60.72 -32.27
CA GLU T 38 21.05 -59.50 -31.67
C GLU T 38 22.50 -59.25 -32.06
N ASN T 39 23.43 -59.98 -31.42
CA ASN T 39 24.89 -59.93 -31.57
C ASN T 39 25.47 -58.56 -31.89
N THR T 40 25.03 -57.52 -31.18
CA THR T 40 25.14 -56.15 -31.67
C THR T 40 26.52 -55.54 -31.51
N ALA T 41 27.56 -56.32 -31.24
CA ALA T 41 28.90 -55.77 -31.29
C ALA T 41 29.46 -55.76 -32.69
N ARG T 42 28.72 -56.25 -33.67
CA ARG T 42 29.27 -56.43 -35.00
C ARG T 42 28.99 -55.26 -35.92
N ILE T 43 27.92 -54.50 -35.66
CA ILE T 43 27.57 -53.38 -36.53
C ILE T 43 28.62 -52.27 -36.43
N ARG T 44 29.13 -52.03 -35.23
CA ARG T 44 30.27 -51.14 -35.10
C ARG T 44 31.57 -51.79 -35.50
N GLU T 45 31.60 -53.10 -35.71
CA GLU T 45 32.80 -53.73 -36.23
C GLU T 45 32.84 -53.67 -37.75
N VAL T 46 31.69 -53.83 -38.40
CA VAL T 46 31.65 -53.84 -39.85
C VAL T 46 31.73 -52.43 -40.40
N ARG T 47 30.99 -51.49 -39.79
CA ARG T 47 30.96 -50.11 -40.28
C ARG T 47 32.27 -49.38 -40.07
N LYS T 48 33.16 -49.90 -39.23
CA LYS T 48 34.53 -49.41 -39.16
C LYS T 48 35.47 -50.21 -40.02
N ALA T 49 34.95 -51.16 -40.80
CA ALA T 49 35.77 -51.86 -41.78
C ALA T 49 35.47 -51.41 -43.20
N ILE T 50 34.30 -50.82 -43.45
CA ILE T 50 34.07 -50.14 -44.72
C ILE T 50 34.95 -48.91 -44.82
N ALA T 51 35.09 -48.18 -43.72
CA ALA T 51 35.82 -46.92 -43.75
C ALA T 51 37.31 -47.14 -43.92
N ARG T 52 37.87 -48.18 -43.33
CA ARG T 52 39.30 -48.41 -43.48
C ARG T 52 39.66 -48.96 -44.85
N MET T 53 38.69 -49.43 -45.61
CA MET T 53 38.95 -49.79 -47.00
C MET T 53 38.67 -48.63 -47.94
N LYS T 54 37.62 -47.85 -47.67
CA LYS T 54 37.31 -46.69 -48.49
C LYS T 54 38.13 -45.47 -48.10
N THR T 55 39.18 -45.64 -47.31
CA THR T 55 40.20 -44.63 -47.13
C THR T 55 41.53 -45.04 -47.71
N VAL T 56 41.65 -46.28 -48.17
CA VAL T 56 42.81 -46.72 -48.91
C VAL T 56 42.66 -46.40 -50.40
N ILE T 57 41.42 -46.54 -50.88
CA ILE T 57 41.10 -46.29 -52.28
C ILE T 57 41.28 -44.81 -52.61
N ARG T 58 40.69 -43.94 -51.78
CA ARG T 58 40.82 -42.50 -51.97
C ARG T 58 42.25 -42.04 -51.72
N GLU T 59 43.00 -42.78 -50.91
CA GLU T 59 44.42 -42.50 -50.75
C GLU T 59 45.19 -42.79 -52.03
N ARG T 60 44.80 -43.83 -52.76
CA ARG T 60 45.55 -44.24 -53.94
C ARG T 60 45.32 -43.31 -55.12
N GLU T 61 44.21 -42.57 -55.14
CA GLU T 61 44.02 -41.60 -56.20
C GLU T 61 44.95 -40.41 -56.04
N ILE T 62 45.18 -39.99 -54.79
CA ILE T 62 46.14 -38.92 -54.54
C ILE T 62 47.56 -39.46 -54.64
N ALA T 63 47.74 -40.78 -54.51
CA ALA T 63 49.02 -41.38 -54.89
C ALA T 63 49.23 -41.30 -56.39
N ALA T 64 48.16 -41.31 -57.18
CA ALA T 64 48.25 -41.12 -58.62
C ALA T 64 48.20 -39.65 -59.01
N ASN T 65 48.12 -38.73 -58.06
CA ASN T 65 48.10 -37.32 -58.36
C ASN T 65 49.48 -36.82 -58.73
N MET U 1 -11.81 -8.05 -30.09
CA MET U 1 -12.33 -8.43 -31.39
C MET U 1 -11.19 -8.83 -32.32
N LYS U 2 -11.03 -8.09 -33.40
CA LYS U 2 -9.91 -8.32 -34.32
C LYS U 2 -8.64 -7.81 -33.66
N ARG U 3 -7.86 -8.72 -33.08
CA ARG U 3 -6.63 -8.34 -32.43
C ARG U 3 -5.56 -8.03 -33.47
N THR U 4 -4.37 -7.69 -32.98
CA THR U 4 -3.31 -7.23 -33.87
C THR U 4 -2.57 -8.35 -34.57
N PHE U 5 -2.99 -9.60 -34.40
CA PHE U 5 -2.23 -10.75 -34.90
C PHE U 5 -3.19 -11.78 -35.47
N GLN U 6 -3.48 -11.67 -36.76
CA GLN U 6 -4.12 -12.76 -37.48
C GLN U 6 -3.06 -13.38 -38.38
N PRO U 7 -2.38 -14.43 -37.93
CA PRO U 7 -1.06 -14.75 -38.47
C PRO U 7 -1.10 -15.31 -39.88
N ASN U 8 0.06 -15.29 -40.52
CA ASN U 8 0.21 -15.73 -41.90
C ASN U 8 1.67 -16.13 -42.08
N ASN U 9 1.92 -17.42 -42.30
CA ASN U 9 3.28 -17.92 -42.30
C ASN U 9 4.05 -17.59 -43.58
N ARG U 10 3.42 -16.95 -44.56
CA ARG U 10 4.11 -16.45 -45.73
C ARG U 10 4.31 -14.95 -45.70
N LYS U 11 3.28 -14.21 -45.28
CA LYS U 11 3.41 -12.77 -45.09
C LYS U 11 4.37 -12.41 -43.99
N ARG U 12 4.60 -13.31 -43.04
CA ARG U 12 5.58 -13.06 -41.99
C ARG U 12 7.00 -13.15 -42.53
N SER U 13 7.33 -14.28 -43.14
CA SER U 13 8.71 -14.50 -43.57
C SER U 13 9.07 -13.76 -44.83
N LYS U 14 8.16 -13.03 -45.45
CA LYS U 14 8.51 -12.15 -46.55
C LYS U 14 8.87 -10.75 -46.07
N VAL U 15 8.76 -10.50 -44.78
CA VAL U 15 9.18 -9.24 -44.18
C VAL U 15 10.36 -9.44 -43.24
N HIS U 16 10.31 -10.49 -42.42
CA HIS U 16 11.34 -10.75 -41.42
C HIS U 16 12.16 -11.97 -41.75
N GLY U 17 12.23 -12.35 -43.03
CA GLY U 17 12.94 -13.55 -43.38
C GLY U 17 14.43 -13.36 -43.37
N PHE U 18 15.16 -14.47 -43.37
CA PHE U 18 16.61 -14.40 -43.48
C PHE U 18 17.03 -13.88 -44.83
N ARG U 19 16.26 -14.19 -45.86
CA ARG U 19 16.61 -13.71 -47.19
C ARG U 19 16.21 -12.26 -47.38
N SER U 20 15.15 -11.81 -46.73
CA SER U 20 14.81 -10.39 -46.77
C SER U 20 15.76 -9.54 -45.94
N ARG U 21 16.42 -10.12 -44.93
CA ARG U 21 17.36 -9.35 -44.15
C ARG U 21 18.74 -9.31 -44.80
N MET U 22 19.01 -10.12 -45.79
CA MET U 22 20.28 -10.04 -46.49
C MET U 22 20.24 -9.11 -47.68
N SER U 23 19.10 -8.49 -47.95
CA SER U 23 18.92 -7.72 -49.17
C SER U 23 19.20 -6.23 -48.99
N SER U 24 19.99 -5.85 -48.00
CA SER U 24 20.30 -4.44 -47.78
C SER U 24 21.59 -4.32 -46.99
N LYS U 25 22.08 -3.09 -46.87
CA LYS U 25 23.15 -2.80 -45.94
C LYS U 25 22.65 -2.81 -44.52
N ASN U 26 21.46 -2.27 -44.29
CA ASN U 26 20.92 -2.14 -42.95
C ASN U 26 20.52 -3.48 -42.37
N GLY U 27 20.15 -4.42 -43.22
CA GLY U 27 19.72 -5.72 -42.74
C GLY U 27 20.88 -6.56 -42.22
N ARG U 28 22.04 -6.47 -42.86
CA ARG U 28 23.16 -7.27 -42.42
C ARG U 28 23.74 -6.81 -41.10
N LEU U 29 23.45 -5.59 -40.66
CA LEU U 29 23.86 -5.18 -39.33
C LEU U 29 23.03 -5.87 -38.27
N VAL U 30 21.76 -6.13 -38.57
CA VAL U 30 20.89 -6.83 -37.63
C VAL U 30 21.37 -8.26 -37.43
N LEU U 31 21.70 -8.94 -38.52
CA LEU U 31 22.24 -10.29 -38.42
C LEU U 31 23.65 -10.30 -37.87
N ALA U 32 24.36 -9.17 -37.93
CA ALA U 32 25.64 -9.11 -37.26
C ALA U 32 25.46 -8.89 -35.77
N ARG U 33 24.41 -8.17 -35.37
CA ARG U 33 24.19 -7.93 -33.96
C ARG U 33 23.65 -9.15 -33.24
N ARG U 34 22.76 -9.90 -33.86
CA ARG U 34 22.21 -11.08 -33.21
C ARG U 34 23.23 -12.20 -33.14
N ARG U 35 24.12 -12.29 -34.12
CA ARG U 35 25.20 -13.27 -34.05
C ARG U 35 26.17 -12.90 -32.96
N ARG U 36 26.36 -11.61 -32.71
CA ARG U 36 27.29 -11.17 -31.69
C ARG U 36 26.76 -11.37 -30.29
N LYS U 37 25.49 -11.06 -30.05
CA LYS U 37 24.90 -11.31 -28.75
C LYS U 37 24.74 -12.80 -28.48
N GLY U 38 24.47 -13.60 -29.51
CA GLY U 38 24.41 -15.02 -29.38
C GLY U 38 23.02 -15.62 -29.35
N ARG U 39 22.06 -15.02 -30.05
CA ARG U 39 20.72 -15.59 -30.12
C ARG U 39 20.75 -16.92 -30.83
N LYS U 40 20.03 -17.90 -30.27
CA LYS U 40 20.00 -19.22 -30.88
C LYS U 40 19.16 -19.20 -32.14
N VAL U 41 17.89 -18.79 -32.03
CA VAL U 41 17.10 -18.53 -33.23
C VAL U 41 17.59 -17.20 -33.79
N LEU U 42 17.94 -17.20 -35.07
CA LEU U 42 18.34 -15.95 -35.71
C LEU U 42 17.09 -15.28 -36.25
N SER U 43 17.28 -14.24 -37.06
CA SER U 43 16.15 -13.46 -37.56
C SER U 43 15.33 -14.28 -38.56
N ALA U 44 14.19 -14.77 -38.11
CA ALA U 44 13.32 -15.56 -38.95
C ALA U 44 11.89 -15.38 -38.49
#